data_1PDO
# 
_entry.id   1PDO 
# 
_audit_conform.dict_name       mmcif_pdbx.dic 
_audit_conform.dict_version    5.386 
_audit_conform.dict_location   http://mmcif.pdb.org/dictionaries/ascii/mmcif_pdbx.dic 
# 
loop_
_database_2.database_id 
_database_2.database_code 
_database_2.pdbx_database_accession 
_database_2.pdbx_DOI 
PDB   1PDO         pdb_00001pdo 10.2210/pdb1pdo/pdb 
WWPDB D_1000175617 ?            ?                   
# 
loop_
_pdbx_audit_revision_history.ordinal 
_pdbx_audit_revision_history.data_content_type 
_pdbx_audit_revision_history.major_revision 
_pdbx_audit_revision_history.minor_revision 
_pdbx_audit_revision_history.revision_date 
1 'Structure model' 1 0 1996-08-01 
2 'Structure model' 1 1 2008-03-24 
3 'Structure model' 1 2 2011-07-13 
4 'Structure model' 1 3 2020-10-21 
5 'Structure model' 1 4 2024-02-14 
# 
_pdbx_audit_revision_details.ordinal             1 
_pdbx_audit_revision_details.revision_ordinal    1 
_pdbx_audit_revision_details.data_content_type   'Structure model' 
_pdbx_audit_revision_details.provider            repository 
_pdbx_audit_revision_details.type                'Initial release' 
_pdbx_audit_revision_details.description         ? 
_pdbx_audit_revision_details.details             ? 
# 
loop_
_pdbx_audit_revision_group.ordinal 
_pdbx_audit_revision_group.revision_ordinal 
_pdbx_audit_revision_group.data_content_type 
_pdbx_audit_revision_group.group 
1 2 'Structure model' 'Version format compliance' 
2 3 'Structure model' 'Derived calculations'      
3 3 'Structure model' 'Version format compliance' 
4 4 'Structure model' Advisory                    
5 4 'Structure model' 'Data collection'           
6 4 'Structure model' Other                       
7 5 'Structure model' Advisory                    
8 5 'Structure model' 'Data collection'           
9 5 'Structure model' 'Database references'       
# 
loop_
_pdbx_audit_revision_category.ordinal 
_pdbx_audit_revision_category.revision_ordinal 
_pdbx_audit_revision_category.data_content_type 
_pdbx_audit_revision_category.category 
1 4 'Structure model' pdbx_database_status         
2 4 'Structure model' pdbx_unobs_or_zero_occ_atoms 
3 4 'Structure model' reflns_shell                 
4 5 'Structure model' chem_comp_atom               
5 5 'Structure model' chem_comp_bond               
6 5 'Structure model' database_2                   
7 5 'Structure model' pdbx_unobs_or_zero_occ_atoms 
# 
loop_
_pdbx_audit_revision_item.ordinal 
_pdbx_audit_revision_item.revision_ordinal 
_pdbx_audit_revision_item.data_content_type 
_pdbx_audit_revision_item.item 
1 4 'Structure model' '_pdbx_database_status.process_site'  
2 4 'Structure model' '_reflns_shell.Rmerge_I_obs'          
3 5 'Structure model' '_database_2.pdbx_DOI'                
4 5 'Structure model' '_database_2.pdbx_database_accession' 
# 
_pdbx_database_status.status_code                     REL 
_pdbx_database_status.entry_id                        1PDO 
_pdbx_database_status.recvd_initial_deposition_date   1996-03-08 
_pdbx_database_status.deposit_site                    ? 
_pdbx_database_status.process_site                    BNL 
_pdbx_database_status.status_code_sf                  REL 
_pdbx_database_status.status_code_mr                  ? 
_pdbx_database_status.SG_entry                        ? 
_pdbx_database_status.pdb_format_compatible           Y 
_pdbx_database_status.status_code_cs                  ? 
_pdbx_database_status.status_code_nmr_data            ? 
_pdbx_database_status.methods_development_category    ? 
# 
loop_
_audit_author.name 
_audit_author.pdbx_ordinal 
'Nunn, R.S.'   1 
'Erni, B.'     2 
'Schirmer, T.' 3 
# 
loop_
_citation.id 
_citation.title 
_citation.journal_abbrev 
_citation.journal_volume 
_citation.page_first 
_citation.page_last 
_citation.year 
_citation.journal_id_ASTM 
_citation.country 
_citation.journal_id_ISSN 
_citation.journal_id_CSD 
_citation.book_publisher 
_citation.pdbx_database_id_PubMed 
_citation.pdbx_database_id_DOI 
primary 'Structure of the IIA domain of the mannose transporter from Escherichia coli at 1.7 angstroms resolution.' J.Mol.Biol.  
259 502  511 1996 JMOBAK UK 0022-2836 0070 ? 8676384 10.1006/jmbi.1996.0335 
1       
;The Mannose Permease of Escherichia Coli Consists of Three Different Proteins. Amino Acid Sequence and Function in Sugar Transport, Sugar Phosphorylation, and Penetration of Phage Lambda DNA
;
J.Biol.Chem. 262 5238 ?   1987 JBCHA3 US 0021-9258 0071 ? ?       ?                      
# 
loop_
_citation_author.citation_id 
_citation_author.name 
_citation_author.ordinal 
_citation_author.identifier_ORCID 
primary 'Nunn, R.S.'              1  ? 
primary 'Markovic-Housley, Z.'    2  ? 
primary 'Genovesio-Taverne, J.C.' 3  ? 
primary 'Flukiger, K.'            4  ? 
primary 'Rizkallah, P.J.'         5  ? 
primary 'Jansonius, J.N.'         6  ? 
primary 'Schirmer, T.'            7  ? 
primary 'Erni, B.'                8  ? 
1       'Erni, B.'                9  ? 
1       'Zanolari, B.'            10 ? 
1       'Kocher, H.P.'            11 ? 
# 
loop_
_entity.id 
_entity.type 
_entity.src_method 
_entity.pdbx_description 
_entity.formula_weight 
_entity.pdbx_number_of_molecules 
_entity.pdbx_ec 
_entity.pdbx_mutation 
_entity.pdbx_fragment 
_entity.details 
1 polymer man 'MANNOSE PERMEASE' 14624.625 1  2.7.1.69 ? 
'IIA ==MAN== DOMAIN, RESIDUES 2 - 133, OF THE IIAB ==MAN== SUBUNIT PLUS PHE-ALA-GLY AT THE CARBOXY TERMINUS' ? 
2 water   nat water              18.015    70 ?        ? ? ? 
# 
_entity_name_com.entity_id   1 
_entity_name_com.name        'MANNOSE TRANSPORTER, IIAB SUBUNIT' 
# 
_entity_poly.entity_id                      1 
_entity_poly.type                           'polypeptide(L)' 
_entity_poly.nstd_linkage                   no 
_entity_poly.nstd_monomer                   no 
_entity_poly.pdbx_seq_one_letter_code       
;TIAIVIGTHGWAAEQLLKTAEMLLGEQENVGWIDFVPGENAETLIEKYNAQLAKLDTTKGVLFLVDTWGGSPFNAASRIV
VDKEHYEVIAGVNIPMLVETLMARDDDPSFDELVALAVETGREGVKALKAKPFAG
;
_entity_poly.pdbx_seq_one_letter_code_can   
;TIAIVIGTHGWAAEQLLKTAEMLLGEQENVGWIDFVPGENAETLIEKYNAQLAKLDTTKGVLFLVDTWGGSPFNAASRIV
VDKEHYEVIAGVNIPMLVETLMARDDDPSFDELVALAVETGREGVKALKAKPFAG
;
_entity_poly.pdbx_strand_id                 A 
_entity_poly.pdbx_target_identifier         ? 
# 
_pdbx_entity_nonpoly.entity_id   2 
_pdbx_entity_nonpoly.name        water 
_pdbx_entity_nonpoly.comp_id     HOH 
# 
loop_
_entity_poly_seq.entity_id 
_entity_poly_seq.num 
_entity_poly_seq.mon_id 
_entity_poly_seq.hetero 
1 1   THR n 
1 2   ILE n 
1 3   ALA n 
1 4   ILE n 
1 5   VAL n 
1 6   ILE n 
1 7   GLY n 
1 8   THR n 
1 9   HIS n 
1 10  GLY n 
1 11  TRP n 
1 12  ALA n 
1 13  ALA n 
1 14  GLU n 
1 15  GLN n 
1 16  LEU n 
1 17  LEU n 
1 18  LYS n 
1 19  THR n 
1 20  ALA n 
1 21  GLU n 
1 22  MET n 
1 23  LEU n 
1 24  LEU n 
1 25  GLY n 
1 26  GLU n 
1 27  GLN n 
1 28  GLU n 
1 29  ASN n 
1 30  VAL n 
1 31  GLY n 
1 32  TRP n 
1 33  ILE n 
1 34  ASP n 
1 35  PHE n 
1 36  VAL n 
1 37  PRO n 
1 38  GLY n 
1 39  GLU n 
1 40  ASN n 
1 41  ALA n 
1 42  GLU n 
1 43  THR n 
1 44  LEU n 
1 45  ILE n 
1 46  GLU n 
1 47  LYS n 
1 48  TYR n 
1 49  ASN n 
1 50  ALA n 
1 51  GLN n 
1 52  LEU n 
1 53  ALA n 
1 54  LYS n 
1 55  LEU n 
1 56  ASP n 
1 57  THR n 
1 58  THR n 
1 59  LYS n 
1 60  GLY n 
1 61  VAL n 
1 62  LEU n 
1 63  PHE n 
1 64  LEU n 
1 65  VAL n 
1 66  ASP n 
1 67  THR n 
1 68  TRP n 
1 69  GLY n 
1 70  GLY n 
1 71  SER n 
1 72  PRO n 
1 73  PHE n 
1 74  ASN n 
1 75  ALA n 
1 76  ALA n 
1 77  SER n 
1 78  ARG n 
1 79  ILE n 
1 80  VAL n 
1 81  VAL n 
1 82  ASP n 
1 83  LYS n 
1 84  GLU n 
1 85  HIS n 
1 86  TYR n 
1 87  GLU n 
1 88  VAL n 
1 89  ILE n 
1 90  ALA n 
1 91  GLY n 
1 92  VAL n 
1 93  ASN n 
1 94  ILE n 
1 95  PRO n 
1 96  MET n 
1 97  LEU n 
1 98  VAL n 
1 99  GLU n 
1 100 THR n 
1 101 LEU n 
1 102 MET n 
1 103 ALA n 
1 104 ARG n 
1 105 ASP n 
1 106 ASP n 
1 107 ASP n 
1 108 PRO n 
1 109 SER n 
1 110 PHE n 
1 111 ASP n 
1 112 GLU n 
1 113 LEU n 
1 114 VAL n 
1 115 ALA n 
1 116 LEU n 
1 117 ALA n 
1 118 VAL n 
1 119 GLU n 
1 120 THR n 
1 121 GLY n 
1 122 ARG n 
1 123 GLU n 
1 124 GLY n 
1 125 VAL n 
1 126 LYS n 
1 127 ALA n 
1 128 LEU n 
1 129 LYS n 
1 130 ALA n 
1 131 LYS n 
1 132 PRO n 
1 133 PHE n 
1 134 ALA n 
1 135 GLY n 
# 
_entity_src_gen.entity_id                          1 
_entity_src_gen.pdbx_src_id                        1 
_entity_src_gen.pdbx_alt_source_flag               sample 
_entity_src_gen.pdbx_seq_type                      ? 
_entity_src_gen.pdbx_beg_seq_num                   ? 
_entity_src_gen.pdbx_end_seq_num                   ? 
_entity_src_gen.gene_src_common_name               ? 
_entity_src_gen.gene_src_genus                     Escherichia 
_entity_src_gen.pdbx_gene_src_gene                 ? 
_entity_src_gen.gene_src_species                   ? 
_entity_src_gen.gene_src_strain                    K12-RP7029 
_entity_src_gen.gene_src_tissue                    ? 
_entity_src_gen.gene_src_tissue_fraction           ? 
_entity_src_gen.gene_src_details                   ? 
_entity_src_gen.pdbx_gene_src_fragment             ? 
_entity_src_gen.pdbx_gene_src_scientific_name      'Escherichia coli' 
_entity_src_gen.pdbx_gene_src_ncbi_taxonomy_id     562 
_entity_src_gen.pdbx_gene_src_variant              ? 
_entity_src_gen.pdbx_gene_src_cell_line            ? 
_entity_src_gen.pdbx_gene_src_atcc                 ? 
_entity_src_gen.pdbx_gene_src_organ                ? 
_entity_src_gen.pdbx_gene_src_organelle            ? 
_entity_src_gen.pdbx_gene_src_cell                 ? 
_entity_src_gen.pdbx_gene_src_cellular_location    ? 
_entity_src_gen.host_org_common_name               ? 
_entity_src_gen.pdbx_host_org_scientific_name      'Escherichia coli K12' 
_entity_src_gen.pdbx_host_org_ncbi_taxonomy_id     83333 
_entity_src_gen.host_org_genus                     Escherichia 
_entity_src_gen.pdbx_host_org_gene                 MANX 
_entity_src_gen.pdbx_host_org_organ                ? 
_entity_src_gen.host_org_species                   'Escherichia coli' 
_entity_src_gen.pdbx_host_org_tissue               ? 
_entity_src_gen.pdbx_host_org_tissue_fraction      ? 
_entity_src_gen.pdbx_host_org_strain               'WA2127 AND D41' 
_entity_src_gen.pdbx_host_org_variant              ? 
_entity_src_gen.pdbx_host_org_cell_line            ? 
_entity_src_gen.pdbx_host_org_atcc                 ? 
_entity_src_gen.pdbx_host_org_culture_collection   ? 
_entity_src_gen.pdbx_host_org_cell                 ? 
_entity_src_gen.pdbx_host_org_organelle            ? 
_entity_src_gen.pdbx_host_org_cellular_location    ? 
_entity_src_gen.pdbx_host_org_vector_type          ? 
_entity_src_gen.pdbx_host_org_vector               ? 
_entity_src_gen.host_org_details                   ? 
_entity_src_gen.expression_system_id               ? 
_entity_src_gen.plasmid_name                       PJFL1320 
_entity_src_gen.plasmid_details                    ? 
_entity_src_gen.pdbx_description                   
;SUBCLONAL IIA COMPRISES RESIDUES 1 - 133 OF THE WILD-TYPE IIAB SEQUENCE PLUS PHE-ALA-GLY AT THE CARBOXY TERMINUS. THE INITIAL SE-MET WAS REMOVED BY PROTEOLYTIC CLEAVAGE.
;
# 
loop_
_chem_comp.id 
_chem_comp.type 
_chem_comp.mon_nstd_flag 
_chem_comp.name 
_chem_comp.pdbx_synonyms 
_chem_comp.formula 
_chem_comp.formula_weight 
ALA 'L-peptide linking' y ALANINE         ? 'C3 H7 N O2'     89.093  
ARG 'L-peptide linking' y ARGININE        ? 'C6 H15 N4 O2 1' 175.209 
ASN 'L-peptide linking' y ASPARAGINE      ? 'C4 H8 N2 O3'    132.118 
ASP 'L-peptide linking' y 'ASPARTIC ACID' ? 'C4 H7 N O4'     133.103 
GLN 'L-peptide linking' y GLUTAMINE       ? 'C5 H10 N2 O3'   146.144 
GLU 'L-peptide linking' y 'GLUTAMIC ACID' ? 'C5 H9 N O4'     147.129 
GLY 'peptide linking'   y GLYCINE         ? 'C2 H5 N O2'     75.067  
HIS 'L-peptide linking' y HISTIDINE       ? 'C6 H10 N3 O2 1' 156.162 
HOH non-polymer         . WATER           ? 'H2 O'           18.015  
ILE 'L-peptide linking' y ISOLEUCINE      ? 'C6 H13 N O2'    131.173 
LEU 'L-peptide linking' y LEUCINE         ? 'C6 H13 N O2'    131.173 
LYS 'L-peptide linking' y LYSINE          ? 'C6 H15 N2 O2 1' 147.195 
MET 'L-peptide linking' y METHIONINE      ? 'C5 H11 N O2 S'  149.211 
PHE 'L-peptide linking' y PHENYLALANINE   ? 'C9 H11 N O2'    165.189 
PRO 'L-peptide linking' y PROLINE         ? 'C5 H9 N O2'     115.130 
SER 'L-peptide linking' y SERINE          ? 'C3 H7 N O3'     105.093 
THR 'L-peptide linking' y THREONINE       ? 'C4 H9 N O3'     119.119 
TRP 'L-peptide linking' y TRYPTOPHAN      ? 'C11 H12 N2 O2'  204.225 
TYR 'L-peptide linking' y TYROSINE        ? 'C9 H11 N O3'    181.189 
VAL 'L-peptide linking' y VALINE          ? 'C5 H11 N O2'    117.146 
# 
loop_
_pdbx_poly_seq_scheme.asym_id 
_pdbx_poly_seq_scheme.entity_id 
_pdbx_poly_seq_scheme.seq_id 
_pdbx_poly_seq_scheme.mon_id 
_pdbx_poly_seq_scheme.ndb_seq_num 
_pdbx_poly_seq_scheme.pdb_seq_num 
_pdbx_poly_seq_scheme.auth_seq_num 
_pdbx_poly_seq_scheme.pdb_mon_id 
_pdbx_poly_seq_scheme.auth_mon_id 
_pdbx_poly_seq_scheme.pdb_strand_id 
_pdbx_poly_seq_scheme.pdb_ins_code 
_pdbx_poly_seq_scheme.hetero 
A 1 1   THR 1   2   2   THR THR A . n 
A 1 2   ILE 2   3   3   ILE ILE A . n 
A 1 3   ALA 3   4   4   ALA ALA A . n 
A 1 4   ILE 4   5   5   ILE ILE A . n 
A 1 5   VAL 5   6   6   VAL VAL A . n 
A 1 6   ILE 6   7   7   ILE ILE A . n 
A 1 7   GLY 7   8   8   GLY GLY A . n 
A 1 8   THR 8   9   9   THR THR A . n 
A 1 9   HIS 9   10  10  HIS HIS A . n 
A 1 10  GLY 10  11  11  GLY GLY A . n 
A 1 11  TRP 11  12  12  TRP TRP A . n 
A 1 12  ALA 12  13  13  ALA ALA A . n 
A 1 13  ALA 13  14  14  ALA ALA A . n 
A 1 14  GLU 14  15  15  GLU GLU A . n 
A 1 15  GLN 15  16  16  GLN GLN A . n 
A 1 16  LEU 16  17  17  LEU LEU A . n 
A 1 17  LEU 17  18  18  LEU LEU A . n 
A 1 18  LYS 18  19  19  LYS LYS A . n 
A 1 19  THR 19  20  20  THR THR A . n 
A 1 20  ALA 20  21  21  ALA ALA A . n 
A 1 21  GLU 21  22  22  GLU GLU A . n 
A 1 22  MET 22  23  23  MET MET A . n 
A 1 23  LEU 23  24  24  LEU LEU A . n 
A 1 24  LEU 24  25  25  LEU LEU A . n 
A 1 25  GLY 25  26  26  GLY GLY A . n 
A 1 26  GLU 26  27  27  GLU GLU A . n 
A 1 27  GLN 27  28  28  GLN GLN A . n 
A 1 28  GLU 28  29  29  GLU GLU A . n 
A 1 29  ASN 29  30  30  ASN ASN A . n 
A 1 30  VAL 30  31  31  VAL VAL A . n 
A 1 31  GLY 31  32  32  GLY GLY A . n 
A 1 32  TRP 32  33  33  TRP TRP A . n 
A 1 33  ILE 33  34  34  ILE ILE A . n 
A 1 34  ASP 34  35  35  ASP ASP A . n 
A 1 35  PHE 35  36  36  PHE PHE A . n 
A 1 36  VAL 36  37  37  VAL VAL A . n 
A 1 37  PRO 37  38  38  PRO PRO A . n 
A 1 38  GLY 38  39  39  GLY GLY A . n 
A 1 39  GLU 39  40  40  GLU GLU A . n 
A 1 40  ASN 40  41  41  ASN ASN A . n 
A 1 41  ALA 41  42  42  ALA ALA A . n 
A 1 42  GLU 42  43  43  GLU GLU A . n 
A 1 43  THR 43  44  44  THR THR A . n 
A 1 44  LEU 44  45  45  LEU LEU A . n 
A 1 45  ILE 45  46  46  ILE ILE A . n 
A 1 46  GLU 46  47  47  GLU GLU A . n 
A 1 47  LYS 47  48  48  LYS LYS A . n 
A 1 48  TYR 48  49  49  TYR TYR A . n 
A 1 49  ASN 49  50  50  ASN ASN A . n 
A 1 50  ALA 50  51  51  ALA ALA A . n 
A 1 51  GLN 51  52  52  GLN GLN A . n 
A 1 52  LEU 52  53  53  LEU LEU A . n 
A 1 53  ALA 53  54  54  ALA ALA A . n 
A 1 54  LYS 54  55  55  LYS LYS A . n 
A 1 55  LEU 55  56  56  LEU LEU A . n 
A 1 56  ASP 56  57  57  ASP ASP A . n 
A 1 57  THR 57  58  58  THR THR A . n 
A 1 58  THR 58  59  59  THR THR A . n 
A 1 59  LYS 59  60  60  LYS LYS A . n 
A 1 60  GLY 60  61  61  GLY GLY A . n 
A 1 61  VAL 61  62  62  VAL VAL A . n 
A 1 62  LEU 62  63  63  LEU LEU A . n 
A 1 63  PHE 63  64  64  PHE PHE A . n 
A 1 64  LEU 64  65  65  LEU LEU A . n 
A 1 65  VAL 65  66  66  VAL VAL A . n 
A 1 66  ASP 66  67  67  ASP ASP A . n 
A 1 67  THR 67  68  68  THR THR A . n 
A 1 68  TRP 68  69  69  TRP TRP A . n 
A 1 69  GLY 69  70  70  GLY GLY A . n 
A 1 70  GLY 70  71  71  GLY GLY A . n 
A 1 71  SER 71  72  72  SER SER A . n 
A 1 72  PRO 72  73  73  PRO PRO A . n 
A 1 73  PHE 73  74  74  PHE PHE A . n 
A 1 74  ASN 74  75  75  ASN ASN A . n 
A 1 75  ALA 75  76  76  ALA ALA A . n 
A 1 76  ALA 76  77  77  ALA ALA A . n 
A 1 77  SER 77  78  78  SER SER A . n 
A 1 78  ARG 78  79  79  ARG ARG A . n 
A 1 79  ILE 79  80  80  ILE ILE A . n 
A 1 80  VAL 80  81  81  VAL VAL A . n 
A 1 81  VAL 81  82  82  VAL VAL A . n 
A 1 82  ASP 82  83  83  ASP ASP A . n 
A 1 83  LYS 83  84  84  LYS LYS A . n 
A 1 84  GLU 84  85  85  GLU GLU A . n 
A 1 85  HIS 85  86  86  HIS HIS A . n 
A 1 86  TYR 86  87  87  TYR TYR A . n 
A 1 87  GLU 87  88  88  GLU GLU A . n 
A 1 88  VAL 88  89  89  VAL VAL A . n 
A 1 89  ILE 89  90  90  ILE ILE A . n 
A 1 90  ALA 90  91  91  ALA ALA A . n 
A 1 91  GLY 91  92  92  GLY GLY A . n 
A 1 92  VAL 92  93  93  VAL VAL A . n 
A 1 93  ASN 93  94  94  ASN ASN A . n 
A 1 94  ILE 94  95  95  ILE ILE A . n 
A 1 95  PRO 95  96  96  PRO PRO A . n 
A 1 96  MET 96  97  97  MET MET A . n 
A 1 97  LEU 97  98  98  LEU LEU A . n 
A 1 98  VAL 98  99  99  VAL VAL A . n 
A 1 99  GLU 99  100 100 GLU GLU A . n 
A 1 100 THR 100 101 101 THR THR A . n 
A 1 101 LEU 101 102 102 LEU LEU A . n 
A 1 102 MET 102 103 103 MET MET A . n 
A 1 103 ALA 103 104 104 ALA ALA A . n 
A 1 104 ARG 104 105 105 ARG ARG A . n 
A 1 105 ASP 105 106 106 ASP ASP A . n 
A 1 106 ASP 106 107 107 ASP ASP A . n 
A 1 107 ASP 107 108 108 ASP ASP A . n 
A 1 108 PRO 108 109 109 PRO PRO A . n 
A 1 109 SER 109 110 110 SER SER A . n 
A 1 110 PHE 110 111 111 PHE PHE A . n 
A 1 111 ASP 111 112 112 ASP ASP A . n 
A 1 112 GLU 112 113 113 GLU GLU A . n 
A 1 113 LEU 113 114 114 LEU LEU A . n 
A 1 114 VAL 114 115 115 VAL VAL A . n 
A 1 115 ALA 115 116 116 ALA ALA A . n 
A 1 116 LEU 116 117 117 LEU LEU A . n 
A 1 117 ALA 117 118 118 ALA ALA A . n 
A 1 118 VAL 118 119 119 VAL VAL A . n 
A 1 119 GLU 119 120 120 GLU GLU A . n 
A 1 120 THR 120 121 121 THR THR A . n 
A 1 121 GLY 121 122 122 GLY GLY A . n 
A 1 122 ARG 122 123 123 ARG ARG A . n 
A 1 123 GLU 123 124 124 GLU GLU A . n 
A 1 124 GLY 124 125 125 GLY GLY A . n 
A 1 125 VAL 125 126 126 VAL VAL A . n 
A 1 126 LYS 126 127 127 LYS LYS A . n 
A 1 127 ALA 127 128 128 ALA ALA A . n 
A 1 128 LEU 128 129 129 LEU LEU A . n 
A 1 129 LYS 129 130 130 LYS LYS A . n 
A 1 130 ALA 130 131 ?   ?   ?   A . n 
A 1 131 LYS 131 132 ?   ?   ?   A . n 
A 1 132 PRO 132 133 ?   ?   ?   A . n 
A 1 133 PHE 133 134 ?   ?   ?   A . n 
A 1 134 ALA 134 135 ?   ?   ?   A . n 
A 1 135 GLY 135 136 ?   ?   ?   A . n 
# 
loop_
_pdbx_nonpoly_scheme.asym_id 
_pdbx_nonpoly_scheme.entity_id 
_pdbx_nonpoly_scheme.mon_id 
_pdbx_nonpoly_scheme.ndb_seq_num 
_pdbx_nonpoly_scheme.pdb_seq_num 
_pdbx_nonpoly_scheme.auth_seq_num 
_pdbx_nonpoly_scheme.pdb_mon_id 
_pdbx_nonpoly_scheme.auth_mon_id 
_pdbx_nonpoly_scheme.pdb_strand_id 
_pdbx_nonpoly_scheme.pdb_ins_code 
B 2 HOH 1  137 131 HOH HOH A . 
B 2 HOH 2  138 132 HOH HOH A . 
B 2 HOH 3  139 133 HOH HOH A . 
B 2 HOH 4  140 134 HOH HOH A . 
B 2 HOH 5  141 135 HOH HOH A . 
B 2 HOH 6  142 136 HOH HOH A . 
B 2 HOH 7  143 137 HOH HOH A . 
B 2 HOH 8  144 138 HOH HOH A . 
B 2 HOH 9  145 139 HOH HOH A . 
B 2 HOH 10 146 140 HOH HOH A . 
B 2 HOH 11 147 141 HOH HOH A . 
B 2 HOH 12 148 142 HOH HOH A . 
B 2 HOH 13 149 143 HOH HOH A . 
B 2 HOH 14 150 144 HOH HOH A . 
B 2 HOH 15 151 145 HOH HOH A . 
B 2 HOH 16 152 146 HOH HOH A . 
B 2 HOH 17 153 147 HOH HOH A . 
B 2 HOH 18 154 148 HOH HOH A . 
B 2 HOH 19 155 149 HOH HOH A . 
B 2 HOH 20 156 150 HOH HOH A . 
B 2 HOH 21 157 151 HOH HOH A . 
B 2 HOH 22 158 152 HOH HOH A . 
B 2 HOH 23 159 153 HOH HOH A . 
B 2 HOH 24 160 154 HOH HOH A . 
B 2 HOH 25 161 155 HOH HOH A . 
B 2 HOH 26 162 156 HOH HOH A . 
B 2 HOH 27 163 157 HOH HOH A . 
B 2 HOH 28 164 158 HOH HOH A . 
B 2 HOH 29 165 159 HOH HOH A . 
B 2 HOH 30 166 160 HOH HOH A . 
B 2 HOH 31 167 161 HOH HOH A . 
B 2 HOH 32 168 162 HOH HOH A . 
B 2 HOH 33 169 163 HOH HOH A . 
B 2 HOH 34 170 164 HOH HOH A . 
B 2 HOH 35 171 165 HOH HOH A . 
B 2 HOH 36 172 166 HOH HOH A . 
B 2 HOH 37 173 167 HOH HOH A . 
B 2 HOH 38 174 168 HOH HOH A . 
B 2 HOH 39 175 169 HOH HOH A . 
B 2 HOH 40 176 170 HOH HOH A . 
B 2 HOH 41 177 171 HOH HOH A . 
B 2 HOH 42 178 172 HOH HOH A . 
B 2 HOH 43 179 173 HOH HOH A . 
B 2 HOH 44 180 174 HOH HOH A . 
B 2 HOH 45 181 175 HOH HOH A . 
B 2 HOH 46 182 176 HOH HOH A . 
B 2 HOH 47 183 177 HOH HOH A . 
B 2 HOH 48 184 178 HOH HOH A . 
B 2 HOH 49 185 179 HOH HOH A . 
B 2 HOH 50 186 180 HOH HOH A . 
B 2 HOH 51 187 181 HOH HOH A . 
B 2 HOH 52 188 182 HOH HOH A . 
B 2 HOH 53 189 183 HOH HOH A . 
B 2 HOH 54 190 184 HOH HOH A . 
B 2 HOH 55 191 185 HOH HOH A . 
B 2 HOH 56 192 186 HOH HOH A . 
B 2 HOH 57 193 187 HOH HOH A . 
B 2 HOH 58 194 188 HOH HOH A . 
B 2 HOH 59 195 189 HOH HOH A . 
B 2 HOH 60 196 190 HOH HOH A . 
B 2 HOH 61 197 191 HOH HOH A . 
B 2 HOH 62 198 192 HOH HOH A . 
B 2 HOH 63 199 193 HOH HOH A . 
B 2 HOH 64 200 194 HOH HOH A . 
B 2 HOH 65 201 195 HOH HOH A . 
B 2 HOH 66 202 196 HOH HOH A . 
B 2 HOH 67 203 197 HOH HOH A . 
B 2 HOH 68 204 198 HOH HOH A . 
B 2 HOH 69 205 199 HOH HOH A . 
B 2 HOH 70 206 200 HOH HOH A . 
# 
loop_
_pdbx_unobs_or_zero_occ_atoms.id 
_pdbx_unobs_or_zero_occ_atoms.PDB_model_num 
_pdbx_unobs_or_zero_occ_atoms.polymer_flag 
_pdbx_unobs_or_zero_occ_atoms.occupancy_flag 
_pdbx_unobs_or_zero_occ_atoms.auth_asym_id 
_pdbx_unobs_or_zero_occ_atoms.auth_comp_id 
_pdbx_unobs_or_zero_occ_atoms.auth_seq_id 
_pdbx_unobs_or_zero_occ_atoms.PDB_ins_code 
_pdbx_unobs_or_zero_occ_atoms.auth_atom_id 
_pdbx_unobs_or_zero_occ_atoms.label_alt_id 
_pdbx_unobs_or_zero_occ_atoms.label_asym_id 
_pdbx_unobs_or_zero_occ_atoms.label_comp_id 
_pdbx_unobs_or_zero_occ_atoms.label_seq_id 
_pdbx_unobs_or_zero_occ_atoms.label_atom_id 
1  1 Y 0 A LYS 60  ? CE  ? A LYS 59  CE  
2  1 Y 0 A LYS 60  ? NZ  ? A LYS 59  NZ  
3  1 Y 0 A GLU 85  ? CG  ? A GLU 84  CG  
4  1 Y 0 A GLU 85  ? CD  ? A GLU 84  CD  
5  1 Y 0 A GLU 85  ? OE1 ? A GLU 84  OE1 
6  1 Y 0 A GLU 85  ? OE2 ? A GLU 84  OE2 
7  1 Y 0 A GLU 124 ? CD  ? A GLU 123 CD  
8  1 Y 0 A GLU 124 ? OE1 ? A GLU 123 OE1 
9  1 Y 0 A GLU 124 ? OE2 ? A GLU 123 OE2 
10 1 Y 0 A LYS 127 ? NZ  ? A LYS 126 NZ  
# 
loop_
_software.name 
_software.classification 
_software.version 
_software.citation_id 
_software.pdbx_ordinal 
X-PLOR 'model building' 3.1       ? 1 
X-PLOR refinement       3.1       ? 2 
MOSFLM 'data reduction' .         ? 3 
CCP4   'data scaling'   '(SCALA)' ? 4 
X-PLOR phasing          3.1       ? 5 
# 
_cell.entry_id           1PDO 
_cell.length_a           76.360 
_cell.length_b           76.360 
_cell.length_c           88.730 
_cell.angle_alpha        90.00 
_cell.angle_beta         90.00 
_cell.angle_gamma        120.00 
_cell.Z_PDB              12 
_cell.pdbx_unique_axis   ? 
# 
_symmetry.entry_id                         1PDO 
_symmetry.space_group_name_H-M             'P 61 2 2' 
_symmetry.pdbx_full_space_group_name_H-M   ? 
_symmetry.cell_setting                     ? 
_symmetry.Int_Tables_number                178 
# 
_exptl.entry_id          1PDO 
_exptl.method            'X-RAY DIFFRACTION' 
_exptl.crystals_number   3 
# 
_exptl_crystal.id                    1 
_exptl_crystal.density_meas          ? 
_exptl_crystal.density_Matthews      2.55 
_exptl_crystal.density_percent_sol   46. 
_exptl_crystal.description           ? 
# 
_exptl_crystal_grow.crystal_id      1 
_exptl_crystal_grow.method          ? 
_exptl_crystal_grow.temp            ? 
_exptl_crystal_grow.temp_details    ? 
_exptl_crystal_grow.pH              6.8 
_exptl_crystal_grow.pdbx_pH_range   ? 
_exptl_crystal_grow.pdbx_details    'pH 6.8' 
# 
_diffrn.id                     1 
_diffrn.ambient_temp           277 
_diffrn.ambient_temp_details   ? 
_diffrn.crystal_id             1 
# 
_diffrn_detector.diffrn_id              1 
_diffrn_detector.detector               'IMAGE PLATE' 
_diffrn_detector.type                   MARRESEARCH 
_diffrn_detector.pdbx_collection_date   1995-09-03 
_diffrn_detector.details                ? 
# 
_diffrn_radiation.diffrn_id                        1 
_diffrn_radiation.wavelength_id                    1 
_diffrn_radiation.pdbx_monochromatic_or_laue_m_l   M 
_diffrn_radiation.monochromator                    ? 
_diffrn_radiation.pdbx_diffrn_protocol             ? 
_diffrn_radiation.pdbx_scattering_type             x-ray 
# 
_diffrn_radiation_wavelength.id           1 
_diffrn_radiation_wavelength.wavelength   0.87 
_diffrn_radiation_wavelength.wt           1.0 
# 
_diffrn_source.diffrn_id                   1 
_diffrn_source.source                      SYNCHROTRON 
_diffrn_source.type                        'SRS BEAMLINE PX9.6' 
_diffrn_source.pdbx_synchrotron_site       SRS 
_diffrn_source.pdbx_synchrotron_beamline   PX9.6 
_diffrn_source.pdbx_wavelength             0.87 
_diffrn_source.pdbx_wavelength_list        ? 
# 
_reflns.entry_id                     1PDO 
_reflns.observed_criterion_sigma_I   4.0 
_reflns.observed_criterion_sigma_F   ? 
_reflns.d_resolution_low             19.8 
_reflns.d_resolution_high            1.7 
_reflns.number_obs                   16839 
_reflns.number_all                   ? 
_reflns.percent_possible_obs         97.3 
_reflns.pdbx_Rmerge_I_obs            0.0680000 
_reflns.pdbx_Rsym_value              ? 
_reflns.pdbx_netI_over_sigmaI        32.4 
_reflns.B_iso_Wilson_estimate        ? 
_reflns.pdbx_redundancy              5.9 
_reflns.pdbx_ordinal                 1 
_reflns.pdbx_diffrn_id               1 
_reflns.pdbx_CC_half                 ? 
_reflns.pdbx_CC_star                 ? 
_reflns.pdbx_Rpim_I_all              ? 
_reflns.pdbx_Rrim_I_all              ? 
# 
_reflns_shell.d_res_high             1.70 
_reflns_shell.d_res_low              1.74 
_reflns_shell.percent_possible_all   95.8 
_reflns_shell.Rmerge_I_obs           0.272 
_reflns_shell.pdbx_Rsym_value        ? 
_reflns_shell.meanI_over_sigI_obs    8.1 
_reflns_shell.pdbx_redundancy        5.6 
_reflns_shell.pdbx_ordinal           1 
_reflns_shell.pdbx_diffrn_id         1 
_reflns_shell.number_measured_obs    ? 
_reflns_shell.number_unique_all      ? 
_reflns_shell.number_unique_obs      ? 
_reflns_shell.pdbx_CC_half           ? 
_reflns_shell.pdbx_CC_star           ? 
_reflns_shell.pdbx_Rpim_I_all        ? 
_reflns_shell.pdbx_Rrim_I_all        ? 
# 
_refine.entry_id                                 1PDO 
_refine.ls_number_reflns_obs                     16645 
_refine.ls_number_reflns_all                     ? 
_refine.pdbx_ls_sigma_I                          ? 
_refine.pdbx_ls_sigma_F                          0.0 
_refine.pdbx_data_cutoff_high_absF               ? 
_refine.pdbx_data_cutoff_low_absF                ? 
_refine.pdbx_data_cutoff_high_rms_absF           ? 
_refine.ls_d_res_low                             8.0 
_refine.ls_d_res_high                            1.7 
_refine.ls_percent_reflns_obs                    95.8 
_refine.ls_R_factor_obs                          0.1890000 
_refine.ls_R_factor_all                          ? 
_refine.ls_R_factor_R_work                       0.1890000 
_refine.ls_R_factor_R_free                       0.2440000 
_refine.ls_R_factor_R_free_error                 ? 
_refine.ls_R_factor_R_free_error_details         ? 
_refine.ls_percent_reflns_R_free                 10. 
_refine.ls_number_reflns_R_free                  ? 
_refine.ls_number_parameters                     ? 
_refine.ls_number_restraints                     ? 
_refine.occupancy_min                            ? 
_refine.occupancy_max                            ? 
_refine.B_iso_mean                               20.2 
_refine.aniso_B[1][1]                            ? 
_refine.aniso_B[2][2]                            ? 
_refine.aniso_B[3][3]                            ? 
_refine.aniso_B[1][2]                            ? 
_refine.aniso_B[1][3]                            ? 
_refine.aniso_B[2][3]                            ? 
_refine.solvent_model_details                    ? 
_refine.solvent_model_param_ksol                 ? 
_refine.solvent_model_param_bsol                 ? 
_refine.pdbx_ls_cross_valid_method               ? 
_refine.details                                  ? 
_refine.pdbx_starting_model                      ? 
_refine.pdbx_method_to_determine_struct          
'MIRAS SOFTWARE USED : CCP4 PROGRAM SUITE 1994 STARTING MODEL FOR MOLECULAR REPLACEMENT: NULL' 
_refine.pdbx_isotropic_thermal_model             ? 
_refine.pdbx_stereochemistry_target_values       ? 
_refine.pdbx_stereochem_target_val_spec_case     ? 
_refine.pdbx_R_Free_selection_details            ? 
_refine.pdbx_overall_ESU_R                       ? 
_refine.pdbx_overall_ESU_R_Free                  ? 
_refine.overall_SU_ML                            ? 
_refine.overall_SU_B                             ? 
_refine.pdbx_refine_id                           'X-RAY DIFFRACTION' 
_refine.pdbx_diffrn_id                           1 
_refine.pdbx_TLS_residual_ADP_flag               ? 
_refine.correlation_coeff_Fo_to_Fc               ? 
_refine.correlation_coeff_Fo_to_Fc_free          ? 
_refine.pdbx_solvent_vdw_probe_radii             ? 
_refine.pdbx_solvent_ion_probe_radii             ? 
_refine.pdbx_solvent_shrinkage_radii             ? 
_refine.pdbx_overall_phase_error                 ? 
_refine.overall_SU_R_Cruickshank_DPI             ? 
_refine.pdbx_overall_SU_R_free_Cruickshank_DPI   ? 
_refine.pdbx_overall_SU_R_Blow_DPI               ? 
_refine.pdbx_overall_SU_R_free_Blow_DPI          ? 
# 
_refine_hist.pdbx_refine_id                   'X-RAY DIFFRACTION' 
_refine_hist.cycle_id                         LAST 
_refine_hist.pdbx_number_atoms_protein        988 
_refine_hist.pdbx_number_atoms_nucleic_acid   0 
_refine_hist.pdbx_number_atoms_ligand         0 
_refine_hist.number_atoms_solvent             70 
_refine_hist.number_atoms_total               1058 
_refine_hist.d_res_high                       1.7 
_refine_hist.d_res_low                        8.0 
# 
loop_
_refine_ls_restr.type 
_refine_ls_restr.dev_ideal 
_refine_ls_restr.dev_ideal_target 
_refine_ls_restr.weight 
_refine_ls_restr.number 
_refine_ls_restr.pdbx_refine_id 
_refine_ls_restr.pdbx_restraint_function 
x_bond_d                0.014 ?  ? ? 'X-RAY DIFFRACTION' ? 
x_bond_d_na             ?     ?  ? ? 'X-RAY DIFFRACTION' ? 
x_bond_d_prot           ?     ?  ? ? 'X-RAY DIFFRACTION' ? 
x_angle_d               ?     ?  ? ? 'X-RAY DIFFRACTION' ? 
x_angle_d_na            ?     ?  ? ? 'X-RAY DIFFRACTION' ? 
x_angle_d_prot          ?     ?  ? ? 'X-RAY DIFFRACTION' ? 
x_angle_deg             1.6   ?  ? ? 'X-RAY DIFFRACTION' ? 
x_angle_deg_na          ?     ?  ? ? 'X-RAY DIFFRACTION' ? 
x_angle_deg_prot        ?     ?  ? ? 'X-RAY DIFFRACTION' ? 
x_dihedral_angle_d      22.4  ?  ? ? 'X-RAY DIFFRACTION' ? 
x_dihedral_angle_d_na   ?     ?  ? ? 'X-RAY DIFFRACTION' ? 
x_dihedral_angle_d_prot ?     ?  ? ? 'X-RAY DIFFRACTION' ? 
x_improper_angle_d      1.5   ?  ? ? 'X-RAY DIFFRACTION' ? 
x_improper_angle_d_na   ?     ?  ? ? 'X-RAY DIFFRACTION' ? 
x_improper_angle_d_prot ?     ?  ? ? 'X-RAY DIFFRACTION' ? 
x_mcbond_it             2.    2. ? ? 'X-RAY DIFFRACTION' ? 
x_mcangle_it            3.    3. ? ? 'X-RAY DIFFRACTION' ? 
x_scbond_it             3.    3. ? ? 'X-RAY DIFFRACTION' ? 
x_scangle_it            4.    4. ? ? 'X-RAY DIFFRACTION' ? 
# 
_struct.entry_id                  1PDO 
_struct.title                     'PHOSPHOENOLPYRUVATE-DEPENDENT PHOSPHOTRANSFERASE SYSTEM' 
_struct.pdbx_model_details        ? 
_struct.pdbx_CASP_flag            ? 
_struct.pdbx_model_type_details   ? 
# 
_struct_keywords.entry_id        1PDO 
_struct_keywords.pdbx_keywords   PHOSPHOTRANSFERASE 
_struct_keywords.text            'PHOSPHOENOLPYRUVATE DEPENDENT PHOSPHOTRANSFERASE SYSTEM, PHOSPHOTRANSFERASE' 
# 
loop_
_struct_asym.id 
_struct_asym.pdbx_blank_PDB_chainid_flag 
_struct_asym.pdbx_modified 
_struct_asym.entity_id 
_struct_asym.details 
A N N 1 ? 
B N N 2 ? 
# 
_struct_ref.id                         1 
_struct_ref.db_name                    UNP 
_struct_ref.db_code                    PTNAB_ECOLI 
_struct_ref.entity_id                  1 
_struct_ref.pdbx_db_accession          P69797 
_struct_ref.pdbx_align_begin           1 
_struct_ref.pdbx_seq_one_letter_code   
;TIAIVIGTHGWAAEQLLKTAEMLLGEQENVGWIDFVPGENAETLIEKYNAQLAKLDTTKGVLFLVDTWGGSPFNAASRIV
VDKEHYEVIAGVNIPMLVETLMARDDDPSFDELVALAVETGREGVKALKAKPVEKAAPAPAAAAPKAAPTPAKPMGPNDY
MVIGLARIDDRLIHGQVATRWTKETNVSRIIVVSDEVAADTVRKTLLTQVAPPGVTAHVVDVAKMIRVYNNPKYAGERVM
LLFTNPTDVERLVEGGVKITSVNVGGMAFRQGKTQVNNAVSVDEKDIEAFKKLNARGIELEVRKVSTDPKLKMMDLISKI
DK
;
_struct_ref.pdbx_db_isoform            ? 
# 
_struct_ref_seq.align_id                      1 
_struct_ref_seq.ref_id                        1 
_struct_ref_seq.pdbx_PDB_id_code              1PDO 
_struct_ref_seq.pdbx_strand_id                A 
_struct_ref_seq.seq_align_beg                 1 
_struct_ref_seq.pdbx_seq_align_beg_ins_code   ? 
_struct_ref_seq.seq_align_end                 132 
_struct_ref_seq.pdbx_seq_align_end_ins_code   ? 
_struct_ref_seq.pdbx_db_accession             P69797 
_struct_ref_seq.db_align_beg                  1 
_struct_ref_seq.pdbx_db_align_beg_ins_code    ? 
_struct_ref_seq.db_align_end                  132 
_struct_ref_seq.pdbx_db_align_end_ins_code    ? 
_struct_ref_seq.pdbx_auth_seq_align_beg       2 
_struct_ref_seq.pdbx_auth_seq_align_end       133 
# 
_pdbx_struct_assembly.id                   1 
_pdbx_struct_assembly.details              author_and_software_defined_assembly 
_pdbx_struct_assembly.method_details       PISA,PQS 
_pdbx_struct_assembly.oligomeric_details   dimeric 
_pdbx_struct_assembly.oligomeric_count     2 
# 
loop_
_pdbx_struct_assembly_prop.biol_id 
_pdbx_struct_assembly_prop.type 
_pdbx_struct_assembly_prop.value 
_pdbx_struct_assembly_prop.details 
1 'ABSA (A^2)' 3370  ? 
1 MORE         -29   ? 
1 'SSA (A^2)'  10640 ? 
# 
_pdbx_struct_assembly_gen.assembly_id       1 
_pdbx_struct_assembly_gen.oper_expression   1,2 
_pdbx_struct_assembly_gen.asym_id_list      A,B 
# 
loop_
_pdbx_struct_oper_list.id 
_pdbx_struct_oper_list.type 
_pdbx_struct_oper_list.name 
_pdbx_struct_oper_list.symmetry_operation 
_pdbx_struct_oper_list.matrix[1][1] 
_pdbx_struct_oper_list.matrix[1][2] 
_pdbx_struct_oper_list.matrix[1][3] 
_pdbx_struct_oper_list.vector[1] 
_pdbx_struct_oper_list.matrix[2][1] 
_pdbx_struct_oper_list.matrix[2][2] 
_pdbx_struct_oper_list.matrix[2][3] 
_pdbx_struct_oper_list.vector[2] 
_pdbx_struct_oper_list.matrix[3][1] 
_pdbx_struct_oper_list.matrix[3][2] 
_pdbx_struct_oper_list.matrix[3][3] 
_pdbx_struct_oper_list.vector[3] 
1 'identity operation'         1_555  x,y,z            1.0000000000  0.0000000000 0.0000000000  0.0000000000  0.0000000000 1.0000000000 0.0000000000  0.0000000000 0.0000000000  0.0000000000  1.0000000000  0.0000000000  
2 'crystal symmetry operation' 10_665 -y+1,-x+1,-z+5/6 -0.9247865642 0.2978708103 -0.2367335865 17.2563593707 0.2978708103 0.1796698123 -0.9375455930 5.8454714644 -0.2367335865 -0.9375455930 -0.2548832480 12.8376604445 
# 
loop_
_struct_conf.conf_type_id 
_struct_conf.id 
_struct_conf.pdbx_PDB_helix_id 
_struct_conf.beg_label_comp_id 
_struct_conf.beg_label_asym_id 
_struct_conf.beg_label_seq_id 
_struct_conf.pdbx_beg_PDB_ins_code 
_struct_conf.end_label_comp_id 
_struct_conf.end_label_asym_id 
_struct_conf.end_label_seq_id 
_struct_conf.pdbx_end_PDB_ins_code 
_struct_conf.beg_auth_comp_id 
_struct_conf.beg_auth_asym_id 
_struct_conf.beg_auth_seq_id 
_struct_conf.end_auth_comp_id 
_struct_conf.end_auth_asym_id 
_struct_conf.end_auth_seq_id 
_struct_conf.pdbx_PDB_helix_class 
_struct_conf.details 
_struct_conf.pdbx_PDB_helix_length 
HELX_P HELX_P1 1 ALA A 12  ? LEU A 24  ? ALA A 13  LEU A 25  1 ? 13 
HELX_P HELX_P2 2 ALA A 41  ? LYS A 54  ? ALA A 42  LYS A 55  1 ? 14 
HELX_P HELX_P3 3 SER A 71  ? VAL A 80  ? SER A 72  VAL A 81  1 ? 10 
HELX_P HELX_P4 4 ILE A 94  ? ASP A 106 ? ILE A 95  ASP A 107 1 ? 13 
HELX_P HELX_P5 5 PHE A 110 ? GLU A 123 ? PHE A 111 GLU A 124 1 ? 14 
# 
_struct_conf_type.id          HELX_P 
_struct_conf_type.criteria    ? 
_struct_conf_type.reference   ? 
# 
_struct_sheet.id               A 
_struct_sheet.type             ? 
_struct_sheet.number_strands   4 
_struct_sheet.details          ? 
# 
loop_
_struct_sheet_order.sheet_id 
_struct_sheet_order.range_id_1 
_struct_sheet_order.range_id_2 
_struct_sheet_order.offset 
_struct_sheet_order.sense 
A 1 2 ? parallel 
A 2 3 ? parallel 
A 3 4 ? parallel 
# 
loop_
_struct_sheet_range.sheet_id 
_struct_sheet_range.id 
_struct_sheet_range.beg_label_comp_id 
_struct_sheet_range.beg_label_asym_id 
_struct_sheet_range.beg_label_seq_id 
_struct_sheet_range.pdbx_beg_PDB_ins_code 
_struct_sheet_range.end_label_comp_id 
_struct_sheet_range.end_label_asym_id 
_struct_sheet_range.end_label_seq_id 
_struct_sheet_range.pdbx_end_PDB_ins_code 
_struct_sheet_range.beg_auth_comp_id 
_struct_sheet_range.beg_auth_asym_id 
_struct_sheet_range.beg_auth_seq_id 
_struct_sheet_range.end_auth_comp_id 
_struct_sheet_range.end_auth_asym_id 
_struct_sheet_range.end_auth_seq_id 
A 1 VAL A 30 ? ILE A 33 ? VAL A 31 ILE A 34 
A 2 ALA A 3  ? GLY A 7  ? ALA A 4  GLY A 8  
A 3 VAL A 61 ? VAL A 65 ? VAL A 62 VAL A 66 
A 4 TYR A 86 ? ALA A 90 ? TYR A 87 ALA A 91 
# 
loop_
_pdbx_struct_sheet_hbond.sheet_id 
_pdbx_struct_sheet_hbond.range_id_1 
_pdbx_struct_sheet_hbond.range_id_2 
_pdbx_struct_sheet_hbond.range_1_label_atom_id 
_pdbx_struct_sheet_hbond.range_1_label_comp_id 
_pdbx_struct_sheet_hbond.range_1_label_asym_id 
_pdbx_struct_sheet_hbond.range_1_label_seq_id 
_pdbx_struct_sheet_hbond.range_1_PDB_ins_code 
_pdbx_struct_sheet_hbond.range_1_auth_atom_id 
_pdbx_struct_sheet_hbond.range_1_auth_comp_id 
_pdbx_struct_sheet_hbond.range_1_auth_asym_id 
_pdbx_struct_sheet_hbond.range_1_auth_seq_id 
_pdbx_struct_sheet_hbond.range_2_label_atom_id 
_pdbx_struct_sheet_hbond.range_2_label_comp_id 
_pdbx_struct_sheet_hbond.range_2_label_asym_id 
_pdbx_struct_sheet_hbond.range_2_label_seq_id 
_pdbx_struct_sheet_hbond.range_2_PDB_ins_code 
_pdbx_struct_sheet_hbond.range_2_auth_atom_id 
_pdbx_struct_sheet_hbond.range_2_auth_comp_id 
_pdbx_struct_sheet_hbond.range_2_auth_asym_id 
_pdbx_struct_sheet_hbond.range_2_auth_seq_id 
A 1 2 O GLY A 31 ? O GLY A 32 N ILE A 4  ? N ILE A 5  
A 2 3 O ALA A 3  ? O ALA A 4  N LEU A 62 ? N LEU A 63 
A 3 4 O VAL A 61 ? O VAL A 62 N GLU A 87 ? N GLU A 88 
# 
_pdbx_validate_torsion.id              1 
_pdbx_validate_torsion.PDB_model_num   1 
_pdbx_validate_torsion.auth_comp_id    VAL 
_pdbx_validate_torsion.auth_asym_id    A 
_pdbx_validate_torsion.auth_seq_id     82 
_pdbx_validate_torsion.PDB_ins_code    ? 
_pdbx_validate_torsion.label_alt_id    ? 
_pdbx_validate_torsion.phi             -29.35 
_pdbx_validate_torsion.psi             -55.95 
# 
_pdbx_struct_special_symmetry.id              1 
_pdbx_struct_special_symmetry.PDB_model_num   1 
_pdbx_struct_special_symmetry.auth_asym_id    A 
_pdbx_struct_special_symmetry.auth_comp_id    HOH 
_pdbx_struct_special_symmetry.auth_seq_id     181 
_pdbx_struct_special_symmetry.PDB_ins_code    ? 
_pdbx_struct_special_symmetry.label_asym_id   B 
_pdbx_struct_special_symmetry.label_comp_id   HOH 
_pdbx_struct_special_symmetry.label_seq_id    . 
# 
_pdbx_entry_details.entry_id                 1PDO 
_pdbx_entry_details.compound_details         'DURING CATALYSIS HIS 10 GETS TRANSIENTLY PHOSPHORYLATED.' 
_pdbx_entry_details.source_details           ? 
_pdbx_entry_details.nonpolymer_details       ? 
_pdbx_entry_details.sequence_details         ? 
_pdbx_entry_details.has_ligand_of_interest   ? 
# 
loop_
_pdbx_unobs_or_zero_occ_residues.id 
_pdbx_unobs_or_zero_occ_residues.PDB_model_num 
_pdbx_unobs_or_zero_occ_residues.polymer_flag 
_pdbx_unobs_or_zero_occ_residues.occupancy_flag 
_pdbx_unobs_or_zero_occ_residues.auth_asym_id 
_pdbx_unobs_or_zero_occ_residues.auth_comp_id 
_pdbx_unobs_or_zero_occ_residues.auth_seq_id 
_pdbx_unobs_or_zero_occ_residues.PDB_ins_code 
_pdbx_unobs_or_zero_occ_residues.label_asym_id 
_pdbx_unobs_or_zero_occ_residues.label_comp_id 
_pdbx_unobs_or_zero_occ_residues.label_seq_id 
1 1 Y 1 A ALA 131 ? A ALA 130 
2 1 Y 1 A LYS 132 ? A LYS 131 
3 1 Y 1 A PRO 133 ? A PRO 132 
4 1 Y 1 A PHE 134 ? A PHE 133 
5 1 Y 1 A ALA 135 ? A ALA 134 
6 1 Y 1 A GLY 136 ? A GLY 135 
# 
loop_
_chem_comp_atom.comp_id 
_chem_comp_atom.atom_id 
_chem_comp_atom.type_symbol 
_chem_comp_atom.pdbx_aromatic_flag 
_chem_comp_atom.pdbx_stereo_config 
_chem_comp_atom.pdbx_ordinal 
ALA N    N N N 1   
ALA CA   C N S 2   
ALA C    C N N 3   
ALA O    O N N 4   
ALA CB   C N N 5   
ALA OXT  O N N 6   
ALA H    H N N 7   
ALA H2   H N N 8   
ALA HA   H N N 9   
ALA HB1  H N N 10  
ALA HB2  H N N 11  
ALA HB3  H N N 12  
ALA HXT  H N N 13  
ARG N    N N N 14  
ARG CA   C N S 15  
ARG C    C N N 16  
ARG O    O N N 17  
ARG CB   C N N 18  
ARG CG   C N N 19  
ARG CD   C N N 20  
ARG NE   N N N 21  
ARG CZ   C N N 22  
ARG NH1  N N N 23  
ARG NH2  N N N 24  
ARG OXT  O N N 25  
ARG H    H N N 26  
ARG H2   H N N 27  
ARG HA   H N N 28  
ARG HB2  H N N 29  
ARG HB3  H N N 30  
ARG HG2  H N N 31  
ARG HG3  H N N 32  
ARG HD2  H N N 33  
ARG HD3  H N N 34  
ARG HE   H N N 35  
ARG HH11 H N N 36  
ARG HH12 H N N 37  
ARG HH21 H N N 38  
ARG HH22 H N N 39  
ARG HXT  H N N 40  
ASN N    N N N 41  
ASN CA   C N S 42  
ASN C    C N N 43  
ASN O    O N N 44  
ASN CB   C N N 45  
ASN CG   C N N 46  
ASN OD1  O N N 47  
ASN ND2  N N N 48  
ASN OXT  O N N 49  
ASN H    H N N 50  
ASN H2   H N N 51  
ASN HA   H N N 52  
ASN HB2  H N N 53  
ASN HB3  H N N 54  
ASN HD21 H N N 55  
ASN HD22 H N N 56  
ASN HXT  H N N 57  
ASP N    N N N 58  
ASP CA   C N S 59  
ASP C    C N N 60  
ASP O    O N N 61  
ASP CB   C N N 62  
ASP CG   C N N 63  
ASP OD1  O N N 64  
ASP OD2  O N N 65  
ASP OXT  O N N 66  
ASP H    H N N 67  
ASP H2   H N N 68  
ASP HA   H N N 69  
ASP HB2  H N N 70  
ASP HB3  H N N 71  
ASP HD2  H N N 72  
ASP HXT  H N N 73  
GLN N    N N N 74  
GLN CA   C N S 75  
GLN C    C N N 76  
GLN O    O N N 77  
GLN CB   C N N 78  
GLN CG   C N N 79  
GLN CD   C N N 80  
GLN OE1  O N N 81  
GLN NE2  N N N 82  
GLN OXT  O N N 83  
GLN H    H N N 84  
GLN H2   H N N 85  
GLN HA   H N N 86  
GLN HB2  H N N 87  
GLN HB3  H N N 88  
GLN HG2  H N N 89  
GLN HG3  H N N 90  
GLN HE21 H N N 91  
GLN HE22 H N N 92  
GLN HXT  H N N 93  
GLU N    N N N 94  
GLU CA   C N S 95  
GLU C    C N N 96  
GLU O    O N N 97  
GLU CB   C N N 98  
GLU CG   C N N 99  
GLU CD   C N N 100 
GLU OE1  O N N 101 
GLU OE2  O N N 102 
GLU OXT  O N N 103 
GLU H    H N N 104 
GLU H2   H N N 105 
GLU HA   H N N 106 
GLU HB2  H N N 107 
GLU HB3  H N N 108 
GLU HG2  H N N 109 
GLU HG3  H N N 110 
GLU HE2  H N N 111 
GLU HXT  H N N 112 
GLY N    N N N 113 
GLY CA   C N N 114 
GLY C    C N N 115 
GLY O    O N N 116 
GLY OXT  O N N 117 
GLY H    H N N 118 
GLY H2   H N N 119 
GLY HA2  H N N 120 
GLY HA3  H N N 121 
GLY HXT  H N N 122 
HIS N    N N N 123 
HIS CA   C N S 124 
HIS C    C N N 125 
HIS O    O N N 126 
HIS CB   C N N 127 
HIS CG   C Y N 128 
HIS ND1  N Y N 129 
HIS CD2  C Y N 130 
HIS CE1  C Y N 131 
HIS NE2  N Y N 132 
HIS OXT  O N N 133 
HIS H    H N N 134 
HIS H2   H N N 135 
HIS HA   H N N 136 
HIS HB2  H N N 137 
HIS HB3  H N N 138 
HIS HD1  H N N 139 
HIS HD2  H N N 140 
HIS HE1  H N N 141 
HIS HE2  H N N 142 
HIS HXT  H N N 143 
HOH O    O N N 144 
HOH H1   H N N 145 
HOH H2   H N N 146 
ILE N    N N N 147 
ILE CA   C N S 148 
ILE C    C N N 149 
ILE O    O N N 150 
ILE CB   C N S 151 
ILE CG1  C N N 152 
ILE CG2  C N N 153 
ILE CD1  C N N 154 
ILE OXT  O N N 155 
ILE H    H N N 156 
ILE H2   H N N 157 
ILE HA   H N N 158 
ILE HB   H N N 159 
ILE HG12 H N N 160 
ILE HG13 H N N 161 
ILE HG21 H N N 162 
ILE HG22 H N N 163 
ILE HG23 H N N 164 
ILE HD11 H N N 165 
ILE HD12 H N N 166 
ILE HD13 H N N 167 
ILE HXT  H N N 168 
LEU N    N N N 169 
LEU CA   C N S 170 
LEU C    C N N 171 
LEU O    O N N 172 
LEU CB   C N N 173 
LEU CG   C N N 174 
LEU CD1  C N N 175 
LEU CD2  C N N 176 
LEU OXT  O N N 177 
LEU H    H N N 178 
LEU H2   H N N 179 
LEU HA   H N N 180 
LEU HB2  H N N 181 
LEU HB3  H N N 182 
LEU HG   H N N 183 
LEU HD11 H N N 184 
LEU HD12 H N N 185 
LEU HD13 H N N 186 
LEU HD21 H N N 187 
LEU HD22 H N N 188 
LEU HD23 H N N 189 
LEU HXT  H N N 190 
LYS N    N N N 191 
LYS CA   C N S 192 
LYS C    C N N 193 
LYS O    O N N 194 
LYS CB   C N N 195 
LYS CG   C N N 196 
LYS CD   C N N 197 
LYS CE   C N N 198 
LYS NZ   N N N 199 
LYS OXT  O N N 200 
LYS H    H N N 201 
LYS H2   H N N 202 
LYS HA   H N N 203 
LYS HB2  H N N 204 
LYS HB3  H N N 205 
LYS HG2  H N N 206 
LYS HG3  H N N 207 
LYS HD2  H N N 208 
LYS HD3  H N N 209 
LYS HE2  H N N 210 
LYS HE3  H N N 211 
LYS HZ1  H N N 212 
LYS HZ2  H N N 213 
LYS HZ3  H N N 214 
LYS HXT  H N N 215 
MET N    N N N 216 
MET CA   C N S 217 
MET C    C N N 218 
MET O    O N N 219 
MET CB   C N N 220 
MET CG   C N N 221 
MET SD   S N N 222 
MET CE   C N N 223 
MET OXT  O N N 224 
MET H    H N N 225 
MET H2   H N N 226 
MET HA   H N N 227 
MET HB2  H N N 228 
MET HB3  H N N 229 
MET HG2  H N N 230 
MET HG3  H N N 231 
MET HE1  H N N 232 
MET HE2  H N N 233 
MET HE3  H N N 234 
MET HXT  H N N 235 
PHE N    N N N 236 
PHE CA   C N S 237 
PHE C    C N N 238 
PHE O    O N N 239 
PHE CB   C N N 240 
PHE CG   C Y N 241 
PHE CD1  C Y N 242 
PHE CD2  C Y N 243 
PHE CE1  C Y N 244 
PHE CE2  C Y N 245 
PHE CZ   C Y N 246 
PHE OXT  O N N 247 
PHE H    H N N 248 
PHE H2   H N N 249 
PHE HA   H N N 250 
PHE HB2  H N N 251 
PHE HB3  H N N 252 
PHE HD1  H N N 253 
PHE HD2  H N N 254 
PHE HE1  H N N 255 
PHE HE2  H N N 256 
PHE HZ   H N N 257 
PHE HXT  H N N 258 
PRO N    N N N 259 
PRO CA   C N S 260 
PRO C    C N N 261 
PRO O    O N N 262 
PRO CB   C N N 263 
PRO CG   C N N 264 
PRO CD   C N N 265 
PRO OXT  O N N 266 
PRO H    H N N 267 
PRO HA   H N N 268 
PRO HB2  H N N 269 
PRO HB3  H N N 270 
PRO HG2  H N N 271 
PRO HG3  H N N 272 
PRO HD2  H N N 273 
PRO HD3  H N N 274 
PRO HXT  H N N 275 
SER N    N N N 276 
SER CA   C N S 277 
SER C    C N N 278 
SER O    O N N 279 
SER CB   C N N 280 
SER OG   O N N 281 
SER OXT  O N N 282 
SER H    H N N 283 
SER H2   H N N 284 
SER HA   H N N 285 
SER HB2  H N N 286 
SER HB3  H N N 287 
SER HG   H N N 288 
SER HXT  H N N 289 
THR N    N N N 290 
THR CA   C N S 291 
THR C    C N N 292 
THR O    O N N 293 
THR CB   C N R 294 
THR OG1  O N N 295 
THR CG2  C N N 296 
THR OXT  O N N 297 
THR H    H N N 298 
THR H2   H N N 299 
THR HA   H N N 300 
THR HB   H N N 301 
THR HG1  H N N 302 
THR HG21 H N N 303 
THR HG22 H N N 304 
THR HG23 H N N 305 
THR HXT  H N N 306 
TRP N    N N N 307 
TRP CA   C N S 308 
TRP C    C N N 309 
TRP O    O N N 310 
TRP CB   C N N 311 
TRP CG   C Y N 312 
TRP CD1  C Y N 313 
TRP CD2  C Y N 314 
TRP NE1  N Y N 315 
TRP CE2  C Y N 316 
TRP CE3  C Y N 317 
TRP CZ2  C Y N 318 
TRP CZ3  C Y N 319 
TRP CH2  C Y N 320 
TRP OXT  O N N 321 
TRP H    H N N 322 
TRP H2   H N N 323 
TRP HA   H N N 324 
TRP HB2  H N N 325 
TRP HB3  H N N 326 
TRP HD1  H N N 327 
TRP HE1  H N N 328 
TRP HE3  H N N 329 
TRP HZ2  H N N 330 
TRP HZ3  H N N 331 
TRP HH2  H N N 332 
TRP HXT  H N N 333 
TYR N    N N N 334 
TYR CA   C N S 335 
TYR C    C N N 336 
TYR O    O N N 337 
TYR CB   C N N 338 
TYR CG   C Y N 339 
TYR CD1  C Y N 340 
TYR CD2  C Y N 341 
TYR CE1  C Y N 342 
TYR CE2  C Y N 343 
TYR CZ   C Y N 344 
TYR OH   O N N 345 
TYR OXT  O N N 346 
TYR H    H N N 347 
TYR H2   H N N 348 
TYR HA   H N N 349 
TYR HB2  H N N 350 
TYR HB3  H N N 351 
TYR HD1  H N N 352 
TYR HD2  H N N 353 
TYR HE1  H N N 354 
TYR HE2  H N N 355 
TYR HH   H N N 356 
TYR HXT  H N N 357 
VAL N    N N N 358 
VAL CA   C N S 359 
VAL C    C N N 360 
VAL O    O N N 361 
VAL CB   C N N 362 
VAL CG1  C N N 363 
VAL CG2  C N N 364 
VAL OXT  O N N 365 
VAL H    H N N 366 
VAL H2   H N N 367 
VAL HA   H N N 368 
VAL HB   H N N 369 
VAL HG11 H N N 370 
VAL HG12 H N N 371 
VAL HG13 H N N 372 
VAL HG21 H N N 373 
VAL HG22 H N N 374 
VAL HG23 H N N 375 
VAL HXT  H N N 376 
# 
loop_
_chem_comp_bond.comp_id 
_chem_comp_bond.atom_id_1 
_chem_comp_bond.atom_id_2 
_chem_comp_bond.value_order 
_chem_comp_bond.pdbx_aromatic_flag 
_chem_comp_bond.pdbx_stereo_config 
_chem_comp_bond.pdbx_ordinal 
ALA N   CA   sing N N 1   
ALA N   H    sing N N 2   
ALA N   H2   sing N N 3   
ALA CA  C    sing N N 4   
ALA CA  CB   sing N N 5   
ALA CA  HA   sing N N 6   
ALA C   O    doub N N 7   
ALA C   OXT  sing N N 8   
ALA CB  HB1  sing N N 9   
ALA CB  HB2  sing N N 10  
ALA CB  HB3  sing N N 11  
ALA OXT HXT  sing N N 12  
ARG N   CA   sing N N 13  
ARG N   H    sing N N 14  
ARG N   H2   sing N N 15  
ARG CA  C    sing N N 16  
ARG CA  CB   sing N N 17  
ARG CA  HA   sing N N 18  
ARG C   O    doub N N 19  
ARG C   OXT  sing N N 20  
ARG CB  CG   sing N N 21  
ARG CB  HB2  sing N N 22  
ARG CB  HB3  sing N N 23  
ARG CG  CD   sing N N 24  
ARG CG  HG2  sing N N 25  
ARG CG  HG3  sing N N 26  
ARG CD  NE   sing N N 27  
ARG CD  HD2  sing N N 28  
ARG CD  HD3  sing N N 29  
ARG NE  CZ   sing N N 30  
ARG NE  HE   sing N N 31  
ARG CZ  NH1  sing N N 32  
ARG CZ  NH2  doub N N 33  
ARG NH1 HH11 sing N N 34  
ARG NH1 HH12 sing N N 35  
ARG NH2 HH21 sing N N 36  
ARG NH2 HH22 sing N N 37  
ARG OXT HXT  sing N N 38  
ASN N   CA   sing N N 39  
ASN N   H    sing N N 40  
ASN N   H2   sing N N 41  
ASN CA  C    sing N N 42  
ASN CA  CB   sing N N 43  
ASN CA  HA   sing N N 44  
ASN C   O    doub N N 45  
ASN C   OXT  sing N N 46  
ASN CB  CG   sing N N 47  
ASN CB  HB2  sing N N 48  
ASN CB  HB3  sing N N 49  
ASN CG  OD1  doub N N 50  
ASN CG  ND2  sing N N 51  
ASN ND2 HD21 sing N N 52  
ASN ND2 HD22 sing N N 53  
ASN OXT HXT  sing N N 54  
ASP N   CA   sing N N 55  
ASP N   H    sing N N 56  
ASP N   H2   sing N N 57  
ASP CA  C    sing N N 58  
ASP CA  CB   sing N N 59  
ASP CA  HA   sing N N 60  
ASP C   O    doub N N 61  
ASP C   OXT  sing N N 62  
ASP CB  CG   sing N N 63  
ASP CB  HB2  sing N N 64  
ASP CB  HB3  sing N N 65  
ASP CG  OD1  doub N N 66  
ASP CG  OD2  sing N N 67  
ASP OD2 HD2  sing N N 68  
ASP OXT HXT  sing N N 69  
GLN N   CA   sing N N 70  
GLN N   H    sing N N 71  
GLN N   H2   sing N N 72  
GLN CA  C    sing N N 73  
GLN CA  CB   sing N N 74  
GLN CA  HA   sing N N 75  
GLN C   O    doub N N 76  
GLN C   OXT  sing N N 77  
GLN CB  CG   sing N N 78  
GLN CB  HB2  sing N N 79  
GLN CB  HB3  sing N N 80  
GLN CG  CD   sing N N 81  
GLN CG  HG2  sing N N 82  
GLN CG  HG3  sing N N 83  
GLN CD  OE1  doub N N 84  
GLN CD  NE2  sing N N 85  
GLN NE2 HE21 sing N N 86  
GLN NE2 HE22 sing N N 87  
GLN OXT HXT  sing N N 88  
GLU N   CA   sing N N 89  
GLU N   H    sing N N 90  
GLU N   H2   sing N N 91  
GLU CA  C    sing N N 92  
GLU CA  CB   sing N N 93  
GLU CA  HA   sing N N 94  
GLU C   O    doub N N 95  
GLU C   OXT  sing N N 96  
GLU CB  CG   sing N N 97  
GLU CB  HB2  sing N N 98  
GLU CB  HB3  sing N N 99  
GLU CG  CD   sing N N 100 
GLU CG  HG2  sing N N 101 
GLU CG  HG3  sing N N 102 
GLU CD  OE1  doub N N 103 
GLU CD  OE2  sing N N 104 
GLU OE2 HE2  sing N N 105 
GLU OXT HXT  sing N N 106 
GLY N   CA   sing N N 107 
GLY N   H    sing N N 108 
GLY N   H2   sing N N 109 
GLY CA  C    sing N N 110 
GLY CA  HA2  sing N N 111 
GLY CA  HA3  sing N N 112 
GLY C   O    doub N N 113 
GLY C   OXT  sing N N 114 
GLY OXT HXT  sing N N 115 
HIS N   CA   sing N N 116 
HIS N   H    sing N N 117 
HIS N   H2   sing N N 118 
HIS CA  C    sing N N 119 
HIS CA  CB   sing N N 120 
HIS CA  HA   sing N N 121 
HIS C   O    doub N N 122 
HIS C   OXT  sing N N 123 
HIS CB  CG   sing N N 124 
HIS CB  HB2  sing N N 125 
HIS CB  HB3  sing N N 126 
HIS CG  ND1  sing Y N 127 
HIS CG  CD2  doub Y N 128 
HIS ND1 CE1  doub Y N 129 
HIS ND1 HD1  sing N N 130 
HIS CD2 NE2  sing Y N 131 
HIS CD2 HD2  sing N N 132 
HIS CE1 NE2  sing Y N 133 
HIS CE1 HE1  sing N N 134 
HIS NE2 HE2  sing N N 135 
HIS OXT HXT  sing N N 136 
HOH O   H1   sing N N 137 
HOH O   H2   sing N N 138 
ILE N   CA   sing N N 139 
ILE N   H    sing N N 140 
ILE N   H2   sing N N 141 
ILE CA  C    sing N N 142 
ILE CA  CB   sing N N 143 
ILE CA  HA   sing N N 144 
ILE C   O    doub N N 145 
ILE C   OXT  sing N N 146 
ILE CB  CG1  sing N N 147 
ILE CB  CG2  sing N N 148 
ILE CB  HB   sing N N 149 
ILE CG1 CD1  sing N N 150 
ILE CG1 HG12 sing N N 151 
ILE CG1 HG13 sing N N 152 
ILE CG2 HG21 sing N N 153 
ILE CG2 HG22 sing N N 154 
ILE CG2 HG23 sing N N 155 
ILE CD1 HD11 sing N N 156 
ILE CD1 HD12 sing N N 157 
ILE CD1 HD13 sing N N 158 
ILE OXT HXT  sing N N 159 
LEU N   CA   sing N N 160 
LEU N   H    sing N N 161 
LEU N   H2   sing N N 162 
LEU CA  C    sing N N 163 
LEU CA  CB   sing N N 164 
LEU CA  HA   sing N N 165 
LEU C   O    doub N N 166 
LEU C   OXT  sing N N 167 
LEU CB  CG   sing N N 168 
LEU CB  HB2  sing N N 169 
LEU CB  HB3  sing N N 170 
LEU CG  CD1  sing N N 171 
LEU CG  CD2  sing N N 172 
LEU CG  HG   sing N N 173 
LEU CD1 HD11 sing N N 174 
LEU CD1 HD12 sing N N 175 
LEU CD1 HD13 sing N N 176 
LEU CD2 HD21 sing N N 177 
LEU CD2 HD22 sing N N 178 
LEU CD2 HD23 sing N N 179 
LEU OXT HXT  sing N N 180 
LYS N   CA   sing N N 181 
LYS N   H    sing N N 182 
LYS N   H2   sing N N 183 
LYS CA  C    sing N N 184 
LYS CA  CB   sing N N 185 
LYS CA  HA   sing N N 186 
LYS C   O    doub N N 187 
LYS C   OXT  sing N N 188 
LYS CB  CG   sing N N 189 
LYS CB  HB2  sing N N 190 
LYS CB  HB3  sing N N 191 
LYS CG  CD   sing N N 192 
LYS CG  HG2  sing N N 193 
LYS CG  HG3  sing N N 194 
LYS CD  CE   sing N N 195 
LYS CD  HD2  sing N N 196 
LYS CD  HD3  sing N N 197 
LYS CE  NZ   sing N N 198 
LYS CE  HE2  sing N N 199 
LYS CE  HE3  sing N N 200 
LYS NZ  HZ1  sing N N 201 
LYS NZ  HZ2  sing N N 202 
LYS NZ  HZ3  sing N N 203 
LYS OXT HXT  sing N N 204 
MET N   CA   sing N N 205 
MET N   H    sing N N 206 
MET N   H2   sing N N 207 
MET CA  C    sing N N 208 
MET CA  CB   sing N N 209 
MET CA  HA   sing N N 210 
MET C   O    doub N N 211 
MET C   OXT  sing N N 212 
MET CB  CG   sing N N 213 
MET CB  HB2  sing N N 214 
MET CB  HB3  sing N N 215 
MET CG  SD   sing N N 216 
MET CG  HG2  sing N N 217 
MET CG  HG3  sing N N 218 
MET SD  CE   sing N N 219 
MET CE  HE1  sing N N 220 
MET CE  HE2  sing N N 221 
MET CE  HE3  sing N N 222 
MET OXT HXT  sing N N 223 
PHE N   CA   sing N N 224 
PHE N   H    sing N N 225 
PHE N   H2   sing N N 226 
PHE CA  C    sing N N 227 
PHE CA  CB   sing N N 228 
PHE CA  HA   sing N N 229 
PHE C   O    doub N N 230 
PHE C   OXT  sing N N 231 
PHE CB  CG   sing N N 232 
PHE CB  HB2  sing N N 233 
PHE CB  HB3  sing N N 234 
PHE CG  CD1  doub Y N 235 
PHE CG  CD2  sing Y N 236 
PHE CD1 CE1  sing Y N 237 
PHE CD1 HD1  sing N N 238 
PHE CD2 CE2  doub Y N 239 
PHE CD2 HD2  sing N N 240 
PHE CE1 CZ   doub Y N 241 
PHE CE1 HE1  sing N N 242 
PHE CE2 CZ   sing Y N 243 
PHE CE2 HE2  sing N N 244 
PHE CZ  HZ   sing N N 245 
PHE OXT HXT  sing N N 246 
PRO N   CA   sing N N 247 
PRO N   CD   sing N N 248 
PRO N   H    sing N N 249 
PRO CA  C    sing N N 250 
PRO CA  CB   sing N N 251 
PRO CA  HA   sing N N 252 
PRO C   O    doub N N 253 
PRO C   OXT  sing N N 254 
PRO CB  CG   sing N N 255 
PRO CB  HB2  sing N N 256 
PRO CB  HB3  sing N N 257 
PRO CG  CD   sing N N 258 
PRO CG  HG2  sing N N 259 
PRO CG  HG3  sing N N 260 
PRO CD  HD2  sing N N 261 
PRO CD  HD3  sing N N 262 
PRO OXT HXT  sing N N 263 
SER N   CA   sing N N 264 
SER N   H    sing N N 265 
SER N   H2   sing N N 266 
SER CA  C    sing N N 267 
SER CA  CB   sing N N 268 
SER CA  HA   sing N N 269 
SER C   O    doub N N 270 
SER C   OXT  sing N N 271 
SER CB  OG   sing N N 272 
SER CB  HB2  sing N N 273 
SER CB  HB3  sing N N 274 
SER OG  HG   sing N N 275 
SER OXT HXT  sing N N 276 
THR N   CA   sing N N 277 
THR N   H    sing N N 278 
THR N   H2   sing N N 279 
THR CA  C    sing N N 280 
THR CA  CB   sing N N 281 
THR CA  HA   sing N N 282 
THR C   O    doub N N 283 
THR C   OXT  sing N N 284 
THR CB  OG1  sing N N 285 
THR CB  CG2  sing N N 286 
THR CB  HB   sing N N 287 
THR OG1 HG1  sing N N 288 
THR CG2 HG21 sing N N 289 
THR CG2 HG22 sing N N 290 
THR CG2 HG23 sing N N 291 
THR OXT HXT  sing N N 292 
TRP N   CA   sing N N 293 
TRP N   H    sing N N 294 
TRP N   H2   sing N N 295 
TRP CA  C    sing N N 296 
TRP CA  CB   sing N N 297 
TRP CA  HA   sing N N 298 
TRP C   O    doub N N 299 
TRP C   OXT  sing N N 300 
TRP CB  CG   sing N N 301 
TRP CB  HB2  sing N N 302 
TRP CB  HB3  sing N N 303 
TRP CG  CD1  doub Y N 304 
TRP CG  CD2  sing Y N 305 
TRP CD1 NE1  sing Y N 306 
TRP CD1 HD1  sing N N 307 
TRP CD2 CE2  doub Y N 308 
TRP CD2 CE3  sing Y N 309 
TRP NE1 CE2  sing Y N 310 
TRP NE1 HE1  sing N N 311 
TRP CE2 CZ2  sing Y N 312 
TRP CE3 CZ3  doub Y N 313 
TRP CE3 HE3  sing N N 314 
TRP CZ2 CH2  doub Y N 315 
TRP CZ2 HZ2  sing N N 316 
TRP CZ3 CH2  sing Y N 317 
TRP CZ3 HZ3  sing N N 318 
TRP CH2 HH2  sing N N 319 
TRP OXT HXT  sing N N 320 
TYR N   CA   sing N N 321 
TYR N   H    sing N N 322 
TYR N   H2   sing N N 323 
TYR CA  C    sing N N 324 
TYR CA  CB   sing N N 325 
TYR CA  HA   sing N N 326 
TYR C   O    doub N N 327 
TYR C   OXT  sing N N 328 
TYR CB  CG   sing N N 329 
TYR CB  HB2  sing N N 330 
TYR CB  HB3  sing N N 331 
TYR CG  CD1  doub Y N 332 
TYR CG  CD2  sing Y N 333 
TYR CD1 CE1  sing Y N 334 
TYR CD1 HD1  sing N N 335 
TYR CD2 CE2  doub Y N 336 
TYR CD2 HD2  sing N N 337 
TYR CE1 CZ   doub Y N 338 
TYR CE1 HE1  sing N N 339 
TYR CE2 CZ   sing Y N 340 
TYR CE2 HE2  sing N N 341 
TYR CZ  OH   sing N N 342 
TYR OH  HH   sing N N 343 
TYR OXT HXT  sing N N 344 
VAL N   CA   sing N N 345 
VAL N   H    sing N N 346 
VAL N   H2   sing N N 347 
VAL CA  C    sing N N 348 
VAL CA  CB   sing N N 349 
VAL CA  HA   sing N N 350 
VAL C   O    doub N N 351 
VAL C   OXT  sing N N 352 
VAL CB  CG1  sing N N 353 
VAL CB  CG2  sing N N 354 
VAL CB  HB   sing N N 355 
VAL CG1 HG11 sing N N 356 
VAL CG1 HG12 sing N N 357 
VAL CG1 HG13 sing N N 358 
VAL CG2 HG21 sing N N 359 
VAL CG2 HG22 sing N N 360 
VAL CG2 HG23 sing N N 361 
VAL OXT HXT  sing N N 362 
# 
_atom_sites.entry_id                    1PDO 
_atom_sites.fract_transf_matrix[1][1]   0.01050678 
_atom_sites.fract_transf_matrix[1][2]   -0.00470518 
_atom_sites.fract_transf_matrix[1][3]   0.00980524 
_atom_sites.fract_transf_matrix[2][1]   0.01343932 
_atom_sites.fract_transf_matrix[2][2]   0.00690860 
_atom_sites.fract_transf_matrix[2][3]   0.00057517 
_atom_sites.fract_transf_matrix[3][1]   -0.00400901 
_atom_sites.fract_transf_matrix[3][2]   0.00715524 
_atom_sites.fract_transf_matrix[3][3]   0.00772938 
_atom_sites.fract_transf_vector[1]      0.412518 
_atom_sites.fract_transf_vector[2]      0.307813 
_atom_sites.fract_transf_vector[3]      0.380725 
# 
loop_
_atom_type.symbol 
C 
N 
O 
S 
# 
loop_
_atom_site.group_PDB 
_atom_site.id 
_atom_site.type_symbol 
_atom_site.label_atom_id 
_atom_site.label_alt_id 
_atom_site.label_comp_id 
_atom_site.label_asym_id 
_atom_site.label_entity_id 
_atom_site.label_seq_id 
_atom_site.pdbx_PDB_ins_code 
_atom_site.Cartn_x 
_atom_site.Cartn_y 
_atom_site.Cartn_z 
_atom_site.occupancy 
_atom_site.B_iso_or_equiv 
_atom_site.pdbx_formal_charge 
_atom_site.auth_seq_id 
_atom_site.auth_comp_id 
_atom_site.auth_asym_id 
_atom_site.auth_atom_id 
_atom_site.pdbx_PDB_model_num 
ATOM   1    N N   . THR A 1 1   ? -14.357 3.059   0.109   1.00 27.62 ? 2   THR A N   1 
ATOM   2    C CA  . THR A 1 1   ? -13.127 3.855   -0.195  1.00 18.99 ? 2   THR A CA  1 
ATOM   3    C C   . THR A 1 1   ? -12.188 3.082   -1.091  1.00 21.65 ? 2   THR A C   1 
ATOM   4    O O   . THR A 1 1   ? -12.419 1.903   -1.397  1.00 16.87 ? 2   THR A O   1 
ATOM   5    C CB  . THR A 1 1   ? -12.370 4.173   1.080   1.00 27.21 ? 2   THR A CB  1 
ATOM   6    O OG1 . THR A 1 1   ? -12.028 2.937   1.732   1.00 25.80 ? 2   THR A OG1 1 
ATOM   7    C CG2 . THR A 1 1   ? -13.231 5.054   2.013   1.00 22.97 ? 2   THR A CG2 1 
ATOM   8    N N   . ILE A 1 2   ? -11.119 3.752   -1.511  1.00 12.41 ? 3   ILE A N   1 
ATOM   9    C CA  . ILE A 1 2   ? -10.116 3.116   -2.352  1.00 12.79 ? 3   ILE A CA  1 
ATOM   10   C C   . ILE A 1 2   ? -9.381  2.132   -1.448  1.00 9.49  ? 3   ILE A C   1 
ATOM   11   O O   . ILE A 1 2   ? -9.069  2.446   -0.296  1.00 14.22 ? 3   ILE A O   1 
ATOM   12   C CB  . ILE A 1 2   ? -9.126  4.157   -2.978  1.00 16.78 ? 3   ILE A CB  1 
ATOM   13   C CG1 . ILE A 1 2   ? -9.848  4.994   -4.054  1.00 14.37 ? 3   ILE A CG1 1 
ATOM   14   C CG2 . ILE A 1 2   ? -7.894  3.437   -3.625  1.00 13.15 ? 3   ILE A CG2 1 
ATOM   15   C CD1 . ILE A 1 2   ? -9.174  6.309   -4.322  1.00 14.71 ? 3   ILE A CD1 1 
ATOM   16   N N   . ALA A 1 3   ? -9.151  0.941   -1.977  1.00 10.11 ? 4   ALA A N   1 
ATOM   17   C CA  . ALA A 1 3   ? -8.487  -0.092  -1.223  1.00 8.73  ? 4   ALA A CA  1 
ATOM   18   C C   . ALA A 1 3   ? -6.979  0.153   -1.181  1.00 8.10  ? 4   ALA A C   1 
ATOM   19   O O   . ALA A 1 3   ? -6.403  0.600   -2.143  1.00 11.53 ? 4   ALA A O   1 
ATOM   20   C CB  . ALA A 1 3   ? -8.765  -1.455  -1.871  1.00 13.10 ? 4   ALA A CB  1 
ATOM   21   N N   . ILE A 1 4   ? -6.368  -0.185  -0.048  1.00 12.02 ? 5   ILE A N   1 
ATOM   22   C CA  . ILE A 1 4   ? -4.928  -0.080  0.160   1.00 6.17  ? 5   ILE A CA  1 
ATOM   23   C C   . ILE A 1 4   ? -4.391  -1.437  0.629   1.00 11.36 ? 5   ILE A C   1 
ATOM   24   O O   . ILE A 1 4   ? -4.959  -2.065  1.523   1.00 11.21 ? 5   ILE A O   1 
ATOM   25   C CB  . ILE A 1 4   ? -4.614  0.992   1.218   1.00 11.03 ? 5   ILE A CB  1 
ATOM   26   C CG1 . ILE A 1 4   ? -4.980  2.389   0.662   1.00 14.92 ? 5   ILE A CG1 1 
ATOM   27   C CG2 . ILE A 1 4   ? -3.164  0.948   1.606   1.00 12.63 ? 5   ILE A CG2 1 
ATOM   28   C CD1 . ILE A 1 4   ? -4.652  3.539   1.563   1.00 27.22 ? 5   ILE A CD1 1 
ATOM   29   N N   . VAL A 1 5   ? -3.335  -1.908  -0.020  1.00 6.25  ? 6   VAL A N   1 
ATOM   30   C CA  . VAL A 1 5   ? -2.696  -3.162  0.351   1.00 8.54  ? 6   VAL A CA  1 
ATOM   31   C C   . VAL A 1 5   ? -1.235  -2.830  0.605   1.00 10.33 ? 6   VAL A C   1 
ATOM   32   O O   . VAL A 1 5   ? -0.581  -2.213  -0.230  1.00 12.92 ? 6   VAL A O   1 
ATOM   33   C CB  . VAL A 1 5   ? -2.789  -4.240  -0.777  1.00 13.14 ? 6   VAL A CB  1 
ATOM   34   C CG1 . VAL A 1 5   ? -2.085  -5.514  -0.345  1.00 15.83 ? 6   VAL A CG1 1 
ATOM   35   C CG2 . VAL A 1 5   ? -4.259  -4.576  -1.077  1.00 16.67 ? 6   VAL A CG2 1 
ATOM   36   N N   . ILE A 1 6   ? -0.709  -3.254  1.753   1.00 8.83  ? 7   ILE A N   1 
ATOM   37   C CA  . ILE A 1 6   ? 0.683   -2.969  2.081   1.00 5.90  ? 7   ILE A CA  1 
ATOM   38   C C   . ILE A 1 6   ? 1.493   -4.246  2.003   1.00 10.31 ? 7   ILE A C   1 
ATOM   39   O O   . ILE A 1 6   ? 1.082   -5.275  2.550   1.00 10.65 ? 7   ILE A O   1 
ATOM   40   C CB  . ILE A 1 6   ? 0.813   -2.413  3.533   1.00 8.46  ? 7   ILE A CB  1 
ATOM   41   C CG1 . ILE A 1 6   ? -0.166  -1.270  3.791   1.00 9.98  ? 7   ILE A CG1 1 
ATOM   42   C CG2 . ILE A 1 6   ? 2.253   -1.953  3.802   1.00 8.26  ? 7   ILE A CG2 1 
ATOM   43   C CD1 . ILE A 1 6   ? -0.283  -0.911  5.227   1.00 17.31 ? 7   ILE A CD1 1 
ATOM   44   N N   . GLY A 1 7   ? 2.640   -4.197  1.329   1.00 8.42  ? 8   GLY A N   1 
ATOM   45   C CA  . GLY A 1 7   ? 3.496   -5.380  1.244   1.00 6.98  ? 8   GLY A CA  1 
ATOM   46   C C   . GLY A 1 7   ? 4.963   -5.032  1.430   1.00 12.14 ? 8   GLY A C   1 
ATOM   47   O O   . GLY A 1 7   ? 5.432   -4.031  0.883   1.00 10.46 ? 8   GLY A O   1 
ATOM   48   N N   . THR A 1 8   ? 5.684   -5.780  2.265   1.00 10.23 ? 9   THR A N   1 
ATOM   49   C CA  . THR A 1 8   ? 7.126   -5.537  2.448   1.00 10.33 ? 9   THR A CA  1 
ATOM   50   C C   . THR A 1 8   ? 7.809   -6.905  2.582   1.00 14.62 ? 9   THR A C   1 
ATOM   51   O O   . THR A 1 8   ? 7.140   -7.951  2.631   1.00 11.45 ? 9   THR A O   1 
ATOM   52   C CB  . THR A 1 8   ? 7.463   -4.732  3.741   1.00 8.33  ? 9   THR A CB  1 
ATOM   53   O OG1 . THR A 1 8   ? 7.294   -5.573  4.878   1.00 10.89 ? 9   THR A OG1 1 
ATOM   54   C CG2 . THR A 1 8   ? 6.546   -3.528  3.946   1.00 6.58  ? 9   THR A CG2 1 
ATOM   55   N N   . HIS A 1 9   ? 9.129   -6.922  2.422   1.00 11.96 ? 10  HIS A N   1 
ATOM   56   C CA  . HIS A 1 9   ? 9.873   -8.162  2.677   1.00 7.38  ? 10  HIS A CA  1 
ATOM   57   C C   . HIS A 1 9   ? 9.684   -8.388  4.186   1.00 7.90  ? 10  HIS A C   1 
ATOM   58   O O   . HIS A 1 9   ? 9.528   -7.442  4.954   1.00 10.69 ? 10  HIS A O   1 
ATOM   59   C CB  . HIS A 1 9   ? 11.360  -7.954  2.416   1.00 9.60  ? 10  HIS A CB  1 
ATOM   60   C CG  . HIS A 1 9   ? 11.694  -7.686  0.985   1.00 10.06 ? 10  HIS A CG  1 
ATOM   61   N ND1 . HIS A 1 9   ? 11.483  -6.461  0.386   1.00 11.04 ? 10  HIS A ND1 1 
ATOM   62   C CD2 . HIS A 1 9   ? 12.260  -8.477  0.046   1.00 12.32 ? 10  HIS A CD2 1 
ATOM   63   C CE1 . HIS A 1 9   ? 11.902  -6.506  -0.868  1.00 12.52 ? 10  HIS A CE1 1 
ATOM   64   N NE2 . HIS A 1 9   ? 12.377  -7.716  -1.096  1.00 16.74 ? 10  HIS A NE2 1 
ATOM   65   N N   . GLY A 1 10  ? 9.719   -9.626  4.633   1.00 9.89  ? 11  GLY A N   1 
ATOM   66   C CA  . GLY A 1 10  ? 9.561   -9.805  6.058   1.00 11.92 ? 11  GLY A CA  1 
ATOM   67   C C   . GLY A 1 10  ? 8.155   -9.585  6.579   1.00 15.64 ? 11  GLY A C   1 
ATOM   68   O O   . GLY A 1 10  ? 7.185   -9.861  5.874   1.00 14.75 ? 11  GLY A O   1 
ATOM   69   N N   . TRP A 1 11  ? 8.060   -9.081  7.803   1.00 11.63 ? 12  TRP A N   1 
ATOM   70   C CA  . TRP A 1 11  ? 6.804   -8.910  8.527   1.00 9.34  ? 12  TRP A CA  1 
ATOM   71   C C   . TRP A 1 11  ? 6.513   -7.476  8.959   1.00 8.21  ? 12  TRP A C   1 
ATOM   72   O O   . TRP A 1 11  ? 5.792   -7.240  9.913   1.00 14.37 ? 12  TRP A O   1 
ATOM   73   C CB  . TRP A 1 11  ? 6.882   -9.837  9.772   1.00 12.03 ? 12  TRP A CB  1 
ATOM   74   C CG  . TRP A 1 11  ? 7.282   -11.269 9.418   1.00 12.80 ? 12  TRP A CG  1 
ATOM   75   C CD1 . TRP A 1 11  ? 6.439   -12.314 9.174   1.00 15.11 ? 12  TRP A CD1 1 
ATOM   76   C CD2 . TRP A 1 11  ? 8.621   -11.795 9.198   1.00 19.75 ? 12  TRP A CD2 1 
ATOM   77   N NE1 . TRP A 1 11  ? 7.150   -13.437 8.817   1.00 17.20 ? 12  TRP A NE1 1 
ATOM   78   C CE2 . TRP A 1 11  ? 8.485   -13.152 8.823   1.00 21.53 ? 12  TRP A CE2 1 
ATOM   79   C CE3 . TRP A 1 11  ? 9.912   -11.235 9.273   1.00 27.21 ? 12  TRP A CE3 1 
ATOM   80   C CZ2 . TRP A 1 11  ? 9.580   -13.977 8.531   1.00 25.97 ? 12  TRP A CZ2 1 
ATOM   81   C CZ3 . TRP A 1 11  ? 11.014  -12.063 8.974   1.00 28.66 ? 12  TRP A CZ3 1 
ATOM   82   C CH2 . TRP A 1 11  ? 10.827  -13.421 8.609   1.00 26.89 ? 12  TRP A CH2 1 
ATOM   83   N N   . ALA A 1 12  ? 7.070   -6.502  8.242   1.00 9.42  ? 13  ALA A N   1 
ATOM   84   C CA  . ALA A 1 12  ? 6.868   -5.124  8.630   1.00 7.68  ? 13  ALA A CA  1 
ATOM   85   C C   . ALA A 1 12  ? 5.515   -4.520  8.225   1.00 10.97 ? 13  ALA A C   1 
ATOM   86   O O   . ALA A 1 12  ? 5.092   -3.554  8.853   1.00 7.68  ? 13  ALA A O   1 
ATOM   87   C CB  . ALA A 1 12  ? 8.018   -4.243  8.099   1.00 8.08  ? 13  ALA A CB  1 
ATOM   88   N N   . ALA A 1 13  ? 4.885   -5.010  7.151   1.00 9.41  ? 14  ALA A N   1 
ATOM   89   C CA  . ALA A 1 13  ? 3.626   -4.410  6.683   1.00 5.74  ? 14  ALA A CA  1 
ATOM   90   C C   . ALA A 1 13  ? 2.562   -4.345  7.772   1.00 7.04  ? 14  ALA A C   1 
ATOM   91   O O   . ALA A 1 13  ? 1.908   -3.322  7.962   1.00 6.75  ? 14  ALA A O   1 
ATOM   92   C CB  . ALA A 1 13  ? 3.113   -5.152  5.446   1.00 6.38  ? 14  ALA A CB  1 
ATOM   93   N N   . GLU A 1 14  ? 2.378   -5.440  8.496   1.00 7.35  ? 15  GLU A N   1 
ATOM   94   C CA  . GLU A 1 14  ? 1.371   -5.471  9.558   1.00 8.86  ? 15  GLU A CA  1 
ATOM   95   C C   . GLU A 1 14  ? 1.656   -4.411  10.622  1.00 8.82  ? 15  GLU A C   1 
ATOM   96   O O   . GLU A 1 14  ? 0.734   -3.751  11.099  1.00 9.22  ? 15  GLU A O   1 
ATOM   97   C CB  . GLU A 1 14  ? 1.335   -6.857  10.185  1.00 12.60 ? 15  GLU A CB  1 
ATOM   98   C CG  . GLU A 1 14  ? 0.571   -6.876  11.450  1.00 20.68 ? 15  GLU A CG  1 
ATOM   99   C CD  . GLU A 1 14  ? 0.472   -8.254  12.013  1.00 34.25 ? 15  GLU A CD  1 
ATOM   100  O OE1 . GLU A 1 14  ? 1.432   -9.052  11.848  1.00 27.27 ? 15  GLU A OE1 1 
ATOM   101  O OE2 . GLU A 1 14  ? -0.591  -8.531  12.601  1.00 28.95 ? 15  GLU A OE2 1 
ATOM   102  N N   . GLN A 1 15  ? 2.937   -4.239  10.970  1.00 7.22  ? 16  GLN A N   1 
ATOM   103  C CA  . GLN A 1 15  ? 3.322   -3.224  11.969  1.00 10.05 ? 16  GLN A CA  1 
ATOM   104  C C   . GLN A 1 15  ? 3.172   -1.774  11.480  1.00 8.72  ? 16  GLN A C   1 
ATOM   105  O O   . GLN A 1 15  ? 2.876   -0.889  12.260  1.00 10.96 ? 16  GLN A O   1 
ATOM   106  C CB  . GLN A 1 15  ? 4.749   -3.468  12.496  1.00 13.20 ? 16  GLN A CB  1 
ATOM   107  C CG  . GLN A 1 15  ? 4.883   -4.796  13.249  1.00 11.44 ? 16  GLN A CG  1 
ATOM   108  C CD  . GLN A 1 15  ? 3.825   -4.931  14.353  1.00 22.66 ? 16  GLN A CD  1 
ATOM   109  O OE1 . GLN A 1 15  ? 3.485   -3.962  15.048  1.00 20.79 ? 16  GLN A OE1 1 
ATOM   110  N NE2 . GLN A 1 15  ? 3.260   -6.130  14.478  1.00 27.55 ? 16  GLN A NE2 1 
ATOM   111  N N   . LEU A 1 16  ? 3.436   -1.525  10.194  1.00 9.56  ? 17  LEU A N   1 
ATOM   112  C CA  . LEU A 1 16  ? 3.279   -0.169  9.651   1.00 10.10 ? 17  LEU A CA  1 
ATOM   113  C C   . LEU A 1 16  ? 1.782   0.188   9.752   1.00 10.95 ? 17  LEU A C   1 
ATOM   114  O O   . LEU A 1 16  ? 1.419   1.318   10.033  1.00 12.64 ? 17  LEU A O   1 
ATOM   115  C CB  . LEU A 1 16  ? 3.754   -0.125  8.194   1.00 8.68  ? 17  LEU A CB  1 
ATOM   116  C CG  . LEU A 1 16  ? 5.247   -0.293  7.887   1.00 13.01 ? 17  LEU A CG  1 
ATOM   117  C CD1 . LEU A 1 16  ? 5.509   -0.338  6.361   1.00 12.52 ? 17  LEU A CD1 1 
ATOM   118  C CD2 . LEU A 1 16  ? 5.943   0.848   8.496   1.00 11.81 ? 17  LEU A CD2 1 
ATOM   119  N N   . LEU A 1 17  ? 0.913   -0.778  9.467   1.00 11.14 ? 18  LEU A N   1 
ATOM   120  C CA  . LEU A 1 17  ? -0.523  -0.557  9.568   1.00 9.98  ? 18  LEU A CA  1 
ATOM   121  C C   . LEU A 1 17  ? -0.893  -0.301  11.044  1.00 14.12 ? 18  LEU A C   1 
ATOM   122  O O   . LEU A 1 17  ? -1.628  0.661   11.337  1.00 10.81 ? 18  LEU A O   1 
ATOM   123  C CB  . LEU A 1 17  ? -1.265  -1.769  8.990   1.00 11.43 ? 18  LEU A CB  1 
ATOM   124  C CG  . LEU A 1 17  ? -2.787  -1.778  9.161   1.00 26.15 ? 18  LEU A CG  1 
ATOM   125  C CD1 . LEU A 1 17  ? -3.371  -0.434  8.692   1.00 22.52 ? 18  LEU A CD1 1 
ATOM   126  C CD2 . LEU A 1 17  ? -3.396  -2.952  8.400   1.00 25.21 ? 18  LEU A CD2 1 
ATOM   127  N N   . LYS A 1 18  ? -0.321  -1.098  11.962  1.00 9.44  ? 19  LYS A N   1 
ATOM   128  C CA  . LYS A 1 18  ? -0.618  -0.960  13.394  1.00 9.25  ? 19  LYS A CA  1 
ATOM   129  C C   . LYS A 1 18  ? -0.214  0.398   13.906  1.00 15.30 ? 19  LYS A C   1 
ATOM   130  O O   . LYS A 1 18  ? -0.908  1.004   14.727  1.00 13.46 ? 19  LYS A O   1 
ATOM   131  C CB  . LYS A 1 18  ? 0.101   -2.014  14.240  1.00 15.18 ? 19  LYS A CB  1 
ATOM   132  C CG  . LYS A 1 18  ? -0.467  -3.400  14.126  1.00 51.27 ? 19  LYS A CG  1 
ATOM   133  C CD  . LYS A 1 18  ? -0.261  -4.216  15.397  1.00 53.99 ? 19  LYS A CD  1 
ATOM   134  C CE  . LYS A 1 18  ? -0.594  -5.663  15.114  1.00 66.53 ? 19  LYS A CE  1 
ATOM   135  N NZ  . LYS A 1 18  ? -1.790  -5.796  14.208  1.00 75.91 ? 19  LYS A NZ  1 
ATOM   136  N N   . THR A 1 19  ? 0.928   0.870   13.414  1.00 12.11 ? 20  THR A N   1 
ATOM   137  C CA  . THR A 1 19  ? 1.443   2.168   13.787  1.00 10.03 ? 20  THR A CA  1 
ATOM   138  C C   . THR A 1 19  ? 0.466   3.237   13.307  1.00 24.48 ? 20  THR A C   1 
ATOM   139  O O   . THR A 1 19  ? 0.108   4.168   14.060  1.00 15.23 ? 20  THR A O   1 
ATOM   140  C CB  . THR A 1 19  ? 2.855   2.365   13.174  1.00 12.15 ? 20  THR A CB  1 
ATOM   141  O OG1 . THR A 1 19  ? 3.766   1.511   13.875  1.00 10.94 ? 20  THR A OG1 1 
ATOM   142  C CG2 . THR A 1 19  ? 3.338   3.834   13.280  1.00 9.87  ? 20  THR A CG2 1 
ATOM   143  N N   . ALA A 1 20  ? 0.050   3.117   12.045  1.00 12.11 ? 21  ALA A N   1 
ATOM   144  C CA  . ALA A 1 20  ? -0.907  4.078   11.503  1.00 13.00 ? 21  ALA A CA  1 
ATOM   145  C C   . ALA A 1 20  ? -2.211  4.113   12.338  1.00 14.75 ? 21  ALA A C   1 
ATOM   146  O O   . ALA A 1 20  ? -2.762  5.180   12.622  1.00 16.78 ? 21  ALA A O   1 
ATOM   147  C CB  . ALA A 1 20  ? -1.213  3.751   10.020  1.00 11.37 ? 21  ALA A CB  1 
ATOM   148  N N   . GLU A 1 21  ? -2.713  2.934   12.685  1.00 14.22 ? 22  GLU A N   1 
ATOM   149  C CA  . GLU A 1 21  ? -3.941  2.843   13.447  1.00 13.39 ? 22  GLU A CA  1 
ATOM   150  C C   . GLU A 1 21  ? -3.739  3.375   14.858  1.00 25.06 ? 22  GLU A C   1 
ATOM   151  O O   . GLU A 1 21  ? -4.702  3.740   15.512  1.00 17.53 ? 22  GLU A O   1 
ATOM   152  C CB  . GLU A 1 21  ? -4.416  1.400   13.484  1.00 11.75 ? 22  GLU A CB  1 
ATOM   153  C CG  . GLU A 1 21  ? -4.872  0.883   12.100  1.00 11.74 ? 22  GLU A CG  1 
ATOM   154  C CD  . GLU A 1 21  ? -5.452  -0.522  12.163  1.00 23.44 ? 22  GLU A CD  1 
ATOM   155  O OE1 . GLU A 1 21  ? -4.944  -1.345  12.969  1.00 24.24 ? 22  GLU A OE1 1 
ATOM   156  O OE2 . GLU A 1 21  ? -6.400  -0.807  11.405  1.00 21.63 ? 22  GLU A OE2 1 
ATOM   157  N N   . MET A 1 22  ? -2.503  3.385   15.354  1.00 19.18 ? 23  MET A N   1 
ATOM   158  C CA  . MET A 1 22  ? -2.263  3.919   16.687  1.00 16.68 ? 23  MET A CA  1 
ATOM   159  C C   . MET A 1 22  ? -2.467  5.438   16.568  1.00 18.59 ? 23  MET A C   1 
ATOM   160  O O   . MET A 1 22  ? -2.976  6.097   17.481  1.00 25.50 ? 23  MET A O   1 
ATOM   161  C CB  . MET A 1 22  ? -0.844  3.572   17.167  1.00 15.96 ? 23  MET A CB  1 
ATOM   162  C CG  . MET A 1 22  ? -0.373  4.304   18.453  1.00 56.77 ? 23  MET A CG  1 
ATOM   163  S SD  . MET A 1 22  ? 1.124   3.578   19.320  1.00 33.35 ? 23  MET A SD  1 
ATOM   164  C CE  . MET A 1 22  ? 0.865   1.772   18.582  1.00 17.98 ? 23  MET A CE  1 
ATOM   165  N N   . LEU A 1 23  ? -2.144  5.983   15.399  1.00 15.28 ? 24  LEU A N   1 
ATOM   166  C CA  . LEU A 1 23  ? -2.281  7.422   15.175  1.00 13.27 ? 24  LEU A CA  1 
ATOM   167  C C   . LEU A 1 23  ? -3.693  7.851   14.746  1.00 20.30 ? 24  LEU A C   1 
ATOM   168  O O   . LEU A 1 23  ? -4.219  8.888   15.172  1.00 18.93 ? 24  LEU A O   1 
ATOM   169  C CB  . LEU A 1 23  ? -1.252  7.871   14.107  1.00 17.20 ? 24  LEU A CB  1 
ATOM   170  C CG  . LEU A 1 23  ? 0.203   7.680   14.556  1.00 18.65 ? 24  LEU A CG  1 
ATOM   171  C CD1 . LEU A 1 23  ? 1.157   7.917   13.410  1.00 19.02 ? 24  LEU A CD1 1 
ATOM   172  C CD2 . LEU A 1 23  ? 0.473   8.643   15.706  1.00 21.34 ? 24  LEU A CD2 1 
ATOM   173  N N   . LEU A 1 24  ? -4.307  7.024   13.920  1.00 17.29 ? 25  LEU A N   1 
ATOM   174  C CA  . LEU A 1 24  ? -5.608  7.344   13.352  1.00 21.00 ? 25  LEU A CA  1 
ATOM   175  C C   . LEU A 1 24  ? -6.844  6.553   13.821  1.00 22.54 ? 25  LEU A C   1 
ATOM   176  O O   . LEU A 1 24  ? -7.967  6.930   13.480  1.00 21.40 ? 25  LEU A O   1 
ATOM   177  C CB  . LEU A 1 24  ? -5.492  7.174   11.814  1.00 13.77 ? 25  LEU A CB  1 
ATOM   178  C CG  . LEU A 1 24  ? -4.489  7.991   10.995  1.00 14.11 ? 25  LEU A CG  1 
ATOM   179  C CD1 . LEU A 1 24  ? -4.602  7.707   9.483   1.00 15.14 ? 25  LEU A CD1 1 
ATOM   180  C CD2 . LEU A 1 24  ? -4.739  9.442   11.271  1.00 23.83 ? 25  LEU A CD2 1 
ATOM   181  N N   . GLY A 1 25  ? -6.644  5.451   14.540  1.00 22.69 ? 26  GLY A N   1 
ATOM   182  C CA  . GLY A 1 25  ? -7.765  4.602   14.932  1.00 21.84 ? 26  GLY A CA  1 
ATOM   183  C C   . GLY A 1 25  ? -7.791  3.465   13.909  1.00 19.19 ? 26  GLY A C   1 
ATOM   184  O O   . GLY A 1 25  ? -7.119  3.545   12.871  1.00 16.61 ? 26  GLY A O   1 
ATOM   185  N N   . GLU A 1 26  ? -8.516  2.388   14.193  1.00 20.12 ? 27  GLU A N   1 
ATOM   186  C CA  . GLU A 1 26  ? -8.601  1.255   13.264  1.00 22.96 ? 27  GLU A CA  1 
ATOM   187  C C   . GLU A 1 26  ? -9.145  1.649   11.919  1.00 18.29 ? 27  GLU A C   1 
ATOM   188  O O   . GLU A 1 26  ? -10.116 2.398   11.793  1.00 24.02 ? 27  GLU A O   1 
ATOM   189  C CB  . GLU A 1 26  ? -9.445  0.121   13.815  1.00 32.71 ? 27  GLU A CB  1 
ATOM   190  C CG  . GLU A 1 26  ? -8.724  -0.688  14.866  1.00 68.81 ? 27  GLU A CG  1 
ATOM   191  C CD  . GLU A 1 26  ? -9.647  -1.660  15.554  1.00 82.28 ? 27  GLU A CD  1 
ATOM   192  O OE1 . GLU A 1 26  ? -10.326 -2.429  14.831  1.00 72.56 ? 27  GLU A OE1 1 
ATOM   193  O OE2 . GLU A 1 26  ? -9.708  -1.637  16.810  1.00 92.55 ? 27  GLU A OE2 1 
ATOM   194  N N   . GLN A 1 27  ? -8.514  1.074   10.914  1.00 14.96 ? 28  GLN A N   1 
ATOM   195  C CA  . GLN A 1 27  ? -8.835  1.335   9.523   1.00 18.19 ? 28  GLN A CA  1 
ATOM   196  C C   . GLN A 1 27  ? -9.579  0.196   8.865   1.00 22.95 ? 28  GLN A C   1 
ATOM   197  O O   . GLN A 1 27  ? -9.327  -0.977  9.147   1.00 26.68 ? 28  GLN A O   1 
ATOM   198  C CB  . GLN A 1 27  ? -7.534  1.575   8.749   1.00 17.18 ? 28  GLN A CB  1 
ATOM   199  C CG  . GLN A 1 27  ? -6.773  2.731   9.292   1.00 15.11 ? 28  GLN A CG  1 
ATOM   200  C CD  . GLN A 1 27  ? -7.570  4.020   9.250   1.00 20.03 ? 28  GLN A CD  1 
ATOM   201  O OE1 . GLN A 1 27  ? -7.985  4.460   8.184   1.00 26.32 ? 28  GLN A OE1 1 
ATOM   202  N NE2 . GLN A 1 27  ? -7.748  4.652   10.401  1.00 28.92 ? 28  GLN A NE2 1 
ATOM   203  N N   . GLU A 1 28  ? -10.455 0.571   7.947   1.00 16.86 ? 29  GLU A N   1 
ATOM   204  C CA  . GLU A 1 28  ? -11.241 -0.348  7.153   1.00 19.71 ? 29  GLU A CA  1 
ATOM   205  C C   . GLU A 1 28  ? -10.666 -0.351  5.734   1.00 15.22 ? 29  GLU A C   1 
ATOM   206  O O   . GLU A 1 28  ? -9.965  0.579   5.301   1.00 15.54 ? 29  GLU A O   1 
ATOM   207  C CB  . GLU A 1 28  ? -12.688 0.167   7.023   1.00 26.90 ? 29  GLU A CB  1 
ATOM   208  C CG  . GLU A 1 28  ? -13.631 -0.062  8.198   1.00 54.99 ? 29  GLU A CG  1 
ATOM   209  C CD  . GLU A 1 28  ? -14.980 0.627   7.964   1.00 63.97 ? 29  GLU A CD  1 
ATOM   210  O OE1 . GLU A 1 28  ? -15.294 0.972   6.798   1.00 63.99 ? 29  GLU A OE1 1 
ATOM   211  O OE2 . GLU A 1 28  ? -15.719 0.843   8.947   1.00 76.00 ? 29  GLU A OE2 1 
ATOM   212  N N   . ASN A 1 29  ? -10.938 -1.435  5.027   1.00 14.30 ? 30  ASN A N   1 
ATOM   213  C CA  . ASN A 1 29  ? -10.546 -1.571  3.639   1.00 12.71 ? 30  ASN A CA  1 
ATOM   214  C C   . ASN A 1 29  ? -9.051  -1.463  3.403   1.00 12.16 ? 30  ASN A C   1 
ATOM   215  O O   . ASN A 1 29  ? -8.613  -0.895  2.412   1.00 11.38 ? 30  ASN A O   1 
ATOM   216  C CB  . ASN A 1 29  ? -11.329 -0.584  2.742   1.00 10.50 ? 30  ASN A CB  1 
ATOM   217  C CG  . ASN A 1 29  ? -11.546 -1.131  1.335   1.00 11.24 ? 30  ASN A CG  1 
ATOM   218  O OD1 . ASN A 1 29  ? -11.670 -2.347  1.145   1.00 15.46 ? 30  ASN A OD1 1 
ATOM   219  N ND2 . ASN A 1 29  ? -11.571 -0.258  0.343   1.00 11.38 ? 30  ASN A ND2 1 
ATOM   220  N N   . VAL A 1 30  ? -8.282  -2.087  4.300   1.00 10.75 ? 31  VAL A N   1 
ATOM   221  C CA  . VAL A 1 30  ? -6.821  -2.135  4.195   1.00 11.40 ? 31  VAL A CA  1 
ATOM   222  C C   . VAL A 1 30  ? -6.371  -3.590  4.386   1.00 16.89 ? 31  VAL A C   1 
ATOM   223  O O   . VAL A 1 30  ? -6.863  -4.257  5.288   1.00 19.52 ? 31  VAL A O   1 
ATOM   224  C CB  . VAL A 1 30  ? -6.116  -1.279  5.270   1.00 13.86 ? 31  VAL A CB  1 
ATOM   225  C CG1 . VAL A 1 30  ? -4.605  -1.428  5.113   1.00 21.21 ? 31  VAL A CG1 1 
ATOM   226  C CG2 . VAL A 1 30  ? -6.493  0.172   5.115   1.00 16.43 ? 31  VAL A CG2 1 
ATOM   227  N N   . GLY A 1 31  ? -5.464  -4.066  3.533   1.00 7.90  ? 32  GLY A N   1 
ATOM   228  C CA  . GLY A 1 31  ? -4.941  -5.436  3.614   1.00 11.56 ? 32  GLY A CA  1 
ATOM   229  C C   . GLY A 1 31  ? -3.419  -5.408  3.658   1.00 13.59 ? 32  GLY A C   1 
ATOM   230  O O   . GLY A 1 31  ? -2.813  -4.362  3.440   1.00 10.17 ? 32  GLY A O   1 
ATOM   231  N N   . TRP A 1 32  ? -2.784  -6.520  3.980   1.00 9.16  ? 33  TRP A N   1 
ATOM   232  C CA  . TRP A 1 32  ? -1.324  -6.555  4.013   1.00 6.30  ? 33  TRP A CA  1 
ATOM   233  C C   . TRP A 1 32  ? -0.866  -7.972  3.821   1.00 15.77 ? 33  TRP A C   1 
ATOM   234  O O   . TRP A 1 32  ? -1.663  -8.913  3.958   1.00 11.05 ? 33  TRP A O   1 
ATOM   235  C CB  . TRP A 1 32  ? -0.776  -6.031  5.349   1.00 6.90  ? 33  TRP A CB  1 
ATOM   236  C CG  . TRP A 1 32  ? -1.283  -6.724  6.598   1.00 14.14 ? 33  TRP A CG  1 
ATOM   237  C CD1 . TRP A 1 32  ? -2.350  -6.348  7.381   1.00 21.74 ? 33  TRP A CD1 1 
ATOM   238  C CD2 . TRP A 1 32  ? -0.741  -7.889  7.203   1.00 11.36 ? 33  TRP A CD2 1 
ATOM   239  N NE1 . TRP A 1 32  ? -2.498  -7.210  8.433   1.00 19.93 ? 33  TRP A NE1 1 
ATOM   240  C CE2 . TRP A 1 32  ? -1.531  -8.173  8.347   1.00 14.46 ? 33  TRP A CE2 1 
ATOM   241  C CE3 . TRP A 1 32  ? 0.331   -8.725  6.900   1.00 15.72 ? 33  TRP A CE3 1 
ATOM   242  C CZ2 . TRP A 1 32  ? -1.286  -9.252  9.178   1.00 29.66 ? 33  TRP A CZ2 1 
ATOM   243  C CZ3 . TRP A 1 32  ? 0.586   -9.806  7.729   1.00 25.97 ? 33  TRP A CZ3 1 
ATOM   244  C CH2 . TRP A 1 32  ? -0.230  -10.058 8.862   1.00 22.28 ? 33  TRP A CH2 1 
ATOM   245  N N   . ILE A 1 33  ? 0.377   -8.116  3.375   1.00 9.74  ? 34  ILE A N   1 
ATOM   246  C CA  . ILE A 1 33  ? 0.977   -9.441  3.179   1.00 12.03 ? 34  ILE A CA  1 
ATOM   247  C C   . ILE A 1 33  ? 2.410   -9.457  3.704   1.00 14.84 ? 34  ILE A C   1 
ATOM   248  O O   . ILE A 1 33  ? 3.024   -8.405  3.892   1.00 11.00 ? 34  ILE A O   1 
ATOM   249  C CB  . ILE A 1 33  ? 1.039   -9.888  1.670   1.00 9.21  ? 34  ILE A CB  1 
ATOM   250  C CG1 . ILE A 1 33  ? 2.100   -9.075  0.922   1.00 14.25 ? 34  ILE A CG1 1 
ATOM   251  C CG2 . ILE A 1 33  ? -0.381  -9.866  1.019   1.00 9.35  ? 34  ILE A CG2 1 
ATOM   252  C CD1 . ILE A 1 33  ? 2.779   -9.801  -0.201  1.00 20.09 ? 34  ILE A CD1 1 
ATOM   253  N N   . ASP A 1 34  ? 2.910   -10.656 3.984   1.00 11.90 ? 35  ASP A N   1 
ATOM   254  C CA  . ASP A 1 34  ? 4.305   -10.794 4.363   1.00 11.92 ? 35  ASP A CA  1 
ATOM   255  C C   . ASP A 1 34  ? 5.053   -11.563 3.287   1.00 10.15 ? 35  ASP A C   1 
ATOM   256  O O   . ASP A 1 34  ? 4.456   -12.138 2.390   1.00 12.87 ? 35  ASP A O   1 
ATOM   257  C CB  . ASP A 1 34  ? 4.520   -11.354 5.792   1.00 18.75 ? 35  ASP A CB  1 
ATOM   258  C CG  . ASP A 1 34  ? 3.633   -12.505 6.138   1.00 25.88 ? 35  ASP A CG  1 
ATOM   259  O OD1 . ASP A 1 34  ? 3.507   -13.410 5.297   1.00 34.25 ? 35  ASP A OD1 1 
ATOM   260  O OD2 . ASP A 1 34  ? 3.084   -12.502 7.269   1.00 42.66 ? 35  ASP A OD2 1 
ATOM   261  N N   . PHE A 1 35  ? 6.373   -11.475 3.300   1.00 13.45 ? 36  PHE A N   1 
ATOM   262  C CA  . PHE A 1 35  ? 7.172   -12.174 2.333   1.00 9.52  ? 36  PHE A CA  1 
ATOM   263  C C   . PHE A 1 35  ? 8.307   -12.837 3.096   1.00 9.24  ? 36  PHE A C   1 
ATOM   264  O O   . PHE A 1 35  ? 9.119   -12.188 3.754   1.00 14.02 ? 36  PHE A O   1 
ATOM   265  C CB  . PHE A 1 35  ? 7.645   -11.212 1.246   1.00 13.17 ? 36  PHE A CB  1 
ATOM   266  C CG  . PHE A 1 35  ? 8.621   -11.810 0.263   1.00 14.34 ? 36  PHE A CG  1 
ATOM   267  C CD1 . PHE A 1 35  ? 8.388   -13.041 -0.349  1.00 20.01 ? 36  PHE A CD1 1 
ATOM   268  C CD2 . PHE A 1 35  ? 9.793   -11.138 -0.048  1.00 25.34 ? 36  PHE A CD2 1 
ATOM   269  C CE1 . PHE A 1 35  ? 9.320   -13.584 -1.243  1.00 18.27 ? 36  PHE A CE1 1 
ATOM   270  C CE2 . PHE A 1 35  ? 10.724  -11.681 -0.942  1.00 39.57 ? 36  PHE A CE2 1 
ATOM   271  C CZ  . PHE A 1 35  ? 10.484  -12.907 -1.537  1.00 24.34 ? 36  PHE A CZ  1 
ATOM   272  N N   . VAL A 1 36  ? 8.304   -14.160 3.023   1.00 13.84 ? 37  VAL A N   1 
ATOM   273  C CA  . VAL A 1 36  ? 9.250   -15.006 3.736   1.00 19.67 ? 37  VAL A CA  1 
ATOM   274  C C   . VAL A 1 36  ? 10.264  -15.627 2.770   1.00 15.73 ? 37  VAL A C   1 
ATOM   275  O O   . VAL A 1 36  ? 9.915   -15.941 1.627   1.00 17.77 ? 37  VAL A O   1 
ATOM   276  C CB  . VAL A 1 36  ? 8.441   -16.136 4.508   1.00 23.09 ? 37  VAL A CB  1 
ATOM   277  C CG1 . VAL A 1 36  ? 9.365   -17.080 5.239   1.00 31.70 ? 37  VAL A CG1 1 
ATOM   278  C CG2 . VAL A 1 36  ? 7.481   -15.498 5.498   1.00 17.76 ? 37  VAL A CG2 1 
ATOM   279  N N   . PRO A 1 37  ? 11.529  -15.811 3.208   1.00 21.98 ? 38  PRO A N   1 
ATOM   280  C CA  . PRO A 1 37  ? 12.541  -16.413 2.326   1.00 22.21 ? 38  PRO A CA  1 
ATOM   281  C C   . PRO A 1 37  ? 12.021  -17.783 1.879   1.00 17.38 ? 38  PRO A C   1 
ATOM   282  O O   . PRO A 1 37  ? 11.518  -18.545 2.710   1.00 18.58 ? 38  PRO A O   1 
ATOM   283  C CB  . PRO A 1 37  ? 13.730  -16.574 3.264   1.00 26.54 ? 38  PRO A CB  1 
ATOM   284  C CG  . PRO A 1 37  ? 13.582  -15.414 4.162   1.00 19.12 ? 38  PRO A CG  1 
ATOM   285  C CD  . PRO A 1 37  ? 12.126  -15.476 4.511   1.00 22.26 ? 38  PRO A CD  1 
ATOM   286  N N   . GLY A 1 38  ? 12.176  -18.077 0.590   1.00 19.05 ? 39  GLY A N   1 
ATOM   287  C CA  . GLY A 1 38  ? 11.671  -19.325 0.040   1.00 18.72 ? 39  GLY A CA  1 
ATOM   288  C C   . GLY A 1 38  ? 10.480  -19.052 -0.866  1.00 28.22 ? 39  GLY A C   1 
ATOM   289  O O   . GLY A 1 38  ? 10.189  -19.830 -1.777  1.00 30.37 ? 39  GLY A O   1 
ATOM   290  N N   . GLU A 1 39  ? 9.779   -17.947 -0.626  1.00 19.87 ? 40  GLU A N   1 
ATOM   291  C CA  . GLU A 1 39  ? 8.641   -17.601 -1.466  1.00 19.92 ? 40  GLU A CA  1 
ATOM   292  C C   . GLU A 1 39  ? 9.122   -16.852 -2.725  1.00 20.01 ? 40  GLU A C   1 
ATOM   293  O O   . GLU A 1 39  ? 10.234  -16.323 -2.771  1.00 27.06 ? 40  GLU A O   1 
ATOM   294  C CB  . GLU A 1 39  ? 7.660   -16.753 -0.669  1.00 13.72 ? 40  GLU A CB  1 
ATOM   295  C CG  . GLU A 1 39  ? 7.068   -17.529 0.479   1.00 13.98 ? 40  GLU A CG  1 
ATOM   296  C CD  . GLU A 1 39  ? 6.179   -16.688 1.372   1.00 17.44 ? 40  GLU A CD  1 
ATOM   297  O OE1 . GLU A 1 39  ? 6.341   -15.461 1.423   1.00 16.75 ? 40  GLU A OE1 1 
ATOM   298  O OE2 . GLU A 1 39  ? 5.316   -17.255 2.069   1.00 24.69 ? 40  GLU A OE2 1 
ATOM   299  N N   . ASN A 1 40  ? 8.309   -16.878 -3.767  1.00 22.19 ? 41  ASN A N   1 
ATOM   300  C CA  . ASN A 1 40  ? 8.627   -16.197 -5.020  1.00 49.73 ? 41  ASN A CA  1 
ATOM   301  C C   . ASN A 1 40  ? 7.476   -15.257 -5.362  1.00 29.54 ? 41  ASN A C   1 
ATOM   302  O O   . ASN A 1 40  ? 6.522   -15.168 -4.604  1.00 17.25 ? 41  ASN A O   1 
ATOM   303  C CB  . ASN A 1 40  ? 8.914   -17.214 -6.149  1.00 33.27 ? 41  ASN A CB  1 
ATOM   304  C CG  . ASN A 1 40  ? 7.669   -17.944 -6.660  1.00 36.90 ? 41  ASN A CG  1 
ATOM   305  O OD1 . ASN A 1 40  ? 6.669   -18.082 -5.965  1.00 38.71 ? 41  ASN A OD1 1 
ATOM   306  N ND2 . ASN A 1 40  ? 7.752   -18.444 -7.893  1.00 67.03 ? 41  ASN A ND2 1 
ATOM   307  N N   . ALA A 1 41  ? 7.578   -14.529 -6.467  1.00 36.48 ? 42  ALA A N   1 
ATOM   308  C CA  . ALA A 1 41  ? 6.539   -13.588 -6.855  1.00 20.32 ? 42  ALA A CA  1 
ATOM   309  C C   . ALA A 1 41  ? 5.192   -14.243 -7.052  1.00 15.71 ? 42  ALA A C   1 
ATOM   310  O O   . ALA A 1 41  ? 4.169   -13.629 -6.762  1.00 21.22 ? 42  ALA A O   1 
ATOM   311  C CB  . ALA A 1 41  ? 6.940   -12.844 -8.107  1.00 22.11 ? 42  ALA A CB  1 
ATOM   312  N N   . GLU A 1 42  ? 5.181   -15.471 -7.559  1.00 12.87 ? 43  GLU A N   1 
ATOM   313  C CA  . GLU A 1 42  ? 3.923   -16.177 -7.798  1.00 17.38 ? 43  GLU A CA  1 
ATOM   314  C C   . GLU A 1 42  ? 3.169   -16.471 -6.496  1.00 20.04 ? 43  GLU A C   1 
ATOM   315  O O   . GLU A 1 42  ? 1.949   -16.347 -6.410  1.00 19.00 ? 43  GLU A O   1 
ATOM   316  C CB  . GLU A 1 42  ? 4.189   -17.398 -8.670  1.00 28.45 ? 43  GLU A CB  1 
ATOM   317  C CG  . GLU A 1 42  ? 5.128   -16.973 -9.803  1.00 47.43 ? 43  GLU A CG  1 
ATOM   318  C CD  . GLU A 1 42  ? 5.001   -17.770 -11.079 1.00 72.38 ? 43  GLU A CD  1 
ATOM   319  O OE1 . GLU A 1 42  ? 4.972   -19.020 -11.004 1.00 89.83 ? 43  GLU A OE1 1 
ATOM   320  O OE2 . GLU A 1 42  ? 4.974   -17.139 -12.167 1.00 82.21 ? 43  GLU A OE2 1 
ATOM   321  N N   . THR A 1 43  ? 3.921   -16.779 -5.445  1.00 19.65 ? 44  THR A N   1 
ATOM   322  C CA  . THR A 1 43  ? 3.339   -17.004 -4.127  1.00 19.89 ? 44  THR A CA  1 
ATOM   323  C C   . THR A 1 43  ? 2.720   -15.678 -3.710  1.00 13.81 ? 44  THR A C   1 
ATOM   324  O O   . THR A 1 43  ? 1.601   -15.640 -3.224  1.00 15.35 ? 44  THR A O   1 
ATOM   325  C CB  . THR A 1 43  ? 4.428   -17.305 -3.045  1.00 20.59 ? 44  THR A CB  1 
ATOM   326  O OG1 . THR A 1 43  ? 5.181   -18.460 -3.403  1.00 36.01 ? 44  THR A OG1 1 
ATOM   327  C CG2 . THR A 1 43  ? 3.756   -17.533 -1.692  1.00 18.57 ? 44  THR A CG2 1 
ATOM   328  N N   . LEU A 1 44  ? 3.481   -14.589 -3.865  1.00 8.95  ? 45  LEU A N   1 
ATOM   329  C CA  . LEU A 1 44  ? 2.990   -13.296 -3.455  1.00 10.07 ? 45  LEU A CA  1 
ATOM   330  C C   . LEU A 1 44  ? 1.757   -12.857 -4.229  1.00 10.90 ? 45  LEU A C   1 
ATOM   331  O O   . LEU A 1 44  ? 0.888   -12.192 -3.649  1.00 11.46 ? 45  LEU A O   1 
ATOM   332  C CB  . LEU A 1 44  ? 4.093   -12.237 -3.528  1.00 14.94 ? 45  LEU A CB  1 
ATOM   333  C CG  . LEU A 1 44  ? 5.381   -12.447 -2.707  1.00 18.04 ? 45  LEU A CG  1 
ATOM   334  C CD1 . LEU A 1 44  ? 6.231   -11.165 -2.746  1.00 18.57 ? 45  LEU A CD1 1 
ATOM   335  C CD2 . LEU A 1 44  ? 5.029   -12.786 -1.259  1.00 14.68 ? 45  LEU A CD2 1 
ATOM   336  N N   . ILE A 1 45  ? 1.702   -13.161 -5.522  1.00 13.39 ? 46  ILE A N   1 
ATOM   337  C CA  . ILE A 1 45  ? 0.514   -12.788 -6.307  1.00 11.79 ? 46  ILE A CA  1 
ATOM   338  C C   . ILE A 1 45  ? -0.709  -13.438 -5.676  1.00 9.45  ? 46  ILE A C   1 
ATOM   339  O O   . ILE A 1 45  ? -1.737  -12.782 -5.494  1.00 13.71 ? 46  ILE A O   1 
ATOM   340  C CB  . ILE A 1 45  ? 0.631   -13.164 -7.797  1.00 13.27 ? 46  ILE A CB  1 
ATOM   341  C CG1 . ILE A 1 45  ? 1.637   -12.235 -8.477  1.00 14.98 ? 46  ILE A CG1 1 
ATOM   342  C CG2 . ILE A 1 45  ? -0.727  -13.069 -8.479  1.00 10.08 ? 46  ILE A CG2 1 
ATOM   343  C CD1 . ILE A 1 45  ? 2.022   -12.621 -9.867  1.00 15.61 ? 46  ILE A CD1 1 
ATOM   344  N N   . GLU A 1 46  ? -0.588  -14.707 -5.287  1.00 13.02 ? 47  GLU A N   1 
ATOM   345  C CA  . GLU A 1 46  ? -1.716  -15.387 -4.641  1.00 11.21 ? 47  GLU A CA  1 
ATOM   346  C C   . GLU A 1 46  ? -2.074  -14.717 -3.344  1.00 9.27  ? 47  GLU A C   1 
ATOM   347  O O   . GLU A 1 46  ? -3.258  -14.533 -3.045  1.00 11.25 ? 47  GLU A O   1 
ATOM   348  C CB  . GLU A 1 46  ? -1.409  -16.863 -4.356  1.00 15.61 ? 47  GLU A CB  1 
ATOM   349  C CG  . GLU A 1 46  ? -1.271  -17.711 -5.576  1.00 54.20 ? 47  GLU A CG  1 
ATOM   350  C CD  . GLU A 1 46  ? -2.274  -17.373 -6.678  1.00 68.42 ? 47  GLU A CD  1 
ATOM   351  O OE1 . GLU A 1 46  ? -3.510  -17.519 -6.472  1.00 39.14 ? 47  GLU A OE1 1 
ATOM   352  O OE2 . GLU A 1 46  ? -1.801  -16.990 -7.774  1.00 47.12 ? 47  GLU A OE2 1 
ATOM   353  N N   . LYS A 1 47  ? -1.061  -14.348 -2.556  1.00 8.02  ? 48  LYS A N   1 
ATOM   354  C CA  . LYS A 1 47  ? -1.344  -13.690 -1.295  1.00 11.01 ? 48  LYS A CA  1 
ATOM   355  C C   . LYS A 1 47  ? -2.080  -12.362 -1.510  1.00 7.41  ? 48  LYS A C   1 
ATOM   356  O O   . LYS A 1 47  ? -2.983  -12.012 -0.740  1.00 8.30  ? 48  LYS A O   1 
ATOM   357  C CB  . LYS A 1 47  ? -0.067  -13.433 -0.471  1.00 10.94 ? 48  LYS A CB  1 
ATOM   358  C CG  . LYS A 1 47  ? 0.593   -14.677 0.165   1.00 16.45 ? 48  LYS A CG  1 
ATOM   359  C CD  . LYS A 1 47  ? 1.745   -14.203 1.079   1.00 16.50 ? 48  LYS A CD  1 
ATOM   360  C CE  . LYS A 1 47  ? 2.570   -15.346 1.594   1.00 22.01 ? 48  LYS A CE  1 
ATOM   361  N NZ  . LYS A 1 47  ? 3.654   -14.862 2.495   1.00 13.11 ? 48  LYS A NZ  1 
ATOM   362  N N   . TYR A 1 48  ? -1.609  -11.579 -2.483  1.00 8.88  ? 49  TYR A N   1 
ATOM   363  C CA  . TYR A 1 48  ? -2.259  -10.307 -2.775  1.00 8.46  ? 49  TYR A CA  1 
ATOM   364  C C   . TYR A 1 48  ? -3.724  -10.559 -3.202  1.00 7.79  ? 49  TYR A C   1 
ATOM   365  O O   . TYR A 1 48  ? -4.635  -9.882  -2.725  1.00 8.60  ? 49  TYR A O   1 
ATOM   366  C CB  . TYR A 1 48  ? -1.526  -9.577  -3.903  1.00 7.74  ? 49  TYR A CB  1 
ATOM   367  C CG  . TYR A 1 48  ? -0.301  -8.804  -3.490  1.00 9.21  ? 49  TYR A CG  1 
ATOM   368  C CD1 . TYR A 1 48  ? -0.335  -7.919  -2.411  1.00 9.48  ? 49  TYR A CD1 1 
ATOM   369  C CD2 . TYR A 1 48  ? 0.862   -8.889  -4.234  1.00 13.32 ? 49  TYR A CD2 1 
ATOM   370  C CE1 . TYR A 1 48  ? 0.789   -7.112  -2.087  1.00 10.47 ? 49  TYR A CE1 1 
ATOM   371  C CE2 . TYR A 1 48  ? 1.986   -8.095  -3.922  1.00 10.75 ? 49  TYR A CE2 1 
ATOM   372  C CZ  . TYR A 1 48  ? 1.930   -7.213  -2.856  1.00 6.49  ? 49  TYR A CZ  1 
ATOM   373  O OH  . TYR A 1 48  ? 3.011   -6.443  -2.570  1.00 12.21 ? 49  TYR A OH  1 
ATOM   374  N N   . ASN A 1 49  ? -3.932  -11.541 -4.092  1.00 11.27 ? 50  ASN A N   1 
ATOM   375  C CA  . ASN A 1 49  ? -5.281  -11.842 -4.562  1.00 8.31  ? 50  ASN A CA  1 
ATOM   376  C C   . ASN A 1 49  ? -6.218  -12.246 -3.451  1.00 10.04 ? 50  ASN A C   1 
ATOM   377  O O   . ASN A 1 49  ? -7.369  -11.819 -3.432  1.00 9.99  ? 50  ASN A O   1 
ATOM   378  C CB  . ASN A 1 49  ? -5.265  -12.891 -5.661  1.00 7.22  ? 50  ASN A CB  1 
ATOM   379  C CG  . ASN A 1 49  ? -4.872  -12.318 -6.975  1.00 14.54 ? 50  ASN A CG  1 
ATOM   380  O OD1 . ASN A 1 49  ? -5.019  -11.134 -7.200  1.00 18.48 ? 50  ASN A OD1 1 
ATOM   381  N ND2 . ASN A 1 49  ? -4.355  -13.145 -7.848  1.00 20.61 ? 50  ASN A ND2 1 
ATOM   382  N N   . ALA A 1 50  ? -5.719  -13.042 -2.504  1.00 11.09 ? 51  ALA A N   1 
ATOM   383  C CA  . ALA A 1 50  ? -6.544  -13.459 -1.384  1.00 10.25 ? 51  ALA A CA  1 
ATOM   384  C C   . ALA A 1 50  ? -6.931  -12.249 -0.536  1.00 10.09 ? 51  ALA A C   1 
ATOM   385  O O   . ALA A 1 50  ? -8.020  -12.182 0.023   1.00 9.70  ? 51  ALA A O   1 
ATOM   386  C CB  . ALA A 1 50  ? -5.812  -14.511 -0.561  1.00 9.34  ? 51  ALA A CB  1 
ATOM   387  N N   . GLN A 1 51  ? -6.021  -11.286 -0.415  1.00 7.08  ? 52  GLN A N   1 
ATOM   388  C CA  . GLN A 1 51  ? -6.339  -10.089 0.349   1.00 7.17  ? 52  GLN A CA  1 
ATOM   389  C C   . GLN A 1 51  ? -7.385  -9.234  -0.409  1.00 6.12  ? 52  GLN A C   1 
ATOM   390  O O   . GLN A 1 51  ? -8.345  -8.741  0.181   1.00 10.93 ? 52  GLN A O   1 
ATOM   391  C CB  . GLN A 1 51  ? -5.065  -9.270  0.568   1.00 13.71 ? 52  GLN A CB  1 
ATOM   392  C CG  . GLN A 1 51  ? -4.059  -9.863  1.569   1.00 11.87 ? 52  GLN A CG  1 
ATOM   393  C CD  . GLN A 1 51  ? -4.656  -9.965  2.954   1.00 21.46 ? 52  GLN A CD  1 
ATOM   394  O OE1 . GLN A 1 51  ? -4.793  -11.056 3.486   1.00 25.73 ? 52  GLN A OE1 1 
ATOM   395  N NE2 . GLN A 1 51  ? -5.099  -8.835  3.501   1.00 12.05 ? 52  GLN A NE2 1 
ATOM   396  N N   . LEU A 1 52  ? -7.188  -9.084  -1.716  1.00 11.06 ? 53  LEU A N   1 
ATOM   397  C CA  . LEU A 1 52  ? -8.098  -8.289  -2.558  1.00 12.72 ? 53  LEU A CA  1 
ATOM   398  C C   . LEU A 1 52  ? -9.529  -8.831  -2.528  1.00 12.12 ? 53  LEU A C   1 
ATOM   399  O O   . LEU A 1 52  ? -10.486 -8.064  -2.483  1.00 10.65 ? 53  LEU A O   1 
ATOM   400  C CB  . LEU A 1 52  ? -7.591  -8.225  -3.999  1.00 8.10  ? 53  LEU A CB  1 
ATOM   401  C CG  . LEU A 1 52  ? -6.318  -7.391  -4.189  1.00 13.91 ? 53  LEU A CG  1 
ATOM   402  C CD1 . LEU A 1 52  ? -5.779  -7.537  -5.612  1.00 19.00 ? 53  LEU A CD1 1 
ATOM   403  C CD2 . LEU A 1 52  ? -6.660  -5.933  -3.840  1.00 14.59 ? 53  LEU A CD2 1 
ATOM   404  N N   . ALA A 1 53  ? -9.668  -10.152 -2.501  1.00 11.05 ? 54  ALA A N   1 
ATOM   405  C CA  . ALA A 1 53  ? -11.013 -10.764 -2.442  1.00 10.31 ? 54  ALA A CA  1 
ATOM   406  C C   . ALA A 1 53  ? -11.852 -10.239 -1.272  1.00 13.43 ? 54  ALA A C   1 
ATOM   407  O O   . ALA A 1 53  ? -13.090 -10.297 -1.299  1.00 15.55 ? 54  ALA A O   1 
ATOM   408  C CB  . ALA A 1 53  ? -10.884 -12.291 -2.351  1.00 9.05  ? 54  ALA A CB  1 
ATOM   409  N N   . LYS A 1 54  ? -11.169 -9.792  -0.221  1.00 9.53  ? 55  LYS A N   1 
ATOM   410  C CA  . LYS A 1 54  ? -11.822 -9.294  0.976   1.00 11.64 ? 55  LYS A CA  1 
ATOM   411  C C   . LYS A 1 54  ? -11.980 -7.785  0.986   1.00 17.88 ? 55  LYS A C   1 
ATOM   412  O O   . LYS A 1 54  ? -12.584 -7.233  1.914   1.00 20.19 ? 55  LYS A O   1 
ATOM   413  C CB  . LYS A 1 54  ? -11.018 -9.698  2.210   1.00 18.95 ? 55  LYS A CB  1 
ATOM   414  C CG  . LYS A 1 54  ? -10.667 -11.161 2.296   1.00 32.06 ? 55  LYS A CG  1 
ATOM   415  C CD  . LYS A 1 54  ? -9.578  -11.343 3.357   1.00 58.85 ? 55  LYS A CD  1 
ATOM   416  C CE  . LYS A 1 54  ? -9.091  -12.788 3.478   1.00 53.41 ? 55  LYS A CE  1 
ATOM   417  N NZ  . LYS A 1 54  ? -7.863  -13.066 2.674   1.00 32.22 ? 55  LYS A NZ  1 
ATOM   418  N N   . LEU A 1 55  ? -11.427 -7.126  -0.024  1.00 14.73 ? 56  LEU A N   1 
ATOM   419  C CA  . LEU A 1 55  ? -11.485 -5.666  -0.076  1.00 17.40 ? 56  LEU A CA  1 
ATOM   420  C C   . LEU A 1 55  ? -12.468 -5.141  -1.100  1.00 16.20 ? 56  LEU A C   1 
ATOM   421  O O   . LEU A 1 55  ? -12.849 -5.867  -2.020  1.00 18.18 ? 56  LEU A O   1 
ATOM   422  C CB  . LEU A 1 55  ? -10.089 -5.094  -0.390  1.00 13.25 ? 56  LEU A CB  1 
ATOM   423  C CG  . LEU A 1 55  ? -8.984  -5.475  0.615   1.00 16.96 ? 56  LEU A CG  1 
ATOM   424  C CD1 . LEU A 1 55  ? -7.608  -5.031  0.095   1.00 14.66 ? 56  LEU A CD1 1 
ATOM   425  C CD2 . LEU A 1 55  ? -9.295  -4.868  1.997   1.00 16.09 ? 56  LEU A CD2 1 
ATOM   426  N N   . ASP A 1 56  ? -12.916 -3.894  -0.892  1.00 15.49 ? 57  ASP A N   1 
ATOM   427  C CA  . ASP A 1 56  ? -13.800 -3.222  -1.841  1.00 13.22 ? 57  ASP A CA  1 
ATOM   428  C C   . ASP A 1 56  ? -12.828 -2.549  -2.772  1.00 9.96  ? 57  ASP A C   1 
ATOM   429  O O   . ASP A 1 56  ? -12.187 -1.582  -2.397  1.00 14.84 ? 57  ASP A O   1 
ATOM   430  C CB  . ASP A 1 56  ? -14.635 -2.146  -1.167  1.00 16.45 ? 57  ASP A CB  1 
ATOM   431  C CG  . ASP A 1 56  ? -15.440 -1.320  -2.167  1.00 17.97 ? 57  ASP A CG  1 
ATOM   432  O OD1 . ASP A 1 56  ? -15.277 -1.473  -3.405  1.00 22.46 ? 57  ASP A OD1 1 
ATOM   433  O OD2 . ASP A 1 56  ? -16.234 -0.500  -1.688  1.00 30.46 ? 57  ASP A OD2 1 
ATOM   434  N N   . THR A 1 57  ? -12.732 -3.079  -3.977  1.00 12.81 ? 58  THR A N   1 
ATOM   435  C CA  . THR A 1 57  ? -11.817 -2.592  -4.990  1.00 12.37 ? 58  THR A CA  1 
ATOM   436  C C   . THR A 1 57  ? -12.566 -1.845  -6.090  1.00 11.95 ? 58  THR A C   1 
ATOM   437  O O   . THR A 1 57  ? -11.999 -1.561  -7.140  1.00 14.17 ? 58  THR A O   1 
ATOM   438  C CB  . THR A 1 57  ? -11.033 -3.777  -5.634  1.00 17.74 ? 58  THR A CB  1 
ATOM   439  O OG1 . THR A 1 57  ? -11.954 -4.662  -6.277  1.00 19.64 ? 58  THR A OG1 1 
ATOM   440  C CG2 . THR A 1 57  ? -10.288 -4.576  -4.569  1.00 11.21 ? 58  THR A CG2 1 
ATOM   441  N N   . THR A 1 58  ? -13.810 -1.475  -5.835  1.00 19.52 ? 59  THR A N   1 
ATOM   442  C CA  . THR A 1 58  ? -14.577 -0.799  -6.882  1.00 20.48 ? 59  THR A CA  1 
ATOM   443  C C   . THR A 1 58  ? -14.041 0.556   -7.318  1.00 18.81 ? 59  THR A C   1 
ATOM   444  O O   . THR A 1 58  ? -14.176 0.911   -8.485  1.00 27.47 ? 59  THR A O   1 
ATOM   445  C CB  . THR A 1 58  ? -16.058 -0.675  -6.523  1.00 17.70 ? 59  THR A CB  1 
ATOM   446  O OG1 . THR A 1 58  ? -16.205 0.031   -5.302  1.00 18.81 ? 59  THR A OG1 1 
ATOM   447  C CG2 . THR A 1 58  ? -16.677 -2.038  -6.360  1.00 23.54 ? 59  THR A CG2 1 
ATOM   448  N N   . LYS A 1 59  ? -13.471 1.307   -6.388  1.00 15.60 ? 60  LYS A N   1 
ATOM   449  C CA  . LYS A 1 59  ? -12.903 2.633   -6.696  1.00 16.05 ? 60  LYS A CA  1 
ATOM   450  C C   . LYS A 1 59  ? -11.426 2.557   -7.054  1.00 24.36 ? 60  LYS A C   1 
ATOM   451  O O   . LYS A 1 59  ? -10.826 3.534   -7.484  1.00 22.73 ? 60  LYS A O   1 
ATOM   452  C CB  . LYS A 1 59  ? -13.095 3.584   -5.517  1.00 15.53 ? 60  LYS A CB  1 
ATOM   453  C CG  . LYS A 1 59  ? -14.553 3.850   -5.190  1.00 23.83 ? 60  LYS A CG  1 
ATOM   454  C CD  . LYS A 1 59  ? -14.738 4.926   -4.131  1.00 31.99 ? 60  LYS A CD  1 
ATOM   455  C CE  . LYS A 1 59  ? -16.216 5.112   -3.842  0.00 14.85 ? 60  LYS A CE  1 
ATOM   456  N NZ  . LYS A 1 59  ? -16.984 5.385   -5.092  0.00 15.06 ? 60  LYS A NZ  1 
ATOM   457  N N   . GLY A 1 60  ? -10.825 1.399   -6.858  1.00 19.93 ? 61  GLY A N   1 
ATOM   458  C CA  . GLY A 1 60  ? -9.422  1.260   -7.185  1.00 18.49 ? 61  GLY A CA  1 
ATOM   459  C C   . GLY A 1 60  ? -8.608  0.613   -6.081  1.00 15.09 ? 61  GLY A C   1 
ATOM   460  O O   . GLY A 1 60  ? -9.127  0.396   -4.974  1.00 10.50 ? 61  GLY A O   1 
ATOM   461  N N   . VAL A 1 61  ? -7.339  0.311   -6.389  1.00 13.65 ? 62  VAL A N   1 
ATOM   462  C CA  . VAL A 1 61  ? -6.434  -0.334  -5.433  1.00 11.67 ? 62  VAL A CA  1 
ATOM   463  C C   . VAL A 1 61  ? -5.049  0.299   -5.547  1.00 8.64  ? 62  VAL A C   1 
ATOM   464  O O   . VAL A 1 61  ? -4.504  0.438   -6.663  1.00 10.58 ? 62  VAL A O   1 
ATOM   465  C CB  . VAL A 1 61  ? -6.250  -1.844  -5.734  1.00 12.49 ? 62  VAL A CB  1 
ATOM   466  C CG1 . VAL A 1 61  ? -5.308  -2.477  -4.719  1.00 18.34 ? 62  VAL A CG1 1 
ATOM   467  C CG2 . VAL A 1 61  ? -7.569  -2.544  -5.687  1.00 14.62 ? 62  VAL A CG2 1 
ATOM   468  N N   . LEU A 1 62  ? -4.526  0.671   -4.378  1.00 7.84  ? 63  LEU A N   1 
ATOM   469  C CA  . LEU A 1 62  ? -3.205  1.249   -4.246  1.00 10.27 ? 63  LEU A CA  1 
ATOM   470  C C   . LEU A 1 62  ? -2.330  0.283   -3.414  1.00 9.99  ? 63  LEU A C   1 
ATOM   471  O O   . LEU A 1 62  ? -2.658  -0.020  -2.254  1.00 11.27 ? 63  LEU A O   1 
ATOM   472  C CB  A LEU A 1 62  ? -3.294  2.603   -3.535  0.67 17.02 ? 63  LEU A CB  1 
ATOM   473  C CB  B LEU A 1 62  ? -3.313  2.614   -3.566  0.59 17.11 ? 63  LEU A CB  1 
ATOM   474  C CG  A LEU A 1 62  ? -2.921  3.855   -4.322  0.67 27.20 ? 63  LEU A CG  1 
ATOM   475  C CG  B LEU A 1 62  ? -2.059  3.473   -3.462  0.59 20.10 ? 63  LEU A CG  1 
ATOM   476  C CD1 A LEU A 1 62  ? -3.041  5.064   -3.426  0.67 29.51 ? 63  LEU A CD1 1 
ATOM   477  C CD1 B LEU A 1 62  ? -1.446  3.661   -4.830  0.59 23.23 ? 63  LEU A CD1 1 
ATOM   478  C CD2 A LEU A 1 62  ? -1.504  3.727   -4.821  0.67 25.14 ? 63  LEU A CD2 1 
ATOM   479  C CD2 B LEU A 1 62  ? -2.430  4.811   -2.861  0.59 18.26 ? 63  LEU A CD2 1 
ATOM   480  N N   . PHE A 1 63  ? -1.317  -0.291  -4.064  1.00 7.32  ? 64  PHE A N   1 
ATOM   481  C CA  . PHE A 1 63  ? -0.370  -1.176  -3.393  1.00 8.76  ? 64  PHE A CA  1 
ATOM   482  C C   . PHE A 1 63  ? 0.775   -0.291  -2.896  1.00 14.02 ? 64  PHE A C   1 
ATOM   483  O O   . PHE A 1 63  ? 1.396   0.391   -3.709  1.00 12.63 ? 64  PHE A O   1 
ATOM   484  C CB  . PHE A 1 63  ? 0.229   -2.171  -4.363  1.00 7.29  ? 64  PHE A CB  1 
ATOM   485  C CG  . PHE A 1 63  ? -0.713  -3.242  -4.777  1.00 13.58 ? 64  PHE A CG  1 
ATOM   486  C CD1 . PHE A 1 63  ? -1.526  -3.070  -5.874  1.00 13.64 ? 64  PHE A CD1 1 
ATOM   487  C CD2 . PHE A 1 63  ? -0.752  -4.448  -4.081  1.00 15.43 ? 64  PHE A CD2 1 
ATOM   488  C CE1 . PHE A 1 63  ? -2.372  -4.097  -6.284  1.00 31.11 ? 64  PHE A CE1 1 
ATOM   489  C CE2 . PHE A 1 63  ? -1.594  -5.481  -4.488  1.00 16.96 ? 64  PHE A CE2 1 
ATOM   490  C CZ  . PHE A 1 63  ? -2.401  -5.305  -5.588  1.00 15.77 ? 64  PHE A CZ  1 
ATOM   491  N N   . LEU A 1 64  ? 1.042   -0.299  -1.592  1.00 6.74  ? 65  LEU A N   1 
ATOM   492  C CA  . LEU A 1 64  ? 2.129   0.491   -1.010  1.00 5.06  ? 65  LEU A CA  1 
ATOM   493  C C   . LEU A 1 64  ? 3.161   -0.529  -0.600  1.00 8.97  ? 65  LEU A C   1 
ATOM   494  O O   . LEU A 1 64  ? 2.891   -1.379  0.227   1.00 7.40  ? 65  LEU A O   1 
ATOM   495  C CB  . LEU A 1 64  ? 1.612   1.279   0.180   1.00 6.61  ? 65  LEU A CB  1 
ATOM   496  C CG  . LEU A 1 64  ? 0.465   2.232   -0.194  1.00 7.36  ? 65  LEU A CG  1 
ATOM   497  C CD1 . LEU A 1 64  ? 0.012   2.991   1.044   1.00 9.98  ? 65  LEU A CD1 1 
ATOM   498  C CD2 . LEU A 1 64  ? 0.931   3.189   -1.309  1.00 7.23  ? 65  LEU A CD2 1 
ATOM   499  N N   . VAL A 1 65  ? 4.325   -0.481  -1.233  1.00 5.66  ? 66  VAL A N   1 
ATOM   500  C CA  . VAL A 1 65  ? 5.379   -1.471  -0.981  1.00 8.50  ? 66  VAL A CA  1 
ATOM   501  C C   . VAL A 1 65  ? 6.674   -0.852  -0.462  1.00 10.60 ? 66  VAL A C   1 
ATOM   502  O O   . VAL A 1 65  ? 6.882   0.366   -0.544  1.00 7.56  ? 66  VAL A O   1 
ATOM   503  C CB  . VAL A 1 65  ? 5.644   -2.396  -2.231  1.00 8.02  ? 66  VAL A CB  1 
ATOM   504  C CG1 . VAL A 1 65  ? 4.372   -3.114  -2.629  1.00 8.14  ? 66  VAL A CG1 1 
ATOM   505  C CG2 . VAL A 1 65  ? 6.155   -1.592  -3.400  1.00 8.96  ? 66  VAL A CG2 1 
ATOM   506  N N   . ASP A 1 66  ? 7.530   -1.696  0.102   1.00 10.15 ? 67  ASP A N   1 
ATOM   507  C CA  . ASP A 1 66  ? 8.773   -1.189  0.679   1.00 7.57  ? 67  ASP A CA  1 
ATOM   508  C C   . ASP A 1 66  ? 9.813   -0.551  -0.277  1.00 10.73 ? 67  ASP A C   1 
ATOM   509  O O   . ASP A 1 66  ? 10.219  0.594   -0.075  1.00 11.06 ? 67  ASP A O   1 
ATOM   510  C CB  . ASP A 1 66  ? 9.421   -2.229  1.641   1.00 6.70  ? 67  ASP A CB  1 
ATOM   511  C CG  . ASP A 1 66  ? 9.750   -3.594  0.986   1.00 8.89  ? 67  ASP A CG  1 
ATOM   512  O OD1 . ASP A 1 66  ? 9.365   -3.893  -0.164  1.00 9.81  ? 67  ASP A OD1 1 
ATOM   513  O OD2 . ASP A 1 66  ? 10.413  -4.404  1.675   1.00 12.78 ? 67  ASP A OD2 1 
ATOM   514  N N   . THR A 1 67  ? 10.210  -1.277  -1.322  1.00 9.58  ? 68  THR A N   1 
ATOM   515  C CA  . THR A 1 67  ? 11.234  -0.777  -2.229  1.00 8.11  ? 68  THR A CA  1 
ATOM   516  C C   . THR A 1 67  ? 10.964  -1.134  -3.659  1.00 11.84 ? 68  THR A C   1 
ATOM   517  O O   . THR A 1 67  ? 10.384  -2.182  -3.987  1.00 13.94 ? 68  THR A O   1 
ATOM   518  C CB  . THR A 1 67  ? 12.610  -1.407  -1.915  1.00 19.41 ? 68  THR A CB  1 
ATOM   519  O OG1 . THR A 1 67  ? 12.463  -2.827  -1.813  1.00 25.59 ? 68  THR A OG1 1 
ATOM   520  C CG2 . THR A 1 67  ? 13.159  -0.899  -0.625  1.00 29.38 ? 68  THR A CG2 1 
ATOM   521  N N   . TRP A 1 68  ? 11.455  -0.276  -4.532  1.00 14.85 ? 69  TRP A N   1 
ATOM   522  C CA  . TRP A 1 68  ? 11.308  -0.469  -5.952  1.00 16.58 ? 69  TRP A CA  1 
ATOM   523  C C   . TRP A 1 68  ? 12.116  -1.714  -6.342  1.00 17.12 ? 69  TRP A C   1 
ATOM   524  O O   . TRP A 1 68  ? 13.254  -1.863  -5.928  1.00 21.78 ? 69  TRP A O   1 
ATOM   525  C CB  . TRP A 1 68  ? 11.864  0.759   -6.681  1.00 13.67 ? 69  TRP A CB  1 
ATOM   526  C CG  . TRP A 1 68  ? 11.579  0.746   -8.172  1.00 15.49 ? 69  TRP A CG  1 
ATOM   527  C CD1 . TRP A 1 68  ? 12.318  0.134   -9.141  1.00 17.24 ? 69  TRP A CD1 1 
ATOM   528  C CD2 . TRP A 1 68  ? 10.474  1.382   -8.853  1.00 16.17 ? 69  TRP A CD2 1 
ATOM   529  N NE1 . TRP A 1 68  ? 11.747  0.354   -10.379 1.00 23.53 ? 69  TRP A NE1 1 
ATOM   530  C CE2 . TRP A 1 68  ? 10.620  1.114   -10.229 1.00 28.46 ? 69  TRP A CE2 1 
ATOM   531  C CE3 . TRP A 1 68  ? 9.383   2.150   -8.430  1.00 11.75 ? 69  TRP A CE3 1 
ATOM   532  C CZ2 . TRP A 1 68  ? 9.712   1.575   -11.182 1.00 18.02 ? 69  TRP A CZ2 1 
ATOM   533  C CZ3 . TRP A 1 68  ? 8.478   2.608   -9.380  1.00 19.84 ? 69  TRP A CZ3 1 
ATOM   534  C CH2 . TRP A 1 68  ? 8.651   2.322   -10.736 1.00 18.05 ? 69  TRP A CH2 1 
ATOM   535  N N   . GLY A 1 69  ? 11.530  -2.589  -7.149  1.00 13.68 ? 70  GLY A N   1 
ATOM   536  C CA  . GLY A 1 69  ? 12.262  -3.764  -7.601  1.00 15.93 ? 70  GLY A CA  1 
ATOM   537  C C   . GLY A 1 69  ? 12.328  -5.026  -6.757  1.00 18.23 ? 70  GLY A C   1 
ATOM   538  O O   . GLY A 1 69  ? 12.887  -6.017  -7.219  1.00 27.42 ? 70  GLY A O   1 
ATOM   539  N N   . GLY A 1 70  ? 11.844  -4.998  -5.518  1.00 15.36 ? 71  GLY A N   1 
ATOM   540  C CA  . GLY A 1 70  ? 11.864  -6.215  -4.717  1.00 19.12 ? 71  GLY A CA  1 
ATOM   541  C C   . GLY A 1 70  ? 10.705  -7.132  -5.124  1.00 17.64 ? 71  GLY A C   1 
ATOM   542  O O   . GLY A 1 70  ? 9.847   -6.747  -5.935  1.00 13.73 ? 71  GLY A O   1 
ATOM   543  N N   . SER A 1 71  ? 10.649  -8.331  -4.553  1.00 11.96 ? 72  SER A N   1 
ATOM   544  C CA  . SER A 1 71  ? 9.572   -9.259  -4.881  1.00 21.12 ? 72  SER A CA  1 
ATOM   545  C C   . SER A 1 71  ? 8.190   -8.654  -4.609  1.00 15.23 ? 72  SER A C   1 
ATOM   546  O O   . SER A 1 71  ? 7.278   -8.837  -5.405  1.00 13.88 ? 72  SER A O   1 
ATOM   547  C CB  . SER A 1 71  ? 9.703   -10.557 -4.088  1.00 39.02 ? 72  SER A CB  1 
ATOM   548  O OG  . SER A 1 71  ? 10.648  -11.437 -4.661  1.00 46.08 ? 72  SER A OG  1 
ATOM   549  N N   . PRO A 1 72  ? 7.988   -8.042  -3.415  1.00 13.21 ? 73  PRO A N   1 
ATOM   550  C CA  . PRO A 1 72  ? 6.667   -7.450  -3.146  1.00 22.58 ? 73  PRO A CA  1 
ATOM   551  C C   . PRO A 1 72  ? 6.268   -6.482  -4.276  1.00 13.82 ? 73  PRO A C   1 
ATOM   552  O O   . PRO A 1 72  ? 5.112   -6.488  -4.719  1.00 11.21 ? 73  PRO A O   1 
ATOM   553  C CB  . PRO A 1 72  ? 6.872   -6.716  -1.801  1.00 20.14 ? 73  PRO A CB  1 
ATOM   554  C CG  . PRO A 1 72  ? 7.917   -7.574  -1.102  1.00 13.44 ? 73  PRO A CG  1 
ATOM   555  C CD  . PRO A 1 72  ? 8.886   -7.911  -2.239  1.00 11.69 ? 73  PRO A CD  1 
ATOM   556  N N   . PHE A 1 73  ? 7.232   -5.682  -4.743  1.00 12.52 ? 74  PHE A N   1 
ATOM   557  C CA  . PHE A 1 73  ? 7.009   -4.724  -5.824  1.00 13.70 ? 74  PHE A CA  1 
ATOM   558  C C   . PHE A 1 73  ? 6.738   -5.465  -7.120  1.00 12.04 ? 74  PHE A C   1 
ATOM   559  O O   . PHE A 1 73  ? 5.753   -5.170  -7.787  1.00 13.00 ? 74  PHE A O   1 
ATOM   560  C CB  . PHE A 1 73  ? 8.217   -3.804  -6.019  1.00 11.52 ? 74  PHE A CB  1 
ATOM   561  C CG  . PHE A 1 73  ? 8.056   -2.798  -7.157  1.00 12.03 ? 74  PHE A CG  1 
ATOM   562  C CD1 . PHE A 1 73  ? 7.476   -1.552  -6.923  1.00 22.59 ? 74  PHE A CD1 1 
ATOM   563  C CD2 . PHE A 1 73  ? 8.498   -3.086  -8.440  1.00 28.31 ? 74  PHE A CD2 1 
ATOM   564  C CE1 . PHE A 1 73  ? 7.339   -0.603  -7.943  1.00 15.96 ? 74  PHE A CE1 1 
ATOM   565  C CE2 . PHE A 1 73  ? 8.361   -2.137  -9.468  1.00 20.63 ? 74  PHE A CE2 1 
ATOM   566  C CZ  . PHE A 1 73  ? 7.776   -0.897  -9.206  1.00 15.58 ? 74  PHE A CZ  1 
ATOM   567  N N   . ASN A 1 74  ? 7.566   -6.449  -7.446  1.00 12.36 ? 75  ASN A N   1 
ATOM   568  C CA  . ASN A 1 74  ? 7.397   -7.202  -8.697  1.00 14.41 ? 75  ASN A CA  1 
ATOM   569  C C   . ASN A 1 74  ? 6.062   -7.918  -8.809  1.00 15.02 ? 75  ASN A C   1 
ATOM   570  O O   . ASN A 1 74  ? 5.417   -7.896  -9.845  1.00 17.83 ? 75  ASN A O   1 
ATOM   571  C CB  . ASN A 1 74  ? 8.570   -8.166  -8.933  1.00 14.00 ? 75  ASN A CB  1 
ATOM   572  C CG  . ASN A 1 74  ? 9.887   -7.434  -9.142  1.00 21.79 ? 75  ASN A CG  1 
ATOM   573  O OD1 . ASN A 1 74  ? 9.917   -6.284  -9.602  1.00 22.82 ? 75  ASN A OD1 1 
ATOM   574  N ND2 . ASN A 1 74  ? 10.983  -8.086  -8.797  1.00 25.16 ? 75  ASN A ND2 1 
ATOM   575  N N   . ALA A 1 75  ? 5.633   -8.537  -7.734  1.00 10.76 ? 76  ALA A N   1 
ATOM   576  C CA  . ALA A 1 75  ? 4.361   -9.218  -7.770  1.00 9.69  ? 76  ALA A CA  1 
ATOM   577  C C   . ALA A 1 75  ? 3.187   -8.226  -7.937  1.00 13.02 ? 76  ALA A C   1 
ATOM   578  O O   . ALA A 1 75  ? 2.242   -8.495  -8.697  1.00 14.62 ? 76  ALA A O   1 
ATOM   579  C CB  . ALA A 1 75  ? 4.202   -10.067 -6.509  1.00 11.98 ? 76  ALA A CB  1 
ATOM   580  N N   . ALA A 1 76  ? 3.227   -7.108  -7.199  1.00 10.61 ? 77  ALA A N   1 
ATOM   581  C CA  . ALA A 1 76  ? 2.181   -6.091  -7.269  1.00 8.72  ? 77  ALA A CA  1 
ATOM   582  C C   . ALA A 1 76  ? 2.141   -5.531  -8.683  1.00 12.16 ? 77  ALA A C   1 
ATOM   583  O O   . ALA A 1 76  ? 1.067   -5.299  -9.227  1.00 16.60 ? 77  ALA A O   1 
ATOM   584  C CB  . ALA A 1 76  ? 2.436   -5.003  -6.272  1.00 8.71  ? 77  ALA A CB  1 
ATOM   585  N N   . SER A 1 77  ? 3.312   -5.355  -9.288  1.00 13.30 ? 78  SER A N   1 
ATOM   586  C CA  . SER A 1 77  ? 3.416   -4.844  -10.673 1.00 17.35 ? 78  SER A CA  1 
ATOM   587  C C   . SER A 1 77  ? 2.682   -5.721  -11.672 1.00 25.09 ? 78  SER A C   1 
ATOM   588  O O   . SER A 1 77  ? 2.106   -5.223  -12.636 1.00 18.45 ? 78  SER A O   1 
ATOM   589  C CB  . SER A 1 77  ? 4.875   -4.750  -11.128 1.00 12.33 ? 78  SER A CB  1 
ATOM   590  O OG  . SER A 1 77  ? 5.484   -3.625  -10.535 1.00 37.04 ? 78  SER A OG  1 
ATOM   591  N N   . ARG A 1 78  ? 2.780   -7.032  -11.485 1.00 18.44 ? 79  ARG A N   1 
ATOM   592  C CA  . ARG A 1 78  ? 2.106   -7.963  -12.382 1.00 15.83 ? 79  ARG A CA  1 
ATOM   593  C C   . ARG A 1 78  ? 0.580   -7.897  -12.277 1.00 23.43 ? 79  ARG A C   1 
ATOM   594  O O   . ARG A 1 78  ? -0.114  -8.112  -13.257 1.00 19.89 ? 79  ARG A O   1 
ATOM   595  C CB  . ARG A 1 78  ? 2.640   -9.361  -12.164 1.00 13.61 ? 79  ARG A CB  1 
ATOM   596  C CG  . ARG A 1 78  ? 4.046   -9.502  -12.706 1.00 25.06 ? 79  ARG A CG  1 
ATOM   597  C CD  . ARG A 1 78  ? 4.319   -10.938 -13.077 1.00 53.48 ? 79  ARG A CD  1 
ATOM   598  N NE  . ARG A 1 78  ? 5.396   -11.561 -12.310 1.00 72.40 ? 79  ARG A NE  1 
ATOM   599  C CZ  . ARG A 1 78  ? 5.456   -12.868 -12.052 1.00 56.19 ? 79  ARG A CZ  1 
ATOM   600  N NH1 . ARG A 1 78  ? 4.489   -13.679 -12.497 1.00 59.33 ? 79  ARG A NH1 1 
ATOM   601  N NH2 . ARG A 1 78  ? 6.495   -13.365 -11.380 1.00 45.89 ? 79  ARG A NH2 1 
ATOM   602  N N   . ILE A 1 79  ? 0.065   -7.547  -11.101 1.00 13.78 ? 80  ILE A N   1 
ATOM   603  C CA  . ILE A 1 79  ? -1.370  -7.421  -10.886 1.00 8.57  ? 80  ILE A CA  1 
ATOM   604  C C   . ILE A 1 79  ? -1.945  -6.123  -11.464 1.00 29.04 ? 80  ILE A C   1 
ATOM   605  O O   . ILE A 1 79  ? -2.993  -6.132  -12.102 1.00 18.22 ? 80  ILE A O   1 
ATOM   606  C CB  . ILE A 1 79  ? -1.682  -7.476  -9.364  1.00 16.54 ? 80  ILE A CB  1 
ATOM   607  C CG1 . ILE A 1 79  ? -1.309  -8.873  -8.819  1.00 16.03 ? 80  ILE A CG1 1 
ATOM   608  C CG2 . ILE A 1 79  ? -3.129  -7.016  -9.060  1.00 12.62 ? 80  ILE A CG2 1 
ATOM   609  C CD1 . ILE A 1 79  ? -1.505  -9.039  -7.300  1.00 12.11 ? 80  ILE A CD1 1 
ATOM   610  N N   . VAL A 1 80  ? -1.242  -5.006  -11.288 1.00 19.86 ? 81  VAL A N   1 
ATOM   611  C CA  . VAL A 1 80  ? -1.795  -3.743  -11.744 1.00 13.21 ? 81  VAL A CA  1 
ATOM   612  C C   . VAL A 1 80  ? -1.652  -3.468  -13.214 1.00 22.87 ? 81  VAL A C   1 
ATOM   613  O O   . VAL A 1 80  ? -2.391  -2.614  -13.700 1.00 22.48 ? 81  VAL A O   1 
ATOM   614  C CB  . VAL A 1 80  ? -1.238  -2.531  -10.995 1.00 15.10 ? 81  VAL A CB  1 
ATOM   615  C CG1 . VAL A 1 80  ? -1.163  -2.831  -9.515  1.00 13.95 ? 81  VAL A CG1 1 
ATOM   616  C CG2 . VAL A 1 80  ? 0.113   -2.116  -11.555 1.00 20.85 ? 81  VAL A CG2 1 
ATOM   617  N N   . VAL A 1 81  ? -0.758  -4.199  -13.906 1.00 25.51 ? 82  VAL A N   1 
ATOM   618  C CA  . VAL A 1 81  ? -0.454  -4.002  -15.347 1.00 40.01 ? 82  VAL A CA  1 
ATOM   619  C C   . VAL A 1 81  ? -1.497  -3.465  -16.335 1.00 48.04 ? 82  VAL A C   1 
ATOM   620  O O   . VAL A 1 81  ? -1.202  -2.512  -17.069 1.00 78.38 ? 82  VAL A O   1 
ATOM   621  C CB  . VAL A 1 81  ? 0.235   -5.213  -16.007 1.00 27.30 ? 82  VAL A CB  1 
ATOM   622  C CG1 . VAL A 1 81  ? 1.649   -5.360  -15.489 1.00 53.64 ? 82  VAL A CG1 1 
ATOM   623  C CG2 . VAL A 1 81  ? -0.593  -6.461  -15.804 1.00 44.06 ? 82  VAL A CG2 1 
ATOM   624  N N   . ASP A 1 82  ? -2.661  -4.090  -16.457 1.00 24.97 ? 83  ASP A N   1 
ATOM   625  C CA  . ASP A 1 82  ? -3.624  -3.498  -17.395 1.00 35.99 ? 83  ASP A CA  1 
ATOM   626  C C   . ASP A 1 82  ? -4.926  -3.250  -16.689 1.00 46.14 ? 83  ASP A C   1 
ATOM   627  O O   . ASP A 1 82  ? -6.012  -3.449  -17.230 1.00 52.91 ? 83  ASP A O   1 
ATOM   628  C CB  . ASP A 1 82  ? -3.840  -4.347  -18.645 1.00 37.55 ? 83  ASP A CB  1 
ATOM   629  C CG  . ASP A 1 82  ? -3.051  -5.636  -18.623 1.00 82.61 ? 83  ASP A CG  1 
ATOM   630  O OD1 . ASP A 1 82  ? -3.113  -6.361  -17.593 1.00 90.29 ? 83  ASP A OD1 1 
ATOM   631  O OD2 . ASP A 1 82  ? -2.376  -5.918  -19.644 1.00 91.47 ? 83  ASP A OD2 1 
ATOM   632  N N   . LYS A 1 83  ? -4.801  -2.806  -15.455 1.00 25.23 ? 84  LYS A N   1 
ATOM   633  C CA  . LYS A 1 83  ? -5.958  -2.538  -14.659 1.00 16.36 ? 84  LYS A CA  1 
ATOM   634  C C   . LYS A 1 83  ? -6.073  -1.060  -14.409 1.00 28.48 ? 84  LYS A C   1 
ATOM   635  O O   . LYS A 1 83  ? -5.093  -0.416  -14.043 1.00 32.47 ? 84  LYS A O   1 
ATOM   636  C CB  . LYS A 1 83  ? -5.847  -3.267  -13.335 1.00 22.68 ? 84  LYS A CB  1 
ATOM   637  C CG  . LYS A 1 83  ? -6.659  -4.497  -13.261 1.00 28.65 ? 84  LYS A CG  1 
ATOM   638  C CD  . LYS A 1 83  ? -5.782  -5.687  -13.295 1.00 36.42 ? 84  LYS A CD  1 
ATOM   639  C CE  . LYS A 1 83  ? -6.218  -6.694  -12.247 1.00 37.45 ? 84  LYS A CE  1 
ATOM   640  N NZ  . LYS A 1 83  ? -5.360  -7.923  -12.304 1.00 51.00 ? 84  LYS A NZ  1 
ATOM   641  N N   . GLU A 1 84  ? -7.281  -0.541  -14.596 1.00 25.35 ? 85  GLU A N   1 
ATOM   642  C CA  . GLU A 1 84  ? -7.583  0.865   -14.379 1.00 31.54 ? 85  GLU A CA  1 
ATOM   643  C C   . GLU A 1 84  ? -7.726  1.054   -12.889 1.00 25.31 ? 85  GLU A C   1 
ATOM   644  O O   . GLU A 1 84  ? -8.277  0.204   -12.188 1.00 26.66 ? 85  GLU A O   1 
ATOM   645  C CB  . GLU A 1 84  ? -8.893  1.278   -15.075 1.00 39.68 ? 85  GLU A CB  1 
ATOM   646  C CG  . GLU A 1 84  ? -8.912  2.735   -15.543 0.00 62.33 ? 85  GLU A CG  1 
ATOM   647  C CD  . GLU A 1 84  ? -10.308 3.271   -15.847 0.00 79.76 ? 85  GLU A CD  1 
ATOM   648  O OE1 . GLU A 1 84  ? -11.189 2.493   -16.273 0.00 75.59 ? 85  GLU A OE1 1 
ATOM   649  O OE2 . GLU A 1 84  ? -10.518 4.487   -15.657 0.00 69.65 ? 85  GLU A OE2 1 
ATOM   650  N N   . HIS A 1 85  ? -7.229  2.184   -12.413 1.00 13.92 ? 86  HIS A N   1 
ATOM   651  C CA  . HIS A 1 85  ? -7.298  2.486   -11.013 1.00 10.32 ? 86  HIS A CA  1 
ATOM   652  C C   . HIS A 1 85  ? -6.543  1.523   -10.095 1.00 10.00 ? 86  HIS A C   1 
ATOM   653  O O   . HIS A 1 85  ? -6.974  1.262   -8.984  1.00 13.91 ? 86  HIS A O   1 
ATOM   654  C CB  . HIS A 1 85  ? -8.725  2.619   -10.600 1.00 18.00 ? 86  HIS A CB  1 
ATOM   655  C CG  . HIS A 1 85  ? -9.416  3.760   -11.276 1.00 49.45 ? 86  HIS A CG  1 
ATOM   656  N ND1 . HIS A 1 85  ? -10.771 3.988   -11.178 1.00 36.75 ? 86  HIS A ND1 1 
ATOM   657  C CD2 . HIS A 1 85  ? -8.918  4.755   -12.046 1.00 32.15 ? 86  HIS A CD2 1 
ATOM   658  C CE1 . HIS A 1 85  ? -11.076 5.084   -11.854 1.00 45.29 ? 86  HIS A CE1 1 
ATOM   659  N NE2 . HIS A 1 85  ? -9.972  5.566   -12.391 1.00 28.21 ? 86  HIS A NE2 1 
ATOM   660  N N   . TYR A 1 86  ? -5.428  1.006   -10.591 1.00 10.58 ? 87  TYR A N   1 
ATOM   661  C CA  . TYR A 1 86  ? -4.536  0.140   -9.826  1.00 14.66 ? 87  TYR A CA  1 
ATOM   662  C C   . TYR A 1 86  ? -3.153  0.764   -9.959  1.00 13.83 ? 87  TYR A C   1 
ATOM   663  O O   . TYR A 1 86  ? -2.668  1.013   -11.061 1.00 13.54 ? 87  TYR A O   1 
ATOM   664  C CB  . TYR A 1 86  ? -4.468  -1.290  -10.398 1.00 17.88 ? 87  TYR A CB  1 
ATOM   665  C CG  . TYR A 1 86  ? -5.538  -2.248  -9.893  1.00 14.15 ? 87  TYR A CG  1 
ATOM   666  C CD1 . TYR A 1 86  ? -6.882  -1.934  -10.008 1.00 15.64 ? 87  TYR A CD1 1 
ATOM   667  C CD2 . TYR A 1 86  ? -5.192  -3.474  -9.312  1.00 16.03 ? 87  TYR A CD2 1 
ATOM   668  C CE1 . TYR A 1 86  ? -7.842  -2.808  -9.584  1.00 21.92 ? 87  TYR A CE1 1 
ATOM   669  C CE2 . TYR A 1 86  ? -6.153  -4.359  -8.883  1.00 13.38 ? 87  TYR A CE2 1 
ATOM   670  C CZ  . TYR A 1 86  ? -7.472  -4.018  -9.016  1.00 27.05 ? 87  TYR A CZ  1 
ATOM   671  O OH  . TYR A 1 86  ? -8.443  -4.880  -8.587  1.00 27.34 ? 87  TYR A OH  1 
ATOM   672  N N   . GLU A 1 87  ? -2.468  0.932   -8.835  1.00 12.32 ? 88  GLU A N   1 
ATOM   673  C CA  . GLU A 1 87  ? -1.146  1.531   -8.866  1.00 10.71 ? 88  GLU A CA  1 
ATOM   674  C C   . GLU A 1 87  ? -0.262  0.923   -7.776  1.00 10.74 ? 88  GLU A C   1 
ATOM   675  O O   . GLU A 1 87  ? -0.759  0.351   -6.807  1.00 9.98  ? 88  GLU A O   1 
ATOM   676  C CB  . GLU A 1 87  ? -1.269  3.047   -8.661  1.00 11.55 ? 88  GLU A CB  1 
ATOM   677  C CG  . GLU A 1 87  ? 0.078   3.808   -8.609  1.00 12.90 ? 88  GLU A CG  1 
ATOM   678  C CD  . GLU A 1 87  ? 0.883   3.684   -9.903  1.00 13.20 ? 88  GLU A CD  1 
ATOM   679  O OE1 . GLU A 1 87  ? 1.409   2.602   -10.243 1.00 13.97 ? 88  GLU A OE1 1 
ATOM   680  O OE2 . GLU A 1 87  ? 0.972   4.707   -10.606 1.00 20.27 ? 88  GLU A OE2 1 
ATOM   681  N N   . VAL A 1 88  ? 1.047   0.969   -8.008  1.00 11.42 ? 89  VAL A N   1 
ATOM   682  C CA  . VAL A 1 88  ? 2.016   0.492   -7.026  1.00 9.89  ? 89  VAL A CA  1 
ATOM   683  C C   . VAL A 1 88  ? 2.940   1.696   -6.705  1.00 14.94 ? 89  VAL A C   1 
ATOM   684  O O   . VAL A 1 88  ? 3.459   2.363   -7.611  1.00 11.14 ? 89  VAL A O   1 
ATOM   685  C CB  . VAL A 1 88  ? 2.965   -0.612  -7.575  1.00 11.57 ? 89  VAL A CB  1 
ATOM   686  C CG1 . VAL A 1 88  ? 3.794   -1.203  -6.399  1.00 11.91 ? 89  VAL A CG1 1 
ATOM   687  C CG2 . VAL A 1 88  ? 2.224   -1.684  -8.335  1.00 17.79 ? 89  VAL A CG2 1 
ATOM   688  N N   . ILE A 1 89  ? 3.099   1.985   -5.422  1.00 7.78  ? 90  ILE A N   1 
ATOM   689  C CA  . ILE A 1 89  ? 3.980   3.048   -4.968  1.00 6.55  ? 90  ILE A CA  1 
ATOM   690  C C   . ILE A 1 89  ? 4.996   2.442   -3.969  1.00 10.04 ? 90  ILE A C   1 
ATOM   691  O O   . ILE A 1 89  ? 4.621   1.818   -2.946  1.00 9.08  ? 90  ILE A O   1 
ATOM   692  C CB  . ILE A 1 89  ? 3.221   4.168   -4.237  1.00 9.43  ? 90  ILE A CB  1 
ATOM   693  C CG1 . ILE A 1 89  ? 2.124   4.761   -5.138  1.00 10.54 ? 90  ILE A CG1 1 
ATOM   694  C CG2 . ILE A 1 89  ? 4.209   5.262   -3.764  1.00 10.33 ? 90  ILE A CG2 1 
ATOM   695  C CD1 . ILE A 1 89  ? 1.430   5.977   -4.487  1.00 15.04 ? 90  ILE A CD1 1 
ATOM   696  N N   . ALA A 1 90  ? 6.265   2.553   -4.334  1.00 9.38  ? 91  ALA A N   1 
ATOM   697  C CA  . ALA A 1 90  ? 7.372   2.102   -3.486  1.00 9.89  ? 91  ALA A CA  1 
ATOM   698  C C   . ALA A 1 90  ? 7.792   3.180   -2.430  1.00 10.53 ? 91  ALA A C   1 
ATOM   699  O O   . ALA A 1 90  ? 7.418   4.358   -2.533  1.00 6.33  ? 91  ALA A O   1 
ATOM   700  C CB  . ALA A 1 90  ? 8.592   1.710   -4.382  1.00 9.02  ? 91  ALA A CB  1 
ATOM   701  N N   . GLY A 1 91  ? 8.538   2.745   -1.405  1.00 7.07  ? 92  GLY A N   1 
ATOM   702  C CA  . GLY A 1 91  ? 9.052   3.633   -0.389  1.00 5.80  ? 92  GLY A CA  1 
ATOM   703  C C   . GLY A 1 91  ? 8.077   3.982   0.695   1.00 6.68  ? 92  GLY A C   1 
ATOM   704  O O   . GLY A 1 91  ? 8.219   5.001   1.352   1.00 6.24  ? 92  GLY A O   1 
ATOM   705  N N   . VAL A 1 92  ? 7.089   3.122   0.920   1.00 7.91  ? 93  VAL A N   1 
ATOM   706  C CA  . VAL A 1 92  ? 6.090   3.386   1.935   1.00 5.82  ? 93  VAL A CA  1 
ATOM   707  C C   . VAL A 1 92  ? 6.692   3.801   3.299   1.00 6.19  ? 93  VAL A C   1 
ATOM   708  O O   . VAL A 1 92  ? 7.637   3.161   3.807   1.00 7.56  ? 93  VAL A O   1 
ATOM   709  C CB  . VAL A 1 92  ? 5.130   2.147   2.105   1.00 8.69  ? 93  VAL A CB  1 
ATOM   710  C CG1 . VAL A 1 92  ? 5.881   0.926   2.667   1.00 6.59  ? 93  VAL A CG1 1 
ATOM   711  C CG2 . VAL A 1 92  ? 3.957   2.523   3.012   1.00 8.27  ? 93  VAL A CG2 1 
ATOM   712  N N   . ASN A 1 93  ? 6.150   4.866   3.886   1.00 6.00  ? 94  ASN A N   1 
ATOM   713  C CA  . ASN A 1 93  ? 6.599   5.348   5.188   1.00 5.46  ? 94  ASN A CA  1 
ATOM   714  C C   . ASN A 1 93  ? 5.380   5.811   5.951   1.00 8.37  ? 94  ASN A C   1 
ATOM   715  O O   . ASN A 1 93  ? 4.274   5.849   5.393   1.00 8.58  ? 94  ASN A O   1 
ATOM   716  C CB  . ASN A 1 93  ? 7.722   6.419   5.103   1.00 4.96  ? 94  ASN A CB  1 
ATOM   717  C CG  . ASN A 1 93  ? 7.327   7.635   4.329   1.00 12.63 ? 94  ASN A CG  1 
ATOM   718  O OD1 . ASN A 1 93  ? 6.150   7.848   4.051   1.00 11.85 ? 94  ASN A OD1 1 
ATOM   719  N ND2 . ASN A 1 93  ? 8.301   8.491   4.017   1.00 9.02  ? 94  ASN A ND2 1 
ATOM   720  N N   . ILE A 1 94  ? 5.536   6.090   7.239   1.00 6.40  ? 95  ILE A N   1 
ATOM   721  C CA  . ILE A 1 94  ? 4.392   6.519   8.030   1.00 6.86  ? 95  ILE A CA  1 
ATOM   722  C C   . ILE A 1 94  ? 3.725   7.811   7.536   1.00 8.08  ? 95  ILE A C   1 
ATOM   723  O O   . ILE A 1 94  ? 2.487   7.880   7.495   1.00 7.55  ? 95  ILE A O   1 
ATOM   724  C CB  . ILE A 1 94  ? 4.658   6.528   9.560   1.00 7.42  ? 95  ILE A CB  1 
ATOM   725  C CG1 . ILE A 1 94  ? 4.989   5.092   10.037  1.00 8.74  ? 95  ILE A CG1 1 
ATOM   726  C CG2 . ILE A 1 94  ? 3.407   6.975   10.291  1.00 10.80 ? 95  ILE A CG2 1 
ATOM   727  C CD1 . ILE A 1 94  ? 3.844   4.099   9.820   1.00 12.58 ? 95  ILE A CD1 1 
ATOM   728  N N   . PRO A 1 95  ? 4.512   8.853   7.161   1.00 10.25 ? 96  PRO A N   1 
ATOM   729  C CA  . PRO A 1 95  ? 3.839   10.082  6.674   1.00 9.37  ? 96  PRO A CA  1 
ATOM   730  C C   . PRO A 1 95  ? 2.930   9.755   5.459   1.00 10.19 ? 96  PRO A C   1 
ATOM   731  O O   . PRO A 1 95  ? 1.770   10.206  5.395   1.00 13.41 ? 96  PRO A O   1 
ATOM   732  C CB  . PRO A 1 95  ? 5.019   10.978  6.260   1.00 13.37 ? 96  PRO A CB  1 
ATOM   733  C CG  . PRO A 1 95  ? 6.075   10.604  7.272   1.00 7.23  ? 96  PRO A CG  1 
ATOM   734  C CD  . PRO A 1 95  ? 5.971   9.078   7.314   1.00 6.82  ? 96  PRO A CD  1 
ATOM   735  N N   . MET A 1 96  ? 3.425   8.932   4.535   1.00 8.39  ? 97  MET A N   1 
ATOM   736  C CA  . MET A 1 96  ? 2.626   8.562   3.377   1.00 10.05 ? 97  MET A CA  1 
ATOM   737  C C   . MET A 1 96  ? 1.359   7.822   3.836   1.00 10.92 ? 97  MET A C   1 
ATOM   738  O O   . MET A 1 96  ? 0.275   8.108   3.364   1.00 9.09  ? 97  MET A O   1 
ATOM   739  C CB  . MET A 1 96  ? 3.417   7.625   2.457   1.00 8.81  ? 97  MET A CB  1 
ATOM   740  C CG  . MET A 1 96  ? 2.627   7.092   1.201   1.00 8.93  ? 97  MET A CG  1 
ATOM   741  S SD  . MET A 1 96  ? 3.390   5.749   0.226   1.00 11.88 ? 97  MET A SD  1 
ATOM   742  C CE  . MET A 1 96  ? 5.044   6.616   -0.285  1.00 14.20 ? 97  MET A CE  1 
ATOM   743  N N   . LEU A 1 97  ? 1.513   6.825   4.711   1.00 7.75  ? 98  LEU A N   1 
ATOM   744  C CA  . LEU A 1 97  ? 0.362   6.045   5.148   1.00 8.57  ? 98  LEU A CA  1 
ATOM   745  C C   . LEU A 1 97  ? -0.700  6.894   5.846   1.00 11.95 ? 98  LEU A C   1 
ATOM   746  O O   . LEU A 1 97  ? -1.860  6.793   5.552   1.00 14.00 ? 98  LEU A O   1 
ATOM   747  C CB  A LEU A 1 97  ? 0.815   4.925   6.078   0.54 11.09 ? 98  LEU A CB  1 
ATOM   748  C CB  B LEU A 1 97  ? 0.847   4.893   6.036   0.55 9.70  ? 98  LEU A CB  1 
ATOM   749  C CG  A LEU A 1 97  ? 0.950   3.547   5.445   0.54 22.35 ? 98  LEU A CG  1 
ATOM   750  C CG  B LEU A 1 97  ? -0.074  3.694   6.267   0.55 21.87 ? 98  LEU A CG  1 
ATOM   751  C CD1 A LEU A 1 97  ? 1.525   2.615   6.471   0.54 24.65 ? 98  LEU A CD1 1 
ATOM   752  C CD1 B LEU A 1 97  ? -0.516  3.077   4.937   0.55 22.28 ? 98  LEU A CD1 1 
ATOM   753  C CD2 A LEU A 1 97  ? -0.421  3.039   4.958   0.54 17.06 ? 98  LEU A CD2 1 
ATOM   754  C CD2 B LEU A 1 97  ? 0.668   2.675   7.102   0.55 17.46 ? 98  LEU A CD2 1 
ATOM   755  N N   . VAL A 1 98  ? -0.288  7.726   6.785   1.00 10.04 ? 99  VAL A N   1 
ATOM   756  C CA  . VAL A 1 98  ? -1.183  8.586   7.529   1.00 11.89 ? 99  VAL A CA  1 
ATOM   757  C C   . VAL A 1 98  ? -1.933  9.594   6.624   1.00 16.41 ? 99  VAL A C   1 
ATOM   758  O O   . VAL A 1 98  ? -3.157  9.729   6.713   1.00 11.94 ? 99  VAL A O   1 
ATOM   759  C CB  . VAL A 1 98  ? -0.376  9.307   8.655   1.00 14.22 ? 99  VAL A CB  1 
ATOM   760  C CG1 . VAL A 1 98  ? -1.176  10.410  9.306   1.00 18.68 ? 99  VAL A CG1 1 
ATOM   761  C CG2 . VAL A 1 98  ? 0.037   8.279   9.708   1.00 16.45 ? 99  VAL A CG2 1 
ATOM   762  N N   . GLU A 1 99  ? -1.199  10.305  5.766   1.00 13.18 ? 100 GLU A N   1 
ATOM   763  C CA  . GLU A 1 99  ? -1.833  11.280  4.891   1.00 13.05 ? 100 GLU A CA  1 
ATOM   764  C C   . GLU A 1 99  ? -2.801  10.618  3.919   1.00 12.73 ? 100 GLU A C   1 
ATOM   765  O O   . GLU A 1 99  ? -3.887  11.124  3.666   1.00 14.84 ? 100 GLU A O   1 
ATOM   766  C CB  . GLU A 1 99  ? -0.777  12.065  4.126   1.00 11.96 ? 100 GLU A CB  1 
ATOM   767  C CG  . GLU A 1 99  ? 0.080   12.909  5.021   1.00 22.94 ? 100 GLU A CG  1 
ATOM   768  C CD  . GLU A 1 99  ? -0.696  14.030  5.675   1.00 45.21 ? 100 GLU A CD  1 
ATOM   769  O OE1 . GLU A 1 99  ? -1.511  14.673  4.973   1.00 29.15 ? 100 GLU A OE1 1 
ATOM   770  O OE2 . GLU A 1 99  ? -0.501  14.269  6.887   1.00 47.05 ? 100 GLU A OE2 1 
ATOM   771  N N   . THR A 1 100 ? -2.393  9.468   3.393   1.00 12.67 ? 101 THR A N   1 
ATOM   772  C CA  . THR A 1 100 ? -3.181  8.728   2.417   1.00 14.56 ? 101 THR A CA  1 
ATOM   773  C C   . THR A 1 100 ? -4.462  8.209   3.039   1.00 14.11 ? 101 THR A C   1 
ATOM   774  O O   . THR A 1 100 ? -5.532  8.348   2.450   1.00 13.60 ? 101 THR A O   1 
ATOM   775  C CB  . THR A 1 100 ? -2.353  7.590   1.797   1.00 17.46 ? 101 THR A CB  1 
ATOM   776  O OG1 . THR A 1 100 ? -1.269  8.164   1.047   1.00 13.27 ? 101 THR A OG1 1 
ATOM   777  C CG2 . THR A 1 100 ? -3.193  6.752   0.852   1.00 15.16 ? 101 THR A CG2 1 
ATOM   778  N N   . LEU A 1 101 ? -4.349  7.623   4.227   1.00 8.23  ? 102 LEU A N   1 
ATOM   779  C CA  . LEU A 1 101 ? -5.525  7.112   4.935   1.00 12.96 ? 102 LEU A CA  1 
ATOM   780  C C   . LEU A 1 101 ? -6.479  8.271   5.315   1.00 18.50 ? 102 LEU A C   1 
ATOM   781  O O   . LEU A 1 101 ? -7.687  8.142   5.233   1.00 20.77 ? 102 LEU A O   1 
ATOM   782  C CB  . LEU A 1 101 ? -5.117  6.305   6.186   1.00 12.02 ? 102 LEU A CB  1 
ATOM   783  C CG  . LEU A 1 101 ? -4.357  5.009   5.899   1.00 11.03 ? 102 LEU A CG  1 
ATOM   784  C CD1 . LEU A 1 101 ? -3.849  4.392   7.210   1.00 11.75 ? 102 LEU A CD1 1 
ATOM   785  C CD2 . LEU A 1 101 ? -5.235  4.045   5.133   1.00 16.32 ? 102 LEU A CD2 1 
ATOM   786  N N   . MET A 1 102 ? -5.934  9.413   5.699   1.00 13.47 ? 103 MET A N   1 
ATOM   787  C CA  . MET A 1 102 ? -6.774  10.544  6.052   1.00 17.43 ? 103 MET A CA  1 
ATOM   788  C C   . MET A 1 102 ? -7.552  11.082  4.849   1.00 19.14 ? 103 MET A C   1 
ATOM   789  O O   . MET A 1 102 ? -8.763  11.343  4.943   1.00 23.45 ? 103 MET A O   1 
ATOM   790  C CB  . MET A 1 102 ? -5.933  11.664  6.672   1.00 16.84 ? 103 MET A CB  1 
ATOM   791  C CG  . MET A 1 102 ? -5.446  11.357  8.066   1.00 41.88 ? 103 MET A CG  1 
ATOM   792  S SD  . MET A 1 102 ? -4.884  12.851  8.967   1.00 43.74 ? 103 MET A SD  1 
ATOM   793  C CE  . MET A 1 102 ? -3.584  13.462  7.847   1.00 31.75 ? 103 MET A CE  1 
ATOM   794  N N   . ALA A 1 103 ? -6.866  11.245  3.723   1.00 14.99 ? 104 ALA A N   1 
ATOM   795  C CA  . ALA A 1 103 ? -7.500  11.791  2.530   1.00 15.61 ? 104 ALA A CA  1 
ATOM   796  C C   . ALA A 1 103 ? -8.544  10.865  1.931   1.00 18.81 ? 104 ALA A C   1 
ATOM   797  O O   . ALA A 1 103 ? -9.528  11.314  1.359   1.00 15.43 ? 104 ALA A O   1 
ATOM   798  C CB  . ALA A 1 103 ? -6.444  12.153  1.482   1.00 13.13 ? 104 ALA A CB  1 
ATOM   799  N N   . ARG A 1 104 ? -8.296  9.569   2.041   1.00 18.00 ? 105 ARG A N   1 
ATOM   800  C CA  . ARG A 1 104 ? -9.165  8.543   1.498   1.00 19.75 ? 105 ARG A CA  1 
ATOM   801  C C   . ARG A 1 104 ? -10.616 8.688   1.933   1.00 14.42 ? 105 ARG A C   1 
ATOM   802  O O   . ARG A 1 104 ? -11.530 8.400   1.193   1.00 19.41 ? 105 ARG A O   1 
ATOM   803  C CB  . ARG A 1 104 ? -8.632  7.179   1.924   1.00 17.51 ? 105 ARG A CB  1 
ATOM   804  C CG  . ARG A 1 104 ? -9.082  6.021   1.085   1.00 26.92 ? 105 ARG A CG  1 
ATOM   805  C CD  . ARG A 1 104 ? -8.414  4.722   1.560   1.00 16.85 ? 105 ARG A CD  1 
ATOM   806  N NE  . ARG A 1 104 ? -8.657  4.415   2.971   1.00 12.43 ? 105 ARG A NE  1 
ATOM   807  C CZ  . ARG A 1 104 ? -8.760  3.168   3.427   1.00 13.15 ? 105 ARG A CZ  1 
ATOM   808  N NH1 . ARG A 1 104 ? -8.676  2.158   2.576   1.00 11.27 ? 105 ARG A NH1 1 
ATOM   809  N NH2 . ARG A 1 104 ? -8.950  2.935   4.704   1.00 12.51 ? 105 ARG A NH2 1 
ATOM   810  N N   . ASP A 1 105 ? -10.822 9.181   3.129   1.00 19.14 ? 106 ASP A N   1 
ATOM   811  C CA  . ASP A 1 105 ? -12.165 9.312   3.611   1.00 21.02 ? 106 ASP A CA  1 
ATOM   812  C C   . ASP A 1 105 ? -12.947 10.446  2.966   1.00 28.47 ? 106 ASP A C   1 
ATOM   813  O O   . ASP A 1 105 ? -14.171 10.468  3.016   1.00 38.38 ? 106 ASP A O   1 
ATOM   814  C CB  . ASP A 1 105 ? -12.144 9.463   5.125   1.00 20.67 ? 106 ASP A CB  1 
ATOM   815  C CG  . ASP A 1 105 ? -11.740 8.192   5.823   1.00 29.12 ? 106 ASP A CG  1 
ATOM   816  O OD1 . ASP A 1 105 ? -11.766 7.107   5.197   1.00 34.29 ? 106 ASP A OD1 1 
ATOM   817  O OD2 . ASP A 1 105 ? -11.365 8.295   6.998   1.00 40.70 ? 106 ASP A OD2 1 
ATOM   818  N N   . ASP A 1 106 ? -12.248 11.402  2.373   1.00 23.40 ? 107 ASP A N   1 
ATOM   819  C CA  . ASP A 1 106 ? -12.910 12.540  1.760   1.00 17.83 ? 107 ASP A CA  1 
ATOM   820  C C   . ASP A 1 106 ? -13.198 12.235  0.324   1.00 18.32 ? 107 ASP A C   1 
ATOM   821  O O   . ASP A 1 106 ? -13.489 13.116  -0.489  1.00 24.96 ? 107 ASP A O   1 
ATOM   822  C CB  . ASP A 1 106 ? -12.060 13.801  1.929   1.00 20.23 ? 107 ASP A CB  1 
ATOM   823  C CG  . ASP A 1 106 ? -11.916 14.226  3.411   1.00 35.84 ? 107 ASP A CG  1 
ATOM   824  O OD1 . ASP A 1 106 ? -12.847 13.984  4.200   1.00 43.56 ? 107 ASP A OD1 1 
ATOM   825  O OD2 . ASP A 1 106 ? -10.865 14.784  3.796   1.00 43.55 ? 107 ASP A OD2 1 
ATOM   826  N N   . ASP A 1 107 ? -13.160 10.947  0.031   1.00 15.05 ? 108 ASP A N   1 
ATOM   827  C CA  . ASP A 1 107 ? -13.434 10.425  -1.293  1.00 14.15 ? 108 ASP A CA  1 
ATOM   828  C C   . ASP A 1 107 ? -12.746 11.126  -2.487  1.00 28.37 ? 108 ASP A C   1 
ATOM   829  O O   . ASP A 1 107 ? -13.411 11.567  -3.428  1.00 23.09 ? 108 ASP A O   1 
ATOM   830  C CB  . ASP A 1 107 ? -14.961 10.313  -1.519  1.00 28.22 ? 108 ASP A CB  1 
ATOM   831  C CG  . ASP A 1 107 ? -15.328 9.295   -2.618  1.00 34.23 ? 108 ASP A CG  1 
ATOM   832  O OD1 . ASP A 1 107 ? -14.960 8.094   -2.516  1.00 62.38 ? 108 ASP A OD1 1 
ATOM   833  O OD2 . ASP A 1 107 ? -15.996 9.701   -3.588  1.00 55.46 ? 108 ASP A OD2 1 
ATOM   834  N N   . PRO A 1 108 ? -11.405 11.177  -2.492  1.00 17.09 ? 109 PRO A N   1 
ATOM   835  C CA  . PRO A 1 108 ? -10.691 11.817  -3.598  1.00 12.08 ? 109 PRO A CA  1 
ATOM   836  C C   . PRO A 1 108 ? -10.727 10.940  -4.836  1.00 14.21 ? 109 PRO A C   1 
ATOM   837  O O   . PRO A 1 108 ? -11.123 9.804   -4.756  1.00 21.05 ? 109 PRO A O   1 
ATOM   838  C CB  . PRO A 1 108 ? -9.262  11.874  -3.062  1.00 20.10 ? 109 PRO A CB  1 
ATOM   839  C CG  . PRO A 1 108 ? -9.162  10.582  -2.271  1.00 12.86 ? 109 PRO A CG  1 
ATOM   840  C CD  . PRO A 1 108 ? -10.464 10.613  -1.506  1.00 15.02 ? 109 PRO A CD  1 
ATOM   841  N N   . SER A 1 109 ? -10.336 11.453  -5.990  1.00 9.89  ? 110 SER A N   1 
ATOM   842  C CA  . SER A 1 109 ? -10.274 10.612  -7.183  1.00 13.24 ? 110 SER A CA  1 
ATOM   843  C C   . SER A 1 109 ? -9.001  9.763   -7.057  1.00 16.34 ? 110 SER A C   1 
ATOM   844  O O   . SER A 1 109 ? -8.101  10.089  -6.260  1.00 15.60 ? 110 SER A O   1 
ATOM   845  C CB  . SER A 1 109 ? -10.143 11.436  -8.455  1.00 11.53 ? 110 SER A CB  1 
ATOM   846  O OG  . SER A 1 109 ? -8.842  11.963  -8.563  1.00 18.07 ? 110 SER A OG  1 
ATOM   847  N N   . PHE A 1 110 ? -8.924  8.691   -7.838  1.00 16.04 ? 111 PHE A N   1 
ATOM   848  C CA  . PHE A 1 110 ? -7.766  7.835   -7.809  1.00 15.28 ? 111 PHE A CA  1 
ATOM   849  C C   . PHE A 1 110 ? -6.461  8.603   -8.086  1.00 14.61 ? 111 PHE A C   1 
ATOM   850  O O   . PHE A 1 110 ? -5.533  8.507   -7.302  1.00 11.58 ? 111 PHE A O   1 
ATOM   851  C CB  . PHE A 1 110 ? -7.923  6.684   -8.776  1.00 12.55 ? 111 PHE A CB  1 
ATOM   852  C CG  . PHE A 1 110 ? -6.929  5.597   -8.544  1.00 20.39 ? 111 PHE A CG  1 
ATOM   853  C CD1 . PHE A 1 110 ? -7.051  4.778   -7.417  1.00 20.41 ? 111 PHE A CD1 1 
ATOM   854  C CD2 . PHE A 1 110 ? -5.837  5.441   -9.396  1.00 17.57 ? 111 PHE A CD2 1 
ATOM   855  C CE1 . PHE A 1 110 ? -6.099  3.813   -7.132  1.00 15.68 ? 111 PHE A CE1 1 
ATOM   856  C CE2 . PHE A 1 110 ? -4.867  4.482   -9.137  1.00 22.26 ? 111 PHE A CE2 1 
ATOM   857  C CZ  . PHE A 1 110 ? -4.993  3.662   -7.993  1.00 19.48 ? 111 PHE A CZ  1 
ATOM   858  N N   . ASP A 1 111 ? -6.394  9.376   -9.162  1.00 12.35 ? 112 ASP A N   1 
ATOM   859  C CA  . ASP A 1 111 ? -5.190  10.146  -9.492  1.00 10.31 ? 112 ASP A CA  1 
ATOM   860  C C   . ASP A 1 111 ? -4.791  11.110  -8.401  1.00 9.32  ? 112 ASP A C   1 
ATOM   861  O O   . ASP A 1 111 ? -3.612  11.366  -8.206  1.00 12.17 ? 112 ASP A O   1 
ATOM   862  C CB  . ASP A 1 111 ? -5.390  10.953  -10.755 1.00 25.47 ? 112 ASP A CB  1 
ATOM   863  C CG  . ASP A 1 111 ? -5.457  10.094  -11.988 1.00 45.59 ? 112 ASP A CG  1 
ATOM   864  O OD1 . ASP A 1 111 ? -4.952  8.944   -11.967 1.00 23.32 ? 112 ASP A OD1 1 
ATOM   865  O OD2 . ASP A 1 111 ? -6.012  10.581  -12.994 1.00 39.87 ? 112 ASP A OD2 1 
ATOM   866  N N   . GLU A 1 112 ? -5.776  11.718  -7.764  1.00 6.50  ? 113 GLU A N   1 
ATOM   867  C CA  . GLU A 1 112 ? -5.534  12.625  -6.680  1.00 8.58  ? 113 GLU A CA  1 
ATOM   868  C C   . GLU A 1 112 ? -4.865  11.895  -5.524  1.00 18.10 ? 113 GLU A C   1 
ATOM   869  O O   . GLU A 1 112 ? -3.911  12.413  -4.939  1.00 12.68 ? 113 GLU A O   1 
ATOM   870  C CB  . GLU A 1 112 ? -6.826  13.236  -6.183  1.00 12.71 ? 113 GLU A CB  1 
ATOM   871  C CG  . GLU A 1 112 ? -7.380  14.189  -7.182  1.00 11.32 ? 113 GLU A CG  1 
ATOM   872  C CD  . GLU A 1 112 ? -8.710  14.689  -6.809  1.00 17.31 ? 113 GLU A CD  1 
ATOM   873  O OE1 . GLU A 1 112 ? -9.126  14.478  -5.666  1.00 20.62 ? 113 GLU A OE1 1 
ATOM   874  O OE2 . GLU A 1 112 ? -9.334  15.325  -7.670  1.00 24.87 ? 113 GLU A OE2 1 
ATOM   875  N N   . LEU A 1 113 ? -5.391  10.722  -5.156  1.00 13.72 ? 114 LEU A N   1 
ATOM   876  C CA  . LEU A 1 113 ? -4.819  9.949   -4.046  1.00 11.00 ? 114 LEU A CA  1 
ATOM   877  C C   . LEU A 1 113 ? -3.378  9.480   -4.372  1.00 7.10  ? 114 LEU A C   1 
ATOM   878  O O   . LEU A 1 113 ? -2.478  9.606   -3.531  1.00 11.68 ? 114 LEU A O   1 
ATOM   879  C CB  . LEU A 1 113 ? -5.725  8.764   -3.625  1.00 12.07 ? 114 LEU A CB  1 
ATOM   880  C CG  . LEU A 1 113 ? -5.446  8.222   -2.208  1.00 11.14 ? 114 LEU A CG  1 
ATOM   881  C CD1 . LEU A 1 113 ? -5.681  9.246   -1.123  1.00 11.26 ? 114 LEU A CD1 1 
ATOM   882  C CD2 . LEU A 1 113 ? -6.285  6.982   -1.974  1.00 14.64 ? 114 LEU A CD2 1 
ATOM   883  N N   . VAL A 1 114 ? -3.153  8.951   -5.561  1.00 6.82  ? 115 VAL A N   1 
ATOM   884  C CA  . VAL A 1 114 ? -1.823  8.527   -5.939  1.00 8.50  ? 115 VAL A CA  1 
ATOM   885  C C   . VAL A 1 114 ? -0.831  9.697   -5.825  1.00 16.23 ? 115 VAL A C   1 
ATOM   886  O O   . VAL A 1 114 ? 0.240   9.545   -5.245  1.00 11.03 ? 115 VAL A O   1 
ATOM   887  C CB  . VAL A 1 114 ? -1.803  7.975   -7.371  1.00 10.65 ? 115 VAL A CB  1 
ATOM   888  C CG1 . VAL A 1 114 ? -0.354  7.734   -7.831  1.00 12.37 ? 115 VAL A CG1 1 
ATOM   889  C CG2 . VAL A 1 114 ? -2.606  6.664   -7.436  1.00 6.94  ? 115 VAL A CG2 1 
ATOM   890  N N   . ALA A 1 115 ? -1.185  10.858  -6.377  1.00 9.82  ? 116 ALA A N   1 
ATOM   891  C CA  . ALA A 1 115 ? -0.319  12.051  -6.316  1.00 11.67 ? 116 ALA A CA  1 
ATOM   892  C C   . ALA A 1 115 ? -0.027  12.490  -4.866  1.00 9.76  ? 116 ALA A C   1 
ATOM   893  O O   . ALA A 1 115 ? 1.105   12.847  -4.522  1.00 9.84  ? 116 ALA A O   1 
ATOM   894  C CB  . ALA A 1 115 ? -0.971  13.204  -7.090  1.00 11.08 ? 116 ALA A CB  1 
ATOM   895  N N   . LEU A 1 116 ? -1.061  12.503  -4.024  1.00 8.25  ? 117 LEU A N   1 
ATOM   896  C CA  . LEU A 1 116 ? -0.897  12.856  -2.620  1.00 7.36  ? 117 LEU A CA  1 
ATOM   897  C C   . LEU A 1 116 ? 0.025   11.869  -1.914  1.00 10.04 ? 117 LEU A C   1 
ATOM   898  O O   . LEU A 1 116 ? 0.854   12.280  -1.119  1.00 7.65  ? 117 LEU A O   1 
ATOM   899  C CB  . LEU A 1 116 ? -2.229  12.874  -1.888  1.00 11.22 ? 117 LEU A CB  1 
ATOM   900  C CG  . LEU A 1 116 ? -2.107  13.318  -0.429  1.00 8.99  ? 117 LEU A CG  1 
ATOM   901  C CD1 . LEU A 1 116 ? -1.792  14.795  -0.343  1.00 13.16 ? 117 LEU A CD1 1 
ATOM   902  C CD2 . LEU A 1 116 ? -3.381  13.054  0.298   1.00 20.53 ? 117 LEU A CD2 1 
ATOM   903  N N   . ALA A 1 117 ? -0.134  10.574  -2.170  1.00 10.40 ? 118 ALA A N   1 
ATOM   904  C CA  . ALA A 1 117 ? 0.723   9.580   -1.489  1.00 8.98  ? 118 ALA A CA  1 
ATOM   905  C C   . ALA A 1 117 ? 2.232   9.797   -1.800  1.00 11.46 ? 118 ALA A C   1 
ATOM   906  O O   . ALA A 1 117 ? 3.080   9.703   -0.906  1.00 9.69  ? 118 ALA A O   1 
ATOM   907  C CB  . ALA A 1 117 ? 0.290   8.161   -1.876  1.00 9.58  ? 118 ALA A CB  1 
ATOM   908  N N   . VAL A 1 118 ? 2.557   10.025  -3.075  1.00 7.53  ? 119 VAL A N   1 
ATOM   909  C CA  . VAL A 1 118 ? 3.949   10.254  -3.479  1.00 7.92  ? 119 VAL A CA  1 
ATOM   910  C C   . VAL A 1 118 ? 4.461   11.564  -2.863  1.00 11.84 ? 119 VAL A C   1 
ATOM   911  O O   . VAL A 1 118 ? 5.555   11.605  -2.298  1.00 8.37  ? 119 VAL A O   1 
ATOM   912  C CB  . VAL A 1 118 ? 4.074   10.327  -5.014  1.00 10.77 ? 119 VAL A CB  1 
ATOM   913  C CG1 . VAL A 1 118 ? 5.445   10.795  -5.396  1.00 14.36 ? 119 VAL A CG1 1 
ATOM   914  C CG2 . VAL A 1 118 ? 3.821   8.955   -5.664  1.00 9.65  ? 119 VAL A CG2 1 
ATOM   915  N N   . GLU A 1 119 ? 3.664   12.634  -2.950  1.00 8.26  ? 120 GLU A N   1 
ATOM   916  C CA  . GLU A 1 119 ? 4.094   13.903  -2.415  1.00 8.65  ? 120 GLU A CA  1 
ATOM   917  C C   . GLU A 1 119 ? 4.299   13.893  -0.894  1.00 10.47 ? 120 GLU A C   1 
ATOM   918  O O   . GLU A 1 119 ? 5.308   14.396  -0.413  1.00 10.74 ? 120 GLU A O   1 
ATOM   919  C CB  . GLU A 1 119 ? 3.100   15.007  -2.819  1.00 13.89 ? 120 GLU A CB  1 
ATOM   920  C CG  . GLU A 1 119 ? 3.374   16.359  -2.149  1.00 24.39 ? 120 GLU A CG  1 
ATOM   921  C CD  . GLU A 1 119 ? 2.429   17.484  -2.628  1.00 24.10 ? 120 GLU A CD  1 
ATOM   922  O OE1 . GLU A 1 119 ? 2.582   17.907  -3.796  1.00 22.06 ? 120 GLU A OE1 1 
ATOM   923  O OE2 . GLU A 1 119 ? 1.548   17.917  -1.837  1.00 43.42 ? 120 GLU A OE2 1 
ATOM   924  N N   . THR A 1 120 ? 3.365   13.315  -0.141  1.00 6.16  ? 121 THR A N   1 
ATOM   925  C CA  . THR A 1 120 ? 3.496   13.287  1.318   1.00 10.95 ? 121 THR A CA  1 
ATOM   926  C C   . THR A 1 120 ? 4.592   12.330  1.772   1.00 7.11  ? 121 THR A C   1 
ATOM   927  O O   . THR A 1 120 ? 5.229   12.561  2.783   1.00 11.49 ? 121 THR A O   1 
ATOM   928  C CB  . THR A 1 120 ? 2.172   12.943  2.032   1.00 9.68  ? 121 THR A CB  1 
ATOM   929  O OG1 . THR A 1 120 ? 1.688   11.667  1.575   1.00 11.98 ? 121 THR A OG1 1 
ATOM   930  C CG2 . THR A 1 120 ? 1.132   14.017  1.719   1.00 9.59  ? 121 THR A CG2 1 
ATOM   931  N N   . GLY A 1 121 ? 4.791   11.249  1.019   1.00 9.06  ? 122 GLY A N   1 
ATOM   932  C CA  . GLY A 1 121 ? 5.845   10.294  1.340   1.00 12.32 ? 122 GLY A CA  1 
ATOM   933  C C   . GLY A 1 121 ? 7.200   10.987  1.252   1.00 18.83 ? 122 GLY A C   1 
ATOM   934  O O   . GLY A 1 121 ? 8.032   10.858  2.141   1.00 11.36 ? 122 GLY A O   1 
ATOM   935  N N   . ARG A 1 122 ? 7.404   11.751  0.188   1.00 10.22 ? 123 ARG A N   1 
ATOM   936  C CA  . ARG A 1 122 ? 8.669   12.461  -0.026  1.00 9.04  ? 123 ARG A CA  1 
ATOM   937  C C   . ARG A 1 122 ? 8.844   13.632  0.914   1.00 10.38 ? 123 ARG A C   1 
ATOM   938  O O   . ARG A 1 122 ? 9.916   13.848  1.444   1.00 13.70 ? 123 ARG A O   1 
ATOM   939  C CB  A ARG A 1 122 ? 8.769   12.971  -1.471  0.60 10.03 ? 123 ARG A CB  1 
ATOM   940  C CB  B ARG A 1 122 ? 8.792   12.886  -1.487  0.36 12.18 ? 123 ARG A CB  1 
ATOM   941  C CG  A ARG A 1 122 ? 9.003   11.883  -2.493  0.60 16.17 ? 123 ARG A CG  1 
ATOM   942  C CG  B ARG A 1 122 ? 8.754   11.689  -2.415  0.36 19.22 ? 123 ARG A CG  1 
ATOM   943  C CD  A ARG A 1 122 ? 8.973   12.434  -3.919  0.60 35.45 ? 123 ARG A CD  1 
ATOM   944  C CD  B ARG A 1 122 ? 8.549   12.070  -3.869  0.36 40.54 ? 123 ARG A CD  1 
ATOM   945  N NE  A ARG A 1 122 ? 9.071   11.371  -4.923  0.60 41.78 ? 123 ARG A NE  1 
ATOM   946  N NE  B ARG A 1 122 ? 9.797   12.463  -4.510  0.36 46.34 ? 123 ARG A NE  1 
ATOM   947  C CZ  A ARG A 1 122 ? 8.767   11.522  -6.211  0.60 50.88 ? 123 ARG A CZ  1 
ATOM   948  C CZ  B ARG A 1 122 ? 10.320  13.684  -4.451  0.36 50.81 ? 123 ARG A CZ  1 
ATOM   949  N NH1 A ARG A 1 122 ? 8.346   12.699  -6.661  0.60 35.91 ? 123 ARG A NH1 1 
ATOM   950  N NH1 B ARG A 1 122 ? 9.699   14.650  -3.778  0.36 48.72 ? 123 ARG A NH1 1 
ATOM   951  N NH2 A ARG A 1 122 ? 8.836   10.482  -7.040  0.60 21.22 ? 123 ARG A NH2 1 
ATOM   952  N NH2 B ARG A 1 122 ? 11.479  13.932  -5.049  0.36 38.23 ? 123 ARG A NH2 1 
ATOM   953  N N   . GLU A 1 123 ? 7.794   14.394  1.132   1.00 8.78  ? 124 GLU A N   1 
ATOM   954  C CA  . GLU A 1 123 ? 7.913   15.537  2.001   1.00 10.17 ? 124 GLU A CA  1 
ATOM   955  C C   . GLU A 1 123 ? 8.080   15.130  3.450   1.00 10.06 ? 124 GLU A C   1 
ATOM   956  O O   . GLU A 1 123 ? 8.555   15.930  4.268   1.00 12.91 ? 124 GLU A O   1 
ATOM   957  C CB  . GLU A 1 123 ? 6.716   16.464  1.847   1.00 14.99 ? 124 GLU A CB  1 
ATOM   958  C CG  . GLU A 1 123 ? 6.627   17.108  0.452   1.00 44.96 ? 124 GLU A CG  1 
ATOM   959  C CD  . GLU A 1 123 ? 5.411   18.003  0.288   0.00 12.08 ? 124 GLU A CD  1 
ATOM   960  O OE1 . GLU A 1 123 ? 4.300   17.579  0.666   0.00 12.12 ? 124 GLU A OE1 1 
ATOM   961  O OE2 . GLU A 1 123 ? 5.563   19.129  -0.232  0.00 12.12 ? 124 GLU A OE2 1 
ATOM   962  N N   . GLY A 1 124 ? 7.679   13.893  3.755   1.00 8.53  ? 125 GLY A N   1 
ATOM   963  C CA  . GLY A 1 124 ? 7.809   13.377  5.112   1.00 13.98 ? 125 GLY A CA  1 
ATOM   964  C C   . GLY A 1 124 ? 9.255   13.079  5.518   1.00 11.99 ? 125 GLY A C   1 
ATOM   965  O O   . GLY A 1 124 ? 9.534   12.890  6.701   1.00 10.96 ? 125 GLY A O   1 
ATOM   966  N N   . VAL A 1 125 ? 10.156  12.984  4.541   1.00 8.12  ? 126 VAL A N   1 
ATOM   967  C CA  . VAL A 1 125 ? 11.573  12.706  4.825   1.00 9.87  ? 126 VAL A CA  1 
ATOM   968  C C   . VAL A 1 125 ? 12.240  14.067  5.034   1.00 13.42 ? 126 VAL A C   1 
ATOM   969  O O   . VAL A 1 125 ? 12.404  14.862  4.098   1.00 11.42 ? 126 VAL A O   1 
ATOM   970  C CB  . VAL A 1 125 ? 12.215  11.934  3.689   1.00 11.94 ? 126 VAL A CB  1 
ATOM   971  C CG1 . VAL A 1 125 ? 13.699  11.751  3.952   1.00 7.74  ? 126 VAL A CG1 1 
ATOM   972  C CG2 . VAL A 1 125 ? 11.503  10.590  3.511   1.00 11.27 ? 126 VAL A CG2 1 
ATOM   973  N N   . LYS A 1 126 ? 12.673  14.315  6.255   1.00 12.23 ? 127 LYS A N   1 
ATOM   974  C CA  . LYS A 1 126 ? 13.184  15.629  6.585   1.00 12.85 ? 127 LYS A CA  1 
ATOM   975  C C   . LYS A 1 126 ? 14.123  15.493  7.786   1.00 15.46 ? 127 LYS A C   1 
ATOM   976  O O   . LYS A 1 126 ? 13.789  14.785  8.736   1.00 11.94 ? 127 LYS A O   1 
ATOM   977  C CB  . LYS A 1 126 ? 11.944  16.393  7.034   1.00 11.78 ? 127 LYS A CB  1 
ATOM   978  C CG  . LYS A 1 126 ? 11.909  17.853  6.897   1.00 29.91 ? 127 LYS A CG  1 
ATOM   979  C CD  . LYS A 1 126 ? 10.585  18.339  7.506   1.00 46.57 ? 127 LYS A CD  1 
ATOM   980  C CE  . LYS A 1 126 ? 9.412   17.361  7.252   1.00 34.55 ? 127 LYS A CE  1 
ATOM   981  N NZ  . LYS A 1 126 ? 8.131   17.844  7.838   0.00 11.75 ? 127 LYS A NZ  1 
ATOM   982  N N   . ALA A 1 127 ? 15.268  16.172  7.752   1.00 12.12 ? 128 ALA A N   1 
ATOM   983  C CA  . ALA A 1 127 ? 16.223  16.178  8.867   1.00 11.71 ? 128 ALA A CA  1 
ATOM   984  C C   . ALA A 1 127 ? 15.975  17.386  9.759   1.00 14.13 ? 128 ALA A C   1 
ATOM   985  O O   . ALA A 1 127 ? 15.490  18.434  9.322   1.00 15.15 ? 128 ALA A O   1 
ATOM   986  C CB  . ALA A 1 127 ? 17.657  16.155  8.364   1.00 10.83 ? 128 ALA A CB  1 
ATOM   987  N N   . LEU A 1 128 ? 16.214  17.197  11.053  1.00 13.41 ? 129 LEU A N   1 
ATOM   988  C CA  . LEU A 1 128 ? 16.006  18.246  12.032  1.00 12.40 ? 129 LEU A CA  1 
ATOM   989  C C   . LEU A 1 128 ? 16.993  19.403  11.832  1.00 15.45 ? 129 LEU A C   1 
ATOM   990  O O   . LEU A 1 128 ? 16.602  20.546  11.572  1.00 19.58 ? 129 LEU A O   1 
ATOM   991  C CB  . LEU A 1 128 ? 16.159  17.664  13.450  1.00 14.05 ? 129 LEU A CB  1 
ATOM   992  C CG  . LEU A 1 128 ? 16.140  18.669  14.609  1.00 17.68 ? 129 LEU A CG  1 
ATOM   993  C CD1 . LEU A 1 128 ? 14.815  19.402  14.654  1.00 28.04 ? 129 LEU A CD1 1 
ATOM   994  C CD2 . LEU A 1 128 ? 16.374  17.942  15.911  1.00 18.49 ? 129 LEU A CD2 1 
ATOM   995  N N   . LYS A 1 129 ? 18.274  19.079  11.910  1.00 16.20 ? 130 LYS A N   1 
ATOM   996  C CA  . LYS A 1 129 ? 19.337  20.073  11.781  1.00 50.92 ? 130 LYS A CA  1 
ATOM   997  C C   . LYS A 1 129 ? 19.817  20.437  10.365  1.00 37.47 ? 130 LYS A C   1 
ATOM   998  O O   . LYS A 1 129 ? 19.798  19.606  9.410   1.00 47.40 ? 130 LYS A O   1 
ATOM   999  C CB  . LYS A 1 129 ? 20.545  19.645  12.621  1.00 34.53 ? 130 LYS A CB  1 
ATOM   1000 C CG  . LYS A 1 129 ? 20.272  19.311  14.093  1.00 18.97 ? 130 LYS A CG  1 
ATOM   1001 C CD  . LYS A 1 129 ? 21.520  18.630  14.659  1.00 29.33 ? 130 LYS A CD  1 
ATOM   1002 C CE  . LYS A 1 129 ? 21.451  18.435  16.138  1.00 47.05 ? 130 LYS A CE  1 
ATOM   1003 N NZ  . LYS A 1 129 ? 22.804  18.139  16.662  1.00 25.90 ? 130 LYS A NZ  1 
HETATM 1004 O O   . HOH B 2 .   ? 9.672   1.426   2.683   1.00 9.81  ? 137 HOH A O   1 
HETATM 1005 O O   . HOH B 2 .   ? -3.437  -13.089 1.855   1.00 14.82 ? 138 HOH A O   1 
HETATM 1006 O O   . HOH B 2 .   ? 9.405   -4.794  -2.861  1.00 14.76 ? 139 HOH A O   1 
HETATM 1007 O O   . HOH B 2 .   ? 12.110  2.391   -3.724  1.00 14.23 ? 140 HOH A O   1 
HETATM 1008 O O   . HOH B 2 .   ? 3.345   -1.363  15.329  1.00 14.78 ? 141 HOH A O   1 
HETATM 1009 O O   . HOH B 2 .   ? -12.481 7.723   -3.510  1.00 18.36 ? 142 HOH A O   1 
HETATM 1010 O O   . HOH B 2 .   ? -1.717  10.687  -10.036 1.00 21.32 ? 143 HOH A O   1 
HETATM 1011 O O   . HOH B 2 .   ? 4.094   14.553  4.700   1.00 18.89 ? 144 HOH A O   1 
HETATM 1012 O O   . HOH B 2 .   ? 3.895   16.871  -6.051  1.00 47.12 ? 145 HOH A O   1 
HETATM 1013 O O   . HOH B 2 .   ? 4.639   -8.261  12.157  1.00 19.32 ? 146 HOH A O   1 
HETATM 1014 O O   . HOH B 2 .   ? -10.930 7.695   -14.130 1.00 52.30 ? 147 HOH A O   1 
HETATM 1015 O O   . HOH B 2 .   ? -10.827 16.003  -4.090  1.00 19.62 ? 148 HOH A O   1 
HETATM 1016 O O   . HOH B 2 .   ? -10.896 3.362   7.783   1.00 29.22 ? 149 HOH A O   1 
HETATM 1017 O O   . HOH B 2 .   ? -12.308 0.664   -4.081  1.00 21.19 ? 150 HOH A O   1 
HETATM 1018 O O   . HOH B 2 .   ? -12.273 5.766   -8.484  1.00 37.37 ? 151 HOH A O   1 
HETATM 1019 O O   . HOH B 2 .   ? -2.262  -0.155  17.061  1.00 47.06 ? 152 HOH A O   1 
HETATM 1020 O O   . HOH B 2 .   ? 5.054   -7.651  5.485   1.00 16.12 ? 153 HOH A O   1 
HETATM 1021 O O   . HOH B 2 .   ? 0.909   -9.687  -15.541 1.00 42.40 ? 154 HOH A O   1 
HETATM 1022 O O   . HOH B 2 .   ? -11.382 6.641   -1.262  1.00 19.08 ? 155 HOH A O   1 
HETATM 1023 O O   . HOH B 2 .   ? -14.985 -5.079  -4.714  1.00 26.14 ? 156 HOH A O   1 
HETATM 1024 O O   . HOH B 2 .   ? 0.508   -16.820 -9.089  1.00 32.35 ? 157 HOH A O   1 
HETATM 1025 O O   . HOH B 2 .   ? 2.823   16.963  2.818   1.00 75.93 ? 158 HOH A O   1 
HETATM 1026 O O   . HOH B 2 .   ? -11.223 8.067   -9.887  1.00 26.06 ? 159 HOH A O   1 
HETATM 1027 O O   . HOH B 2 .   ? -2.180  -11.134 5.892   1.00 33.24 ? 160 HOH A O   1 
HETATM 1028 O O   . HOH B 2 .   ? 15.705  17.821  5.494   1.00 21.32 ? 161 HOH A O   1 
HETATM 1029 O O   . HOH B 2 .   ? -15.500 2.028   -2.000  1.00 34.48 ? 162 HOH A O   1 
HETATM 1030 O O   . HOH B 2 .   ? -4.228  -18.540 -1.937  1.00 26.60 ? 163 HOH A O   1 
HETATM 1031 O O   . HOH B 2 .   ? -9.311  5.905   5.202   1.00 28.56 ? 164 HOH A O   1 
HETATM 1032 O O   . HOH B 2 .   ? 3.434   -8.124  7.961   1.00 20.87 ? 165 HOH A O   1 
HETATM 1033 O O   . HOH B 2 .   ? 5.388   15.450  8.092   1.00 49.60 ? 166 HOH A O   1 
HETATM 1034 O O   . HOH B 2 .   ? -8.518  9.275   -11.125 1.00 22.44 ? 167 HOH A O   1 
HETATM 1035 O O   . HOH B 2 .   ? -12.375 14.270  -6.943  1.00 49.45 ? 168 HOH A O   1 
HETATM 1036 O O   . HOH B 2 .   ? 10.689  -11.020 -7.893  1.00 34.59 ? 169 HOH A O   1 
HETATM 1037 O O   . HOH B 2 .   ? -8.052  -8.082  3.042   1.00 28.41 ? 170 HOH A O   1 
HETATM 1038 O O   . HOH B 2 .   ? -4.050  13.840  4.227   1.00 21.29 ? 171 HOH A O   1 
HETATM 1039 O O   . HOH B 2 .   ? -3.310  -11.797 -11.440 1.00 67.71 ? 172 HOH A O   1 
HETATM 1040 O O   . HOH B 2 .   ? -2.653  -21.817 -5.120  1.00 41.14 ? 173 HOH A O   1 
HETATM 1041 O O   . HOH B 2 .   ? -9.631  16.253  -9.906  1.00 33.32 ? 174 HOH A O   1 
HETATM 1042 O O   . HOH B 2 .   ? -2.521  7.891   -11.233 1.00 39.72 ? 175 HOH A O   1 
HETATM 1043 O O   . HOH B 2 .   ? -12.932 1.895   4.327   1.00 47.54 ? 176 HOH A O   1 
HETATM 1044 O O   . HOH B 2 .   ? -7.906  15.439  -11.844 1.00 37.81 ? 177 HOH A O   1 
HETATM 1045 O O   . HOH B 2 .   ? 16.822  22.656  14.863  1.00 54.41 ? 178 HOH A O   1 
HETATM 1046 O O   . HOH B 2 .   ? 9.377   -20.264 2.278   1.00 24.27 ? 179 HOH A O   1 
HETATM 1047 O O   . HOH B 2 .   ? -4.250  -19.449 -4.835  1.00 43.07 ? 180 HOH A O   1 
HETATM 1048 O O   . HOH B 2 .   ? 8.458   2.250   6.954   0.50 14.66 ? 181 HOH A O   1 
HETATM 1049 O O   . HOH B 2 .   ? -8.239  15.337  2.594   1.00 38.46 ? 182 HOH A O   1 
HETATM 1050 O O   . HOH B 2 .   ? -10.481 14.420  -1.135  1.00 48.93 ? 183 HOH A O   1 
HETATM 1051 O O   . HOH B 2 .   ? 0.406   -18.176 -1.081  1.00 62.69 ? 184 HOH A O   1 
HETATM 1052 O O   . HOH B 2 .   ? 9.803   18.195  3.550   1.00 28.91 ? 185 HOH A O   1 
HETATM 1053 O O   . HOH B 2 .   ? 2.950   -11.494 9.742   1.00 54.89 ? 186 HOH A O   1 
HETATM 1054 O O   . HOH B 2 .   ? -3.449  -15.258 -8.526  1.00 41.23 ? 187 HOH A O   1 
HETATM 1055 O O   . HOH B 2 .   ? 0.440   -13.013 4.125   1.00 48.50 ? 188 HOH A O   1 
HETATM 1056 O O   . HOH B 2 .   ? -5.020  -8.511  6.616   1.00 53.68 ? 189 HOH A O   1 
HETATM 1057 O O   . HOH B 2 .   ? 10.087  -15.174 -8.065  1.00 49.10 ? 190 HOH A O   1 
HETATM 1058 O O   . HOH B 2 .   ? -6.073  5.522   -12.757 1.00 57.04 ? 191 HOH A O   1 
HETATM 1059 O O   . HOH B 2 .   ? -10.253 2.329   16.920  1.00 46.72 ? 192 HOH A O   1 
HETATM 1060 O O   . HOH B 2 .   ? -13.432 5.096   6.274   1.00 53.67 ? 193 HOH A O   1 
HETATM 1061 O O   . HOH B 2 .   ? -12.116 1.829   -10.993 1.00 51.71 ? 194 HOH A O   1 
HETATM 1062 O O   . HOH B 2 .   ? 9.086   -23.868 2.402   1.00 55.97 ? 195 HOH A O   1 
HETATM 1063 O O   . HOH B 2 .   ? -11.631 -3.563  -9.452  1.00 60.20 ? 196 HOH A O   1 
HETATM 1064 O O   . HOH B 2 .   ? -8.444  12.315  -11.580 1.00 43.43 ? 197 HOH A O   1 
HETATM 1065 O O   . HOH B 2 .   ? 15.082  -4.469  -3.310  1.00 49.85 ? 198 HOH A O   1 
HETATM 1066 O O   . HOH B 2 .   ? -5.047  -1.937  15.555  1.00 50.32 ? 199 HOH A O   1 
HETATM 1067 O O   . HOH B 2 .   ? -10.129 -1.589  -12.032 1.00 39.18 ? 200 HOH A O   1 
HETATM 1068 O O   . HOH B 2 .   ? -14.259 -3.065  3.039   1.00 63.10 ? 201 HOH A O   1 
HETATM 1069 O O   . HOH B 2 .   ? -9.807  -2.578  -16.304 1.00 58.74 ? 202 HOH A O   1 
HETATM 1070 O O   . HOH B 2 .   ? -12.609 -3.935  6.653   1.00 54.86 ? 203 HOH A O   1 
HETATM 1071 O O   . HOH B 2 .   ? 3.189   -19.318 1.310   1.00 71.74 ? 204 HOH A O   1 
HETATM 1072 O O   . HOH B 2 .   ? -7.466  -11.809 6.399   1.00 70.58 ? 205 HOH A O   1 
HETATM 1073 O O   . HOH B 2 .   ? 13.410  -9.142  -3.319  1.00 48.26 ? 206 HOH A O   1 
# 
